data_1BU2
# 
_entry.id   1BU2 
# 
_audit_conform.dict_name       mmcif_pdbx.dic 
_audit_conform.dict_version    5.385 
_audit_conform.dict_location   http://mmcif.pdb.org/dictionaries/ascii/mmcif_pdbx.dic 
# 
loop_
_database_2.database_id 
_database_2.database_code 
_database_2.pdbx_database_accession 
_database_2.pdbx_DOI 
PDB   1BU2         pdb_00001bu2 10.2210/pdb1bu2/pdb 
WWPDB D_1000172089 ?            ?                   
# 
loop_
_pdbx_audit_revision_history.ordinal 
_pdbx_audit_revision_history.data_content_type 
_pdbx_audit_revision_history.major_revision 
_pdbx_audit_revision_history.minor_revision 
_pdbx_audit_revision_history.revision_date 
1 'Structure model' 1 0 1999-06-15 
2 'Structure model' 1 1 2008-03-24 
3 'Structure model' 1 2 2011-07-13 
4 'Structure model' 1 3 2024-02-07 
# 
_pdbx_audit_revision_details.ordinal             1 
_pdbx_audit_revision_details.revision_ordinal    1 
_pdbx_audit_revision_details.data_content_type   'Structure model' 
_pdbx_audit_revision_details.provider            repository 
_pdbx_audit_revision_details.type                'Initial release' 
_pdbx_audit_revision_details.description         ? 
_pdbx_audit_revision_details.details             ? 
# 
loop_
_pdbx_audit_revision_group.ordinal 
_pdbx_audit_revision_group.revision_ordinal 
_pdbx_audit_revision_group.data_content_type 
_pdbx_audit_revision_group.group 
1 2 'Structure model' 'Version format compliance' 
2 3 'Structure model' 'Version format compliance' 
3 4 'Structure model' 'Data collection'           
4 4 'Structure model' 'Database references'       
# 
loop_
_pdbx_audit_revision_category.ordinal 
_pdbx_audit_revision_category.revision_ordinal 
_pdbx_audit_revision_category.data_content_type 
_pdbx_audit_revision_category.category 
1 4 'Structure model' chem_comp_atom 
2 4 'Structure model' chem_comp_bond 
3 4 'Structure model' database_2     
# 
loop_
_pdbx_audit_revision_item.ordinal 
_pdbx_audit_revision_item.revision_ordinal 
_pdbx_audit_revision_item.data_content_type 
_pdbx_audit_revision_item.item 
1 4 'Structure model' '_database_2.pdbx_DOI'                
2 4 'Structure model' '_database_2.pdbx_database_accession' 
# 
_pdbx_database_status.status_code                     REL 
_pdbx_database_status.entry_id                        1BU2 
_pdbx_database_status.recvd_initial_deposition_date   1998-09-10 
_pdbx_database_status.deposit_site                    ? 
_pdbx_database_status.process_site                    BNL 
_pdbx_database_status.status_code_sf                  REL 
_pdbx_database_status.status_code_mr                  ? 
_pdbx_database_status.SG_entry                        ? 
_pdbx_database_status.pdb_format_compatible           Y 
_pdbx_database_status.status_code_cs                  ? 
_pdbx_database_status.status_code_nmr_data            ? 
_pdbx_database_status.methods_development_category    ? 
# 
loop_
_audit_author.name 
_audit_author.pdbx_ordinal 
'Schulze-Gahmen, U.' 1 
'Jung, J.U.'         2 
'Kim, S.-H.'         3 
# 
loop_
_citation.id 
_citation.title 
_citation.journal_abbrev 
_citation.journal_volume 
_citation.page_first 
_citation.page_last 
_citation.year 
_citation.journal_id_ASTM 
_citation.country 
_citation.journal_id_ISSN 
_citation.journal_id_CSD 
_citation.book_publisher 
_citation.pdbx_database_id_PubMed 
_citation.pdbx_database_id_DOI 
primary 'Crystal structure of a viral cyclin, a positive regulator of cyclin-dependent kinase 6.' 'Structure Fold.Des.' 7  245  
254 1999 FODEFH UK 0969-2126 1263 ? 10368294 '10.1016/S0969-2126(99)80035-5' 
1       'Virus-Encoded Cyclin'                                                                    Mol.Cell.Biol.        14 7235 ? 
1994 MCEBD4 US 0270-7306 2044 ? ?        ?                               
# 
loop_
_citation_author.citation_id 
_citation_author.name 
_citation_author.ordinal 
_citation_author.identifier_ORCID 
primary 'Schulze-Gahmen, U.' 1 ? 
primary 'Jung, J.U.'         2 ? 
primary 'Kim, S.H.'          3 ? 
1       'Jung, J.U.'         4 ? 
1       'Staeger, M.'        5 ? 
1       'Desrosier, R.C.'    6 ? 
# 
_entity.id                         1 
_entity.type                       polymer 
_entity.src_method                 man 
_entity.pdbx_description           'CYCLIN HOMOLOG' 
_entity.formula_weight             25849.154 
_entity.pdbx_number_of_molecules   1 
_entity.pdbx_ec                    ? 
_entity.pdbx_mutation              ? 
_entity.pdbx_fragment              ? 
_entity.details                    ? 
# 
_entity_poly.entity_id                      1 
_entity_poly.type                           'polypeptide(L)' 
_entity_poly.nstd_linkage                   no 
_entity_poly.nstd_monomer                   no 
_entity_poly.pdbx_seq_one_letter_code       
;RVLNNLKLRELLLPKFTSLWEIQTEVTVDNRTILLTWMHLLCESFELDKSVFPLSVSILDRYLCKKQGTKKTLQKIGAAC
VLIGSKIRTVKPMTVSKLTYLSCDCFTNLELINQEKDILEALKWDTEAVLATDFLIPLCNALKIPEDLWPQLYEAASTTI
CKALIQPNIALLSPGLICAGGLLTTIETDNTNCRPWTCYLEDLSSILNFSTNTVRTVKDQVSEAFSLYD
;
_entity_poly.pdbx_seq_one_letter_code_can   
;RVLNNLKLRELLLPKFTSLWEIQTEVTVDNRTILLTWMHLLCESFELDKSVFPLSVSILDRYLCKKQGTKKTLQKIGAAC
VLIGSKIRTVKPMTVSKLTYLSCDCFTNLELINQEKDILEALKWDTEAVLATDFLIPLCNALKIPEDLWPQLYEAASTTI
CKALIQPNIALLSPGLICAGGLLTTIETDNTNCRPWTCYLEDLSSILNFSTNTVRTVKDQVSEAFSLYD
;
_entity_poly.pdbx_strand_id                 A 
_entity_poly.pdbx_target_identifier         ? 
# 
loop_
_entity_poly_seq.entity_id 
_entity_poly_seq.num 
_entity_poly_seq.mon_id 
_entity_poly_seq.hetero 
1 1   ARG n 
1 2   VAL n 
1 3   LEU n 
1 4   ASN n 
1 5   ASN n 
1 6   LEU n 
1 7   LYS n 
1 8   LEU n 
1 9   ARG n 
1 10  GLU n 
1 11  LEU n 
1 12  LEU n 
1 13  LEU n 
1 14  PRO n 
1 15  LYS n 
1 16  PHE n 
1 17  THR n 
1 18  SER n 
1 19  LEU n 
1 20  TRP n 
1 21  GLU n 
1 22  ILE n 
1 23  GLN n 
1 24  THR n 
1 25  GLU n 
1 26  VAL n 
1 27  THR n 
1 28  VAL n 
1 29  ASP n 
1 30  ASN n 
1 31  ARG n 
1 32  THR n 
1 33  ILE n 
1 34  LEU n 
1 35  LEU n 
1 36  THR n 
1 37  TRP n 
1 38  MET n 
1 39  HIS n 
1 40  LEU n 
1 41  LEU n 
1 42  CYS n 
1 43  GLU n 
1 44  SER n 
1 45  PHE n 
1 46  GLU n 
1 47  LEU n 
1 48  ASP n 
1 49  LYS n 
1 50  SER n 
1 51  VAL n 
1 52  PHE n 
1 53  PRO n 
1 54  LEU n 
1 55  SER n 
1 56  VAL n 
1 57  SER n 
1 58  ILE n 
1 59  LEU n 
1 60  ASP n 
1 61  ARG n 
1 62  TYR n 
1 63  LEU n 
1 64  CYS n 
1 65  LYS n 
1 66  LYS n 
1 67  GLN n 
1 68  GLY n 
1 69  THR n 
1 70  LYS n 
1 71  LYS n 
1 72  THR n 
1 73  LEU n 
1 74  GLN n 
1 75  LYS n 
1 76  ILE n 
1 77  GLY n 
1 78  ALA n 
1 79  ALA n 
1 80  CYS n 
1 81  VAL n 
1 82  LEU n 
1 83  ILE n 
1 84  GLY n 
1 85  SER n 
1 86  LYS n 
1 87  ILE n 
1 88  ARG n 
1 89  THR n 
1 90  VAL n 
1 91  LYS n 
1 92  PRO n 
1 93  MET n 
1 94  THR n 
1 95  VAL n 
1 96  SER n 
1 97  LYS n 
1 98  LEU n 
1 99  THR n 
1 100 TYR n 
1 101 LEU n 
1 102 SER n 
1 103 CYS n 
1 104 ASP n 
1 105 CYS n 
1 106 PHE n 
1 107 THR n 
1 108 ASN n 
1 109 LEU n 
1 110 GLU n 
1 111 LEU n 
1 112 ILE n 
1 113 ASN n 
1 114 GLN n 
1 115 GLU n 
1 116 LYS n 
1 117 ASP n 
1 118 ILE n 
1 119 LEU n 
1 120 GLU n 
1 121 ALA n 
1 122 LEU n 
1 123 LYS n 
1 124 TRP n 
1 125 ASP n 
1 126 THR n 
1 127 GLU n 
1 128 ALA n 
1 129 VAL n 
1 130 LEU n 
1 131 ALA n 
1 132 THR n 
1 133 ASP n 
1 134 PHE n 
1 135 LEU n 
1 136 ILE n 
1 137 PRO n 
1 138 LEU n 
1 139 CYS n 
1 140 ASN n 
1 141 ALA n 
1 142 LEU n 
1 143 LYS n 
1 144 ILE n 
1 145 PRO n 
1 146 GLU n 
1 147 ASP n 
1 148 LEU n 
1 149 TRP n 
1 150 PRO n 
1 151 GLN n 
1 152 LEU n 
1 153 TYR n 
1 154 GLU n 
1 155 ALA n 
1 156 ALA n 
1 157 SER n 
1 158 THR n 
1 159 THR n 
1 160 ILE n 
1 161 CYS n 
1 162 LYS n 
1 163 ALA n 
1 164 LEU n 
1 165 ILE n 
1 166 GLN n 
1 167 PRO n 
1 168 ASN n 
1 169 ILE n 
1 170 ALA n 
1 171 LEU n 
1 172 LEU n 
1 173 SER n 
1 174 PRO n 
1 175 GLY n 
1 176 LEU n 
1 177 ILE n 
1 178 CYS n 
1 179 ALA n 
1 180 GLY n 
1 181 GLY n 
1 182 LEU n 
1 183 LEU n 
1 184 THR n 
1 185 THR n 
1 186 ILE n 
1 187 GLU n 
1 188 THR n 
1 189 ASP n 
1 190 ASN n 
1 191 THR n 
1 192 ASN n 
1 193 CYS n 
1 194 ARG n 
1 195 PRO n 
1 196 TRP n 
1 197 THR n 
1 198 CYS n 
1 199 TYR n 
1 200 LEU n 
1 201 GLU n 
1 202 ASP n 
1 203 LEU n 
1 204 SER n 
1 205 SER n 
1 206 ILE n 
1 207 LEU n 
1 208 ASN n 
1 209 PHE n 
1 210 SER n 
1 211 THR n 
1 212 ASN n 
1 213 THR n 
1 214 VAL n 
1 215 ARG n 
1 216 THR n 
1 217 VAL n 
1 218 LYS n 
1 219 ASP n 
1 220 GLN n 
1 221 VAL n 
1 222 SER n 
1 223 GLU n 
1 224 ALA n 
1 225 PHE n 
1 226 SER n 
1 227 LEU n 
1 228 TYR n 
1 229 ASP n 
# 
_entity_src_gen.entity_id                          1 
_entity_src_gen.pdbx_src_id                        1 
_entity_src_gen.pdbx_alt_source_flag               sample 
_entity_src_gen.pdbx_seq_type                      ? 
_entity_src_gen.pdbx_beg_seq_num                   ? 
_entity_src_gen.pdbx_end_seq_num                   ? 
_entity_src_gen.gene_src_common_name               ? 
_entity_src_gen.gene_src_genus                     Rhadinovirus 
_entity_src_gen.pdbx_gene_src_gene                 ECLF2 
_entity_src_gen.gene_src_species                   'Saimiriine herpesvirus 2' 
_entity_src_gen.gene_src_strain                    11 
_entity_src_gen.gene_src_tissue                    ? 
_entity_src_gen.gene_src_tissue_fraction           ? 
_entity_src_gen.gene_src_details                   ? 
_entity_src_gen.pdbx_gene_src_fragment             ? 
_entity_src_gen.pdbx_gene_src_scientific_name      'Herpesvirus saimiri (strain 11)' 
_entity_src_gen.pdbx_gene_src_ncbi_taxonomy_id     10383 
_entity_src_gen.pdbx_gene_src_variant              ? 
_entity_src_gen.pdbx_gene_src_cell_line            ? 
_entity_src_gen.pdbx_gene_src_atcc                 ? 
_entity_src_gen.pdbx_gene_src_organ                ? 
_entity_src_gen.pdbx_gene_src_organelle            ? 
_entity_src_gen.pdbx_gene_src_cell                 ? 
_entity_src_gen.pdbx_gene_src_cellular_location    ? 
_entity_src_gen.host_org_common_name               ? 
_entity_src_gen.pdbx_host_org_scientific_name      'Escherichia coli' 
_entity_src_gen.pdbx_host_org_ncbi_taxonomy_id     562 
_entity_src_gen.host_org_genus                     Escherichia 
_entity_src_gen.pdbx_host_org_gene                 ? 
_entity_src_gen.pdbx_host_org_organ                ? 
_entity_src_gen.host_org_species                   ? 
_entity_src_gen.pdbx_host_org_tissue               ? 
_entity_src_gen.pdbx_host_org_tissue_fraction      ? 
_entity_src_gen.pdbx_host_org_strain               'DH5ALPHADE3 PACYC' 
_entity_src_gen.pdbx_host_org_variant              ? 
_entity_src_gen.pdbx_host_org_cell_line            ? 
_entity_src_gen.pdbx_host_org_atcc                 ? 
_entity_src_gen.pdbx_host_org_culture_collection   ? 
_entity_src_gen.pdbx_host_org_cell                 ? 
_entity_src_gen.pdbx_host_org_organelle            ? 
_entity_src_gen.pdbx_host_org_cellular_location    ? 
_entity_src_gen.pdbx_host_org_vector_type          ? 
_entity_src_gen.pdbx_host_org_vector               ? 
_entity_src_gen.host_org_details                   ? 
_entity_src_gen.expression_system_id               ? 
_entity_src_gen.plasmid_name                       PQE9 
_entity_src_gen.plasmid_details                    ? 
_entity_src_gen.pdbx_description                   ? 
# 
loop_
_chem_comp.id 
_chem_comp.type 
_chem_comp.mon_nstd_flag 
_chem_comp.name 
_chem_comp.pdbx_synonyms 
_chem_comp.formula 
_chem_comp.formula_weight 
ALA 'L-peptide linking' y ALANINE         ? 'C3 H7 N O2'     89.093  
ARG 'L-peptide linking' y ARGININE        ? 'C6 H15 N4 O2 1' 175.209 
ASN 'L-peptide linking' y ASPARAGINE      ? 'C4 H8 N2 O3'    132.118 
ASP 'L-peptide linking' y 'ASPARTIC ACID' ? 'C4 H7 N O4'     133.103 
CYS 'L-peptide linking' y CYSTEINE        ? 'C3 H7 N O2 S'   121.158 
GLN 'L-peptide linking' y GLUTAMINE       ? 'C5 H10 N2 O3'   146.144 
GLU 'L-peptide linking' y 'GLUTAMIC ACID' ? 'C5 H9 N O4'     147.129 
GLY 'peptide linking'   y GLYCINE         ? 'C2 H5 N O2'     75.067  
HIS 'L-peptide linking' y HISTIDINE       ? 'C6 H10 N3 O2 1' 156.162 
ILE 'L-peptide linking' y ISOLEUCINE      ? 'C6 H13 N O2'    131.173 
LEU 'L-peptide linking' y LEUCINE         ? 'C6 H13 N O2'    131.173 
LYS 'L-peptide linking' y LYSINE          ? 'C6 H15 N2 O2 1' 147.195 
MET 'L-peptide linking' y METHIONINE      ? 'C5 H11 N O2 S'  149.211 
PHE 'L-peptide linking' y PHENYLALANINE   ? 'C9 H11 N O2'    165.189 
PRO 'L-peptide linking' y PROLINE         ? 'C5 H9 N O2'     115.130 
SER 'L-peptide linking' y SERINE          ? 'C3 H7 N O3'     105.093 
THR 'L-peptide linking' y THREONINE       ? 'C4 H9 N O3'     119.119 
TRP 'L-peptide linking' y TRYPTOPHAN      ? 'C11 H12 N2 O2'  204.225 
TYR 'L-peptide linking' y TYROSINE        ? 'C9 H11 N O3'    181.189 
VAL 'L-peptide linking' y VALINE          ? 'C5 H11 N O2'    117.146 
# 
loop_
_pdbx_poly_seq_scheme.asym_id 
_pdbx_poly_seq_scheme.entity_id 
_pdbx_poly_seq_scheme.seq_id 
_pdbx_poly_seq_scheme.mon_id 
_pdbx_poly_seq_scheme.ndb_seq_num 
_pdbx_poly_seq_scheme.pdb_seq_num 
_pdbx_poly_seq_scheme.auth_seq_num 
_pdbx_poly_seq_scheme.pdb_mon_id 
_pdbx_poly_seq_scheme.auth_mon_id 
_pdbx_poly_seq_scheme.pdb_strand_id 
_pdbx_poly_seq_scheme.pdb_ins_code 
_pdbx_poly_seq_scheme.hetero 
A 1 1   ARG 1   22  22  ARG ARG A . n 
A 1 2   VAL 2   23  23  VAL VAL A . n 
A 1 3   LEU 3   24  24  LEU LEU A . n 
A 1 4   ASN 4   25  25  ASN ASN A . n 
A 1 5   ASN 5   26  26  ASN ASN A . n 
A 1 6   LEU 6   27  27  LEU LEU A . n 
A 1 7   LYS 7   28  28  LYS LYS A . n 
A 1 8   LEU 8   29  29  LEU LEU A . n 
A 1 9   ARG 9   30  30  ARG ARG A . n 
A 1 10  GLU 10  31  31  GLU GLU A . n 
A 1 11  LEU 11  32  32  LEU LEU A . n 
A 1 12  LEU 12  33  33  LEU LEU A . n 
A 1 13  LEU 13  34  34  LEU LEU A . n 
A 1 14  PRO 14  35  35  PRO PRO A . n 
A 1 15  LYS 15  36  36  LYS LYS A . n 
A 1 16  PHE 16  37  37  PHE PHE A . n 
A 1 17  THR 17  38  38  THR THR A . n 
A 1 18  SER 18  39  39  SER SER A . n 
A 1 19  LEU 19  40  40  LEU LEU A . n 
A 1 20  TRP 20  41  41  TRP TRP A . n 
A 1 21  GLU 21  42  42  GLU GLU A . n 
A 1 22  ILE 22  43  43  ILE ILE A . n 
A 1 23  GLN 23  44  44  GLN GLN A . n 
A 1 24  THR 24  45  45  THR THR A . n 
A 1 25  GLU 25  46  46  GLU GLU A . n 
A 1 26  VAL 26  47  47  VAL VAL A . n 
A 1 27  THR 27  48  48  THR THR A . n 
A 1 28  VAL 28  49  49  VAL VAL A . n 
A 1 29  ASP 29  50  50  ASP ASP A . n 
A 1 30  ASN 30  51  51  ASN ASN A . n 
A 1 31  ARG 31  52  52  ARG ARG A . n 
A 1 32  THR 32  53  53  THR THR A . n 
A 1 33  ILE 33  54  54  ILE ILE A . n 
A 1 34  LEU 34  55  55  LEU LEU A . n 
A 1 35  LEU 35  56  56  LEU LEU A . n 
A 1 36  THR 36  57  57  THR THR A . n 
A 1 37  TRP 37  58  58  TRP TRP A . n 
A 1 38  MET 38  59  59  MET MET A . n 
A 1 39  HIS 39  60  60  HIS HIS A . n 
A 1 40  LEU 40  61  61  LEU LEU A . n 
A 1 41  LEU 41  62  62  LEU LEU A . n 
A 1 42  CYS 42  63  63  CYS CYS A . n 
A 1 43  GLU 43  64  64  GLU GLU A . n 
A 1 44  SER 44  65  65  SER SER A . n 
A 1 45  PHE 45  66  66  PHE PHE A . n 
A 1 46  GLU 46  67  67  GLU GLU A . n 
A 1 47  LEU 47  68  68  LEU LEU A . n 
A 1 48  ASP 48  69  69  ASP ASP A . n 
A 1 49  LYS 49  70  70  LYS LYS A . n 
A 1 50  SER 50  71  71  SER SER A . n 
A 1 51  VAL 51  72  72  VAL VAL A . n 
A 1 52  PHE 52  73  73  PHE PHE A . n 
A 1 53  PRO 53  74  74  PRO PRO A . n 
A 1 54  LEU 54  75  75  LEU LEU A . n 
A 1 55  SER 55  76  76  SER SER A . n 
A 1 56  VAL 56  77  77  VAL VAL A . n 
A 1 57  SER 57  78  78  SER SER A . n 
A 1 58  ILE 58  79  79  ILE ILE A . n 
A 1 59  LEU 59  80  80  LEU LEU A . n 
A 1 60  ASP 60  81  81  ASP ASP A . n 
A 1 61  ARG 61  82  82  ARG ARG A . n 
A 1 62  TYR 62  83  83  TYR TYR A . n 
A 1 63  LEU 63  84  84  LEU LEU A . n 
A 1 64  CYS 64  85  85  CYS CYS A . n 
A 1 65  LYS 65  86  86  LYS LYS A . n 
A 1 66  LYS 66  87  87  LYS LYS A . n 
A 1 67  GLN 67  88  88  GLN GLN A . n 
A 1 68  GLY 68  89  89  GLY GLY A . n 
A 1 69  THR 69  90  90  THR THR A . n 
A 1 70  LYS 70  91  91  LYS LYS A . n 
A 1 71  LYS 71  92  92  LYS LYS A . n 
A 1 72  THR 72  93  93  THR THR A . n 
A 1 73  LEU 73  94  94  LEU LEU A . n 
A 1 74  GLN 74  95  95  GLN GLN A . n 
A 1 75  LYS 75  96  96  LYS LYS A . n 
A 1 76  ILE 76  97  97  ILE ILE A . n 
A 1 77  GLY 77  98  98  GLY GLY A . n 
A 1 78  ALA 78  99  99  ALA ALA A . n 
A 1 79  ALA 79  100 100 ALA ALA A . n 
A 1 80  CYS 80  101 101 CYS CYS A . n 
A 1 81  VAL 81  102 102 VAL VAL A . n 
A 1 82  LEU 82  103 103 LEU LEU A . n 
A 1 83  ILE 83  104 104 ILE ILE A . n 
A 1 84  GLY 84  105 105 GLY GLY A . n 
A 1 85  SER 85  106 106 SER SER A . n 
A 1 86  LYS 86  107 107 LYS LYS A . n 
A 1 87  ILE 87  108 108 ILE ILE A . n 
A 1 88  ARG 88  109 109 ARG ARG A . n 
A 1 89  THR 89  110 110 THR THR A . n 
A 1 90  VAL 90  111 111 VAL VAL A . n 
A 1 91  LYS 91  112 112 LYS LYS A . n 
A 1 92  PRO 92  113 113 PRO PRO A . n 
A 1 93  MET 93  114 114 MET MET A . n 
A 1 94  THR 94  115 115 THR THR A . n 
A 1 95  VAL 95  116 116 VAL VAL A . n 
A 1 96  SER 96  117 117 SER SER A . n 
A 1 97  LYS 97  118 118 LYS LYS A . n 
A 1 98  LEU 98  119 119 LEU LEU A . n 
A 1 99  THR 99  120 120 THR THR A . n 
A 1 100 TYR 100 121 121 TYR TYR A . n 
A 1 101 LEU 101 122 122 LEU LEU A . n 
A 1 102 SER 102 123 123 SER SER A . n 
A 1 103 CYS 103 124 124 CYS CYS A . n 
A 1 104 ASP 104 125 125 ASP ASP A . n 
A 1 105 CYS 105 126 126 CYS CYS A . n 
A 1 106 PHE 106 127 127 PHE PHE A . n 
A 1 107 THR 107 128 128 THR THR A . n 
A 1 108 ASN 108 129 129 ASN ASN A . n 
A 1 109 LEU 109 130 130 LEU LEU A . n 
A 1 110 GLU 110 131 131 GLU GLU A . n 
A 1 111 LEU 111 132 132 LEU LEU A . n 
A 1 112 ILE 112 133 133 ILE ILE A . n 
A 1 113 ASN 113 134 134 ASN ASN A . n 
A 1 114 GLN 114 135 135 GLN GLN A . n 
A 1 115 GLU 115 136 136 GLU GLU A . n 
A 1 116 LYS 116 137 137 LYS LYS A . n 
A 1 117 ASP 117 138 138 ASP ASP A . n 
A 1 118 ILE 118 139 139 ILE ILE A . n 
A 1 119 LEU 119 140 140 LEU LEU A . n 
A 1 120 GLU 120 141 141 GLU GLU A . n 
A 1 121 ALA 121 142 142 ALA ALA A . n 
A 1 122 LEU 122 143 143 LEU LEU A . n 
A 1 123 LYS 123 144 144 LYS LYS A . n 
A 1 124 TRP 124 145 145 TRP TRP A . n 
A 1 125 ASP 125 146 146 ASP ASP A . n 
A 1 126 THR 126 147 147 THR THR A . n 
A 1 127 GLU 127 148 148 GLU GLU A . n 
A 1 128 ALA 128 149 149 ALA ALA A . n 
A 1 129 VAL 129 150 150 VAL VAL A . n 
A 1 130 LEU 130 151 151 LEU LEU A . n 
A 1 131 ALA 131 152 152 ALA ALA A . n 
A 1 132 THR 132 153 153 THR THR A . n 
A 1 133 ASP 133 154 154 ASP ASP A . n 
A 1 134 PHE 134 155 155 PHE PHE A . n 
A 1 135 LEU 135 156 156 LEU LEU A . n 
A 1 136 ILE 136 157 157 ILE ILE A . n 
A 1 137 PRO 137 158 158 PRO PRO A . n 
A 1 138 LEU 138 159 159 LEU LEU A . n 
A 1 139 CYS 139 160 160 CYS CYS A . n 
A 1 140 ASN 140 161 161 ASN ASN A . n 
A 1 141 ALA 141 162 162 ALA ALA A . n 
A 1 142 LEU 142 163 163 LEU LEU A . n 
A 1 143 LYS 143 164 164 LYS LYS A . n 
A 1 144 ILE 144 165 165 ILE ILE A . n 
A 1 145 PRO 145 166 166 PRO PRO A . n 
A 1 146 GLU 146 167 167 GLU GLU A . n 
A 1 147 ASP 147 168 168 ASP ASP A . n 
A 1 148 LEU 148 169 169 LEU LEU A . n 
A 1 149 TRP 149 170 170 TRP TRP A . n 
A 1 150 PRO 150 171 171 PRO PRO A . n 
A 1 151 GLN 151 172 172 GLN GLN A . n 
A 1 152 LEU 152 173 173 LEU LEU A . n 
A 1 153 TYR 153 174 174 TYR TYR A . n 
A 1 154 GLU 154 175 175 GLU GLU A . n 
A 1 155 ALA 155 176 176 ALA ALA A . n 
A 1 156 ALA 156 177 177 ALA ALA A . n 
A 1 157 SER 157 178 178 SER SER A . n 
A 1 158 THR 158 179 179 THR THR A . n 
A 1 159 THR 159 180 180 THR THR A . n 
A 1 160 ILE 160 181 181 ILE ILE A . n 
A 1 161 CYS 161 182 182 CYS CYS A . n 
A 1 162 LYS 162 183 183 LYS LYS A . n 
A 1 163 ALA 163 184 184 ALA ALA A . n 
A 1 164 LEU 164 185 185 LEU LEU A . n 
A 1 165 ILE 165 186 186 ILE ILE A . n 
A 1 166 GLN 166 187 187 GLN GLN A . n 
A 1 167 PRO 167 188 188 PRO PRO A . n 
A 1 168 ASN 168 189 189 ASN ASN A . n 
A 1 169 ILE 169 190 190 ILE ILE A . n 
A 1 170 ALA 170 191 191 ALA ALA A . n 
A 1 171 LEU 171 192 192 LEU LEU A . n 
A 1 172 LEU 172 193 193 LEU LEU A . n 
A 1 173 SER 173 194 194 SER SER A . n 
A 1 174 PRO 174 195 195 PRO PRO A . n 
A 1 175 GLY 175 196 196 GLY GLY A . n 
A 1 176 LEU 176 197 197 LEU LEU A . n 
A 1 177 ILE 177 198 198 ILE ILE A . n 
A 1 178 CYS 178 199 199 CYS CYS A . n 
A 1 179 ALA 179 200 200 ALA ALA A . n 
A 1 180 GLY 180 201 201 GLY GLY A . n 
A 1 181 GLY 181 202 202 GLY GLY A . n 
A 1 182 LEU 182 203 203 LEU LEU A . n 
A 1 183 LEU 183 204 204 LEU LEU A . n 
A 1 184 THR 184 205 205 THR THR A . n 
A 1 185 THR 185 206 206 THR THR A . n 
A 1 186 ILE 186 207 207 ILE ILE A . n 
A 1 187 GLU 187 208 208 GLU GLU A . n 
A 1 188 THR 188 209 209 THR THR A . n 
A 1 189 ASP 189 210 210 ASP ASP A . n 
A 1 190 ASN 190 211 211 ASN ASN A . n 
A 1 191 THR 191 212 212 THR THR A . n 
A 1 192 ASN 192 213 213 ASN ASN A . n 
A 1 193 CYS 193 214 214 CYS CYS A . n 
A 1 194 ARG 194 215 215 ARG ARG A . n 
A 1 195 PRO 195 216 216 PRO PRO A . n 
A 1 196 TRP 196 217 217 TRP TRP A . n 
A 1 197 THR 197 218 218 THR THR A . n 
A 1 198 CYS 198 219 219 CYS CYS A . n 
A 1 199 TYR 199 220 220 TYR TYR A . n 
A 1 200 LEU 200 221 221 LEU LEU A . n 
A 1 201 GLU 201 222 222 GLU GLU A . n 
A 1 202 ASP 202 223 223 ASP ASP A . n 
A 1 203 LEU 203 224 224 LEU LEU A . n 
A 1 204 SER 204 225 225 SER SER A . n 
A 1 205 SER 205 226 226 SER SER A . n 
A 1 206 ILE 206 227 227 ILE ILE A . n 
A 1 207 LEU 207 228 228 LEU LEU A . n 
A 1 208 ASN 208 229 229 ASN ASN A . n 
A 1 209 PHE 209 230 230 PHE PHE A . n 
A 1 210 SER 210 231 231 SER SER A . n 
A 1 211 THR 211 232 232 THR THR A . n 
A 1 212 ASN 212 233 233 ASN ASN A . n 
A 1 213 THR 213 234 234 THR THR A . n 
A 1 214 VAL 214 235 235 VAL VAL A . n 
A 1 215 ARG 215 236 236 ARG ARG A . n 
A 1 216 THR 216 237 237 THR THR A . n 
A 1 217 VAL 217 238 238 VAL VAL A . n 
A 1 218 LYS 218 239 239 LYS LYS A . n 
A 1 219 ASP 219 240 240 ASP ASP A . n 
A 1 220 GLN 220 241 241 GLN GLN A . n 
A 1 221 VAL 221 242 242 VAL VAL A . n 
A 1 222 SER 222 243 243 SER SER A . n 
A 1 223 GLU 223 244 244 GLU GLU A . n 
A 1 224 ALA 224 245 245 ALA ALA A . n 
A 1 225 PHE 225 246 246 PHE PHE A . n 
A 1 226 SER 226 247 247 SER SER A . n 
A 1 227 LEU 227 248 248 LEU LEU A . n 
A 1 228 TYR 228 249 249 TYR TYR A . n 
A 1 229 ASP 229 250 250 ASP ASP A . n 
# 
loop_
_pdbx_unobs_or_zero_occ_atoms.id 
_pdbx_unobs_or_zero_occ_atoms.PDB_model_num 
_pdbx_unobs_or_zero_occ_atoms.polymer_flag 
_pdbx_unobs_or_zero_occ_atoms.occupancy_flag 
_pdbx_unobs_or_zero_occ_atoms.auth_asym_id 
_pdbx_unobs_or_zero_occ_atoms.auth_comp_id 
_pdbx_unobs_or_zero_occ_atoms.auth_seq_id 
_pdbx_unobs_or_zero_occ_atoms.PDB_ins_code 
_pdbx_unobs_or_zero_occ_atoms.auth_atom_id 
_pdbx_unobs_or_zero_occ_atoms.label_alt_id 
_pdbx_unobs_or_zero_occ_atoms.label_asym_id 
_pdbx_unobs_or_zero_occ_atoms.label_comp_id 
_pdbx_unobs_or_zero_occ_atoms.label_seq_id 
_pdbx_unobs_or_zero_occ_atoms.label_atom_id 
1   1 Y 1 A ARG 22  ? CG  ? A ARG 1   CG  
2   1 Y 1 A ARG 22  ? CD  ? A ARG 1   CD  
3   1 Y 1 A ARG 22  ? NE  ? A ARG 1   NE  
4   1 Y 1 A ARG 22  ? CZ  ? A ARG 1   CZ  
5   1 Y 1 A ARG 22  ? NH1 ? A ARG 1   NH1 
6   1 Y 1 A ARG 22  ? NH2 ? A ARG 1   NH2 
7   1 Y 1 A LYS 28  ? CG  ? A LYS 7   CG  
8   1 Y 1 A LYS 28  ? CD  ? A LYS 7   CD  
9   1 Y 1 A LYS 28  ? CE  ? A LYS 7   CE  
10  1 Y 1 A LYS 28  ? NZ  ? A LYS 7   NZ  
11  1 Y 1 A LEU 33  ? CG  ? A LEU 12  CG  
12  1 Y 1 A LEU 33  ? CD1 ? A LEU 12  CD1 
13  1 Y 1 A LEU 33  ? CD2 ? A LEU 12  CD2 
14  1 Y 1 A LYS 36  ? CG  ? A LYS 15  CG  
15  1 Y 1 A LYS 36  ? CD  ? A LYS 15  CD  
16  1 Y 1 A LYS 36  ? CE  ? A LYS 15  CE  
17  1 Y 1 A LYS 36  ? NZ  ? A LYS 15  NZ  
18  1 Y 1 A THR 38  ? OG1 ? A THR 17  OG1 
19  1 Y 1 A THR 38  ? CG2 ? A THR 17  CG2 
20  1 Y 1 A SER 39  ? OG  ? A SER 18  OG  
21  1 Y 1 A GLU 42  ? CG  ? A GLU 21  CG  
22  1 Y 1 A GLU 42  ? CD  ? A GLU 21  CD  
23  1 Y 1 A GLU 42  ? OE1 ? A GLU 21  OE1 
24  1 Y 1 A GLU 42  ? OE2 ? A GLU 21  OE2 
25  1 Y 1 A GLN 44  ? CG  ? A GLN 23  CG  
26  1 Y 1 A GLN 44  ? CD  ? A GLN 23  CD  
27  1 Y 1 A GLN 44  ? OE1 ? A GLN 23  OE1 
28  1 Y 1 A GLN 44  ? NE2 ? A GLN 23  NE2 
29  1 Y 1 A SER 65  ? OG  ? A SER 44  OG  
30  1 Y 1 A LYS 91  ? CG  ? A LYS 70  CG  
31  1 Y 1 A LYS 91  ? CD  ? A LYS 70  CD  
32  1 Y 1 A LYS 91  ? CE  ? A LYS 70  CE  
33  1 Y 1 A LYS 91  ? NZ  ? A LYS 70  NZ  
34  1 Y 1 A LYS 92  ? CG  ? A LYS 71  CG  
35  1 Y 1 A LYS 92  ? CD  ? A LYS 71  CD  
36  1 Y 1 A LYS 92  ? CE  ? A LYS 71  CE  
37  1 Y 1 A LYS 92  ? NZ  ? A LYS 71  NZ  
38  1 Y 1 A THR 115 ? OG1 ? A THR 94  OG1 
39  1 Y 1 A THR 115 ? CG2 ? A THR 94  CG2 
40  1 Y 1 A LEU 122 ? CG  ? A LEU 101 CG  
41  1 Y 1 A LEU 122 ? CD1 ? A LEU 101 CD1 
42  1 Y 1 A LEU 122 ? CD2 ? A LEU 101 CD2 
43  1 Y 1 A ASP 125 ? CG  ? A ASP 104 CG  
44  1 Y 1 A ASP 125 ? OD1 ? A ASP 104 OD1 
45  1 Y 1 A ASP 125 ? OD2 ? A ASP 104 OD2 
46  1 Y 1 A ILE 157 ? CG1 ? A ILE 136 CG1 
47  1 Y 1 A ILE 157 ? CG2 ? A ILE 136 CG2 
48  1 Y 1 A ILE 157 ? CD1 ? A ILE 136 CD1 
49  1 Y 1 A ILE 165 ? CG1 ? A ILE 144 CG1 
50  1 Y 1 A ILE 165 ? CG2 ? A ILE 144 CG2 
51  1 Y 1 A ILE 165 ? CD1 ? A ILE 144 CD1 
52  1 Y 1 A LEU 169 ? CG  ? A LEU 148 CG  
53  1 Y 1 A LEU 169 ? CD1 ? A LEU 148 CD1 
54  1 Y 1 A LEU 169 ? CD2 ? A LEU 148 CD2 
55  1 Y 1 A GLN 172 ? CG  ? A GLN 151 CG  
56  1 Y 1 A GLN 172 ? CD  ? A GLN 151 CD  
57  1 Y 1 A GLN 172 ? OE1 ? A GLN 151 OE1 
58  1 Y 1 A GLN 172 ? NE2 ? A GLN 151 NE2 
59  1 Y 1 A LYS 183 ? CG  ? A LYS 162 CG  
60  1 Y 1 A LYS 183 ? CD  ? A LYS 162 CD  
61  1 Y 1 A LYS 183 ? CE  ? A LYS 162 CE  
62  1 Y 1 A LYS 183 ? NZ  ? A LYS 162 NZ  
63  1 Y 1 A ILE 207 ? CG1 ? A ILE 186 CG1 
64  1 Y 1 A ILE 207 ? CG2 ? A ILE 186 CG2 
65  1 Y 1 A ILE 207 ? CD1 ? A ILE 186 CD1 
66  1 Y 1 A ASP 210 ? CG  ? A ASP 189 CG  
67  1 Y 1 A ASP 210 ? OD1 ? A ASP 189 OD1 
68  1 Y 1 A ASP 210 ? OD2 ? A ASP 189 OD2 
69  1 Y 1 A THR 212 ? OG1 ? A THR 191 OG1 
70  1 Y 1 A THR 212 ? CG2 ? A THR 191 CG2 
71  1 Y 1 A CYS 214 ? SG  ? A CYS 193 SG  
72  1 Y 1 A THR 218 ? OG1 ? A THR 197 OG1 
73  1 Y 1 A THR 218 ? CG2 ? A THR 197 CG2 
74  1 Y 1 A CYS 219 ? SG  ? A CYS 198 SG  
75  1 Y 1 A GLU 222 ? CG  ? A GLU 201 CG  
76  1 Y 1 A GLU 222 ? CD  ? A GLU 201 CD  
77  1 Y 1 A GLU 222 ? OE1 ? A GLU 201 OE1 
78  1 Y 1 A GLU 222 ? OE2 ? A GLU 201 OE2 
79  1 Y 1 A SER 225 ? OG  ? A SER 204 OG  
80  1 Y 1 A ILE 227 ? CG1 ? A ILE 206 CG1 
81  1 Y 1 A ILE 227 ? CG2 ? A ILE 206 CG2 
82  1 Y 1 A ILE 227 ? CD1 ? A ILE 206 CD1 
83  1 Y 1 A ASN 229 ? CG  ? A ASN 208 CG  
84  1 Y 1 A ASN 229 ? OD1 ? A ASN 208 OD1 
85  1 Y 1 A ASN 229 ? ND2 ? A ASN 208 ND2 
86  1 Y 1 A PHE 230 ? CG  ? A PHE 209 CG  
87  1 Y 1 A PHE 230 ? CD1 ? A PHE 209 CD1 
88  1 Y 1 A PHE 230 ? CD2 ? A PHE 209 CD2 
89  1 Y 1 A PHE 230 ? CE1 ? A PHE 209 CE1 
90  1 Y 1 A PHE 230 ? CE2 ? A PHE 209 CE2 
91  1 Y 1 A PHE 230 ? CZ  ? A PHE 209 CZ  
92  1 Y 1 A SER 231 ? OG  ? A SER 210 OG  
93  1 Y 1 A THR 232 ? OG1 ? A THR 211 OG1 
94  1 Y 1 A THR 232 ? CG2 ? A THR 211 CG2 
95  1 Y 1 A ASN 233 ? CG  ? A ASN 212 CG  
96  1 Y 1 A ASN 233 ? OD1 ? A ASN 212 OD1 
97  1 Y 1 A ASN 233 ? ND2 ? A ASN 212 ND2 
98  1 Y 1 A THR 234 ? OG1 ? A THR 213 OG1 
99  1 Y 1 A THR 234 ? CG2 ? A THR 213 CG2 
100 1 Y 1 A ARG 236 ? CG  ? A ARG 215 CG  
101 1 Y 1 A ARG 236 ? CD  ? A ARG 215 CD  
102 1 Y 1 A ARG 236 ? NE  ? A ARG 215 NE  
103 1 Y 1 A ARG 236 ? CZ  ? A ARG 215 CZ  
104 1 Y 1 A ARG 236 ? NH1 ? A ARG 215 NH1 
105 1 Y 1 A ARG 236 ? NH2 ? A ARG 215 NH2 
106 1 Y 1 A THR 237 ? OG1 ? A THR 216 OG1 
107 1 Y 1 A THR 237 ? CG2 ? A THR 216 CG2 
108 1 Y 1 A LYS 239 ? CG  ? A LYS 218 CG  
109 1 Y 1 A LYS 239 ? CD  ? A LYS 218 CD  
110 1 Y 1 A LYS 239 ? CE  ? A LYS 218 CE  
111 1 Y 1 A LYS 239 ? NZ  ? A LYS 218 NZ  
112 1 Y 1 A ASP 240 ? CG  ? A ASP 219 CG  
113 1 Y 1 A ASP 240 ? OD1 ? A ASP 219 OD1 
114 1 Y 1 A ASP 240 ? OD2 ? A ASP 219 OD2 
115 1 Y 1 A GLN 241 ? CG  ? A GLN 220 CG  
116 1 Y 1 A GLN 241 ? CD  ? A GLN 220 CD  
117 1 Y 1 A GLN 241 ? OE1 ? A GLN 220 OE1 
118 1 Y 1 A GLN 241 ? NE2 ? A GLN 220 NE2 
119 1 Y 1 A VAL 242 ? CG1 ? A VAL 221 CG1 
120 1 Y 1 A VAL 242 ? CG2 ? A VAL 221 CG2 
121 1 Y 1 A PHE 246 ? CG  ? A PHE 225 CG  
122 1 Y 1 A PHE 246 ? CD1 ? A PHE 225 CD1 
123 1 Y 1 A PHE 246 ? CD2 ? A PHE 225 CD2 
124 1 Y 1 A PHE 246 ? CE1 ? A PHE 225 CE1 
125 1 Y 1 A PHE 246 ? CE2 ? A PHE 225 CE2 
126 1 Y 1 A PHE 246 ? CZ  ? A PHE 225 CZ  
127 1 Y 1 A LEU 248 ? CG  ? A LEU 227 CG  
128 1 Y 1 A LEU 248 ? CD1 ? A LEU 227 CD1 
129 1 Y 1 A LEU 248 ? CD2 ? A LEU 227 CD2 
130 1 Y 1 A TYR 249 ? CG  ? A TYR 228 CG  
131 1 Y 1 A TYR 249 ? CD1 ? A TYR 228 CD1 
132 1 Y 1 A TYR 249 ? CD2 ? A TYR 228 CD2 
133 1 Y 1 A TYR 249 ? CE1 ? A TYR 228 CE1 
134 1 Y 1 A TYR 249 ? CE2 ? A TYR 228 CE2 
135 1 Y 1 A TYR 249 ? CZ  ? A TYR 228 CZ  
136 1 Y 1 A TYR 249 ? OH  ? A TYR 228 OH  
137 1 Y 1 A ASP 250 ? CG  ? A ASP 229 CG  
138 1 Y 1 A ASP 250 ? OD1 ? A ASP 229 OD1 
139 1 Y 1 A ASP 250 ? OD2 ? A ASP 229 OD2 
# 
loop_
_software.name 
_software.classification 
_software.version 
_software.citation_id 
_software.pdbx_ordinal 
CNS       refinement       0.3 ? 1 
HKL       'data reduction' .   ? 2 
SCALEPACK 'data scaling'   .   ? 3 
CNS       phasing          0.3 ? 4 
# 
_cell.entry_id           1BU2 
_cell.length_a           37.920 
_cell.length_b           61.440 
_cell.length_c           130.570 
_cell.angle_alpha        90.00 
_cell.angle_beta         90.00 
_cell.angle_gamma        90.00 
_cell.Z_PDB              4 
_cell.pdbx_unique_axis   ? 
# 
_symmetry.entry_id                         1BU2 
_symmetry.space_group_name_H-M             'P 21 21 21' 
_symmetry.pdbx_full_space_group_name_H-M   ? 
_symmetry.cell_setting                     ? 
_symmetry.Int_Tables_number                19 
# 
_exptl.entry_id          1BU2 
_exptl.method            'X-RAY DIFFRACTION' 
_exptl.crystals_number   1 
# 
_exptl_crystal.id                    1 
_exptl_crystal.density_meas          ? 
_exptl_crystal.density_Matthews      2.94 
_exptl_crystal.density_percent_sol   58.18 
_exptl_crystal.description           ? 
# 
_exptl_crystal_grow.crystal_id      1 
_exptl_crystal_grow.method          ? 
_exptl_crystal_grow.temp            ? 
_exptl_crystal_grow.temp_details    ? 
_exptl_crystal_grow.pH              7.0 
_exptl_crystal_grow.pdbx_pH_range   ? 
_exptl_crystal_grow.pdbx_details    'pH 7.0' 
# 
_diffrn.id                     1 
_diffrn.ambient_temp           100 
_diffrn.ambient_temp_details   ? 
_diffrn.crystal_id             1 
# 
_diffrn_detector.diffrn_id              1 
_diffrn_detector.detector               ? 
_diffrn_detector.type                   MARRESEARCH 
_diffrn_detector.pdbx_collection_date   1995-11 
_diffrn_detector.details                ? 
# 
_diffrn_radiation.diffrn_id                        1 
_diffrn_radiation.wavelength_id                    1 
_diffrn_radiation.pdbx_monochromatic_or_laue_m_l   M 
_diffrn_radiation.monochromator                    ? 
_diffrn_radiation.pdbx_diffrn_protocol             ? 
_diffrn_radiation.pdbx_scattering_type             x-ray 
# 
_diffrn_radiation_wavelength.id           1 
_diffrn_radiation_wavelength.wavelength   0.9471 
_diffrn_radiation_wavelength.wt           1.0 
# 
_diffrn_source.diffrn_id                   1 
_diffrn_source.source                      SYNCHROTRON 
_diffrn_source.type                        'NSLS BEAMLINE X12B' 
_diffrn_source.pdbx_synchrotron_site       NSLS 
_diffrn_source.pdbx_synchrotron_beamline   X12B 
_diffrn_source.pdbx_wavelength             0.9471 
_diffrn_source.pdbx_wavelength_list        ? 
# 
_reflns.entry_id                     1BU2 
_reflns.observed_criterion_sigma_I   ? 
_reflns.observed_criterion_sigma_F   ? 
_reflns.d_resolution_low             20.0 
_reflns.d_resolution_high            3.0 
_reflns.number_obs                   6501 
_reflns.number_all                   ? 
_reflns.percent_possible_obs         98.9 
_reflns.pdbx_Rmerge_I_obs            ? 
_reflns.pdbx_Rsym_value              0.9500000 
_reflns.pdbx_netI_over_sigmaI        11.5 
_reflns.B_iso_Wilson_estimate        69.2 
_reflns.pdbx_redundancy              4.0 
_reflns.pdbx_diffrn_id               1 
_reflns.pdbx_ordinal                 1 
# 
_refine.entry_id                                 1BU2 
_refine.ls_number_reflns_obs                     6121 
_refine.ls_number_reflns_all                     ? 
_refine.pdbx_ls_sigma_I                          ? 
_refine.pdbx_ls_sigma_F                          2.0 
_refine.pdbx_data_cutoff_high_absF               ? 
_refine.pdbx_data_cutoff_low_absF                ? 
_refine.pdbx_data_cutoff_high_rms_absF           1077669.13 
_refine.ls_d_res_low                             20.00 
_refine.ls_d_res_high                            3.00 
_refine.ls_percent_reflns_obs                    93.7 
_refine.ls_R_factor_obs                          0.2420000 
_refine.ls_R_factor_all                          ? 
_refine.ls_R_factor_R_work                       0.2420000 
_refine.ls_R_factor_R_free                       0.3250000 
_refine.ls_R_factor_R_free_error                 0.012 
_refine.ls_R_factor_R_free_error_details         ? 
_refine.ls_percent_reflns_R_free                 11.1 
_refine.ls_number_reflns_R_free                  678 
_refine.ls_number_parameters                     ? 
_refine.ls_number_restraints                     ? 
_refine.occupancy_min                            ? 
_refine.occupancy_max                            ? 
_refine.B_iso_mean                               64.7 
_refine.aniso_B[1][1]                            4.86 
_refine.aniso_B[2][2]                            -19.64 
_refine.aniso_B[3][3]                            14.78 
_refine.aniso_B[1][2]                            0.00 
_refine.aniso_B[1][3]                            0.00 
_refine.aniso_B[2][3]                            0.00 
_refine.solvent_model_details                    ? 
_refine.solvent_model_param_ksol                 ? 
_refine.solvent_model_param_bsol                 ? 
_refine.pdbx_ls_cross_valid_method               THROUGHOUT 
_refine.details                                  'BULK SOLVENT MODEL USED' 
_refine.pdbx_starting_model                      ? 
_refine.pdbx_method_to_determine_struct          'MOLECULAR REPLACEMENT' 
_refine.pdbx_isotropic_thermal_model             GROUP 
_refine.pdbx_stereochemistry_target_values       ? 
_refine.pdbx_stereochem_target_val_spec_case     ? 
_refine.pdbx_R_Free_selection_details            RANDOM 
_refine.pdbx_overall_ESU_R                       ? 
_refine.pdbx_overall_ESU_R_Free                  ? 
_refine.overall_SU_ML                            ? 
_refine.overall_SU_B                             ? 
_refine.pdbx_refine_id                           'X-RAY DIFFRACTION' 
_refine.pdbx_diffrn_id                           1 
_refine.pdbx_TLS_residual_ADP_flag               ? 
_refine.correlation_coeff_Fo_to_Fc               ? 
_refine.correlation_coeff_Fo_to_Fc_free          ? 
_refine.pdbx_solvent_vdw_probe_radii             ? 
_refine.pdbx_solvent_ion_probe_radii             ? 
_refine.pdbx_solvent_shrinkage_radii             ? 
_refine.pdbx_overall_phase_error                 ? 
_refine.overall_SU_R_Cruickshank_DPI             ? 
_refine.pdbx_overall_SU_R_free_Cruickshank_DPI   ? 
_refine.pdbx_overall_SU_R_Blow_DPI               ? 
_refine.pdbx_overall_SU_R_free_Blow_DPI          ? 
# 
_refine_analyze.entry_id                        1BU2 
_refine_analyze.Luzzati_coordinate_error_obs    0.39 
_refine_analyze.Luzzati_sigma_a_obs             0.48 
_refine_analyze.Luzzati_d_res_low_obs           5.00 
_refine_analyze.Luzzati_coordinate_error_free   0.53 
_refine_analyze.Luzzati_sigma_a_free            0.60 
_refine_analyze.Luzzati_d_res_low_free          ? 
_refine_analyze.number_disordered_residues      ? 
_refine_analyze.occupancy_sum_hydrogen          ? 
_refine_analyze.occupancy_sum_non_hydrogen      ? 
_refine_analyze.pdbx_refine_id                  'X-RAY DIFFRACTION' 
# 
_refine_hist.pdbx_refine_id                   'X-RAY DIFFRACTION' 
_refine_hist.cycle_id                         LAST 
_refine_hist.pdbx_number_atoms_protein        1671 
_refine_hist.pdbx_number_atoms_nucleic_acid   0 
_refine_hist.pdbx_number_atoms_ligand         0 
_refine_hist.number_atoms_solvent             0 
_refine_hist.number_atoms_total               1671 
_refine_hist.d_res_high                       3.00 
_refine_hist.d_res_low                        20.00 
# 
loop_
_refine_ls_restr.type 
_refine_ls_restr.dev_ideal 
_refine_ls_restr.dev_ideal_target 
_refine_ls_restr.weight 
_refine_ls_restr.number 
_refine_ls_restr.pdbx_refine_id 
_refine_ls_restr.pdbx_restraint_function 
c_bond_d                0.009 ? ? ? 'X-RAY DIFFRACTION' ? 
c_bond_d_na             ?     ? ? ? 'X-RAY DIFFRACTION' ? 
c_bond_d_prot           ?     ? ? ? 'X-RAY DIFFRACTION' ? 
c_angle_d               ?     ? ? ? 'X-RAY DIFFRACTION' ? 
c_angle_d_na            ?     ? ? ? 'X-RAY DIFFRACTION' ? 
c_angle_d_prot          ?     ? ? ? 'X-RAY DIFFRACTION' ? 
c_angle_deg             1.5   ? ? ? 'X-RAY DIFFRACTION' ? 
c_angle_deg_na          ?     ? ? ? 'X-RAY DIFFRACTION' ? 
c_angle_deg_prot        ?     ? ? ? 'X-RAY DIFFRACTION' ? 
c_dihedral_angle_d      19.7  ? ? ? 'X-RAY DIFFRACTION' ? 
c_dihedral_angle_d_na   ?     ? ? ? 'X-RAY DIFFRACTION' ? 
c_dihedral_angle_d_prot ?     ? ? ? 'X-RAY DIFFRACTION' ? 
c_improper_angle_d      0.80  ? ? ? 'X-RAY DIFFRACTION' ? 
c_improper_angle_d_na   ?     ? ? ? 'X-RAY DIFFRACTION' ? 
c_improper_angle_d_prot ?     ? ? ? 'X-RAY DIFFRACTION' ? 
c_mcbond_it             ?     ? ? ? 'X-RAY DIFFRACTION' ? 
c_mcangle_it            ?     ? ? ? 'X-RAY DIFFRACTION' ? 
c_scbond_it             ?     ? ? ? 'X-RAY DIFFRACTION' ? 
c_scangle_it            ?     ? ? ? 'X-RAY DIFFRACTION' ? 
# 
_refine_ls_shell.pdbx_total_number_of_bins_used   6 
_refine_ls_shell.d_res_high                       3.00 
_refine_ls_shell.d_res_low                        3.19 
_refine_ls_shell.number_reflns_R_work             856 
_refine_ls_shell.R_factor_R_work                  0.3350000 
_refine_ls_shell.percent_reflns_obs               90.8 
_refine_ls_shell.R_factor_R_free                  0.4360000 
_refine_ls_shell.R_factor_R_free_error            0.044 
_refine_ls_shell.percent_reflns_R_free            10.5 
_refine_ls_shell.number_reflns_R_free             100 
_refine_ls_shell.pdbx_refine_id                   'X-RAY DIFFRACTION' 
_refine_ls_shell.number_reflns_all                ? 
_refine_ls_shell.R_factor_all                     ? 
# 
loop_
_pdbx_xplor_file.serial_no 
_pdbx_xplor_file.param_file 
_pdbx_xplor_file.topol_file 
_pdbx_xplor_file.pdbx_refine_id 
1 PROTEIN_REP.PARAM PROTEIN.TOP 'X-RAY DIFFRACTION' 
2 ?                 ?           'X-RAY DIFFRACTION' 
# 
_struct.entry_id                  1BU2 
_struct.title                     'X-RAY STRUCTURE OF A VIRAL CYCLIN FROM HERPESVIRUS SAIMIRI' 
_struct.pdbx_model_details        ? 
_struct.pdbx_CASP_flag            ? 
_struct.pdbx_model_type_details   ? 
# 
_struct_keywords.entry_id        1BU2 
_struct_keywords.pdbx_keywords   'CELL CYCLE REGULATION' 
_struct_keywords.text            'CELL CYCLE REGULATION, HERPESVIRUS SAIMIRI, VIRAL CYCLIN' 
# 
_struct_asym.id                            A 
_struct_asym.pdbx_blank_PDB_chainid_flag   N 
_struct_asym.pdbx_modified                 N 
_struct_asym.entity_id                     1 
_struct_asym.details                       ? 
# 
_struct_ref.id                         1 
_struct_ref.db_name                    UNP 
_struct_ref.db_code                    CGH2_SHV21 
_struct_ref.entity_id                  1 
_struct_ref.pdbx_db_accession          Q01043 
_struct_ref.pdbx_align_begin           1 
_struct_ref.pdbx_seq_one_letter_code   
;MADSPNRLNRAKIDSTTMKDPRVLNNLKLRELLLPKFTSLWEIQTEVTVDNRTILLTWMHLLCESFELDKSVFPLSVSIL
DRYLCKKQGTKKTLQKIGAACVLIGSKIRTVKPMTVSKLTYLSCDCFTNLELINQEKDILEALKWDTEAVLATDFLIPLC
NALKIPEDLWPQLYEAASTTICKALIQPNIALLSPGLICAGGLLTTIETDNTNCRPWTCYLEDLSSILNFSTNTVRTVKD
QVSEAFSLYDLEIL
;
_struct_ref.pdbx_db_isoform            ? 
# 
_struct_ref_seq.align_id                      1 
_struct_ref_seq.ref_id                        1 
_struct_ref_seq.pdbx_PDB_id_code              1BU2 
_struct_ref_seq.pdbx_strand_id                A 
_struct_ref_seq.seq_align_beg                 1 
_struct_ref_seq.pdbx_seq_align_beg_ins_code   ? 
_struct_ref_seq.seq_align_end                 229 
_struct_ref_seq.pdbx_seq_align_end_ins_code   ? 
_struct_ref_seq.pdbx_db_accession             Q01043 
_struct_ref_seq.db_align_beg                  22 
_struct_ref_seq.pdbx_db_align_beg_ins_code    ? 
_struct_ref_seq.db_align_end                  250 
_struct_ref_seq.pdbx_db_align_end_ins_code    ? 
_struct_ref_seq.pdbx_auth_seq_align_beg       22 
_struct_ref_seq.pdbx_auth_seq_align_end       250 
# 
_pdbx_struct_assembly.id                   1 
_pdbx_struct_assembly.details              author_defined_assembly 
_pdbx_struct_assembly.method_details       ? 
_pdbx_struct_assembly.oligomeric_details   monomeric 
_pdbx_struct_assembly.oligomeric_count     1 
# 
_pdbx_struct_assembly_gen.assembly_id       1 
_pdbx_struct_assembly_gen.oper_expression   1 
_pdbx_struct_assembly_gen.asym_id_list      A 
# 
_pdbx_struct_oper_list.id                   1 
_pdbx_struct_oper_list.type                 'identity operation' 
_pdbx_struct_oper_list.name                 1_555 
_pdbx_struct_oper_list.symmetry_operation   x,y,z 
_pdbx_struct_oper_list.matrix[1][1]         1.0000000000 
_pdbx_struct_oper_list.matrix[1][2]         0.0000000000 
_pdbx_struct_oper_list.matrix[1][3]         0.0000000000 
_pdbx_struct_oper_list.vector[1]            0.0000000000 
_pdbx_struct_oper_list.matrix[2][1]         0.0000000000 
_pdbx_struct_oper_list.matrix[2][2]         1.0000000000 
_pdbx_struct_oper_list.matrix[2][3]         0.0000000000 
_pdbx_struct_oper_list.vector[2]            0.0000000000 
_pdbx_struct_oper_list.matrix[3][1]         0.0000000000 
_pdbx_struct_oper_list.matrix[3][2]         0.0000000000 
_pdbx_struct_oper_list.matrix[3][3]         1.0000000000 
_pdbx_struct_oper_list.vector[3]            0.0000000000 
# 
_struct_biol.id   1 
# 
loop_
_struct_conf.conf_type_id 
_struct_conf.id 
_struct_conf.pdbx_PDB_helix_id 
_struct_conf.beg_label_comp_id 
_struct_conf.beg_label_asym_id 
_struct_conf.beg_label_seq_id 
_struct_conf.pdbx_beg_PDB_ins_code 
_struct_conf.end_label_comp_id 
_struct_conf.end_label_asym_id 
_struct_conf.end_label_seq_id 
_struct_conf.pdbx_end_PDB_ins_code 
_struct_conf.beg_auth_comp_id 
_struct_conf.beg_auth_asym_id 
_struct_conf.beg_auth_seq_id 
_struct_conf.end_auth_comp_id 
_struct_conf.end_auth_asym_id 
_struct_conf.end_auth_seq_id 
_struct_conf.pdbx_PDB_helix_class 
_struct_conf.details 
_struct_conf.pdbx_PDB_helix_length 
HELX_P HELX_P1  1  LEU A 3   ? LEU A 8   ? LEU A 24  LEU A 29  1 ? 6  
HELX_P HELX_P2  2  VAL A 28  ? SER A 44  ? VAL A 49  SER A 65  1 ? 17 
HELX_P HELX_P3  3  LYS A 49  ? CYS A 64  ? LYS A 70  CYS A 85  1 ? 16 
HELX_P HELX_P4  4  LEU A 73  ? ILE A 87  ? LEU A 94  ILE A 108 1 ? 15 
HELX_P HELX_P5  5  VAL A 95  ? TYR A 100 ? VAL A 116 TYR A 121 1 ? 6  
HELX_P HELX_P6  6  ASN A 108 ? ALA A 121 ? ASN A 129 ALA A 142 1 ? 14 
HELX_P HELX_P7  7  ALA A 131 ? ALA A 141 ? ALA A 152 ALA A 162 5 ? 11 
HELX_P HELX_P8  8  TRP A 149 ? ILE A 165 ? TRP A 170 ILE A 186 1 ? 17 
HELX_P HELX_P9  9  ILE A 169 ? LEU A 171 ? ILE A 190 LEU A 192 5 ? 3  
HELX_P HELX_P10 10 PRO A 174 ? THR A 188 ? PRO A 195 THR A 209 1 ? 15 
HELX_P HELX_P11 11 PRO A 195 ? ASP A 202 ? PRO A 216 ASP A 223 5 ? 8  
HELX_P HELX_P12 12 PHE A 209 ? GLU A 223 ? PHE A 230 GLU A 244 1 ? 15 
# 
_struct_conf_type.id          HELX_P 
_struct_conf_type.criteria    ? 
_struct_conf_type.reference   ? 
# 
loop_
_pdbx_validate_torsion.id 
_pdbx_validate_torsion.PDB_model_num 
_pdbx_validate_torsion.auth_comp_id 
_pdbx_validate_torsion.auth_asym_id 
_pdbx_validate_torsion.auth_seq_id 
_pdbx_validate_torsion.PDB_ins_code 
_pdbx_validate_torsion.label_alt_id 
_pdbx_validate_torsion.phi 
_pdbx_validate_torsion.psi 
1  1 ARG A 30  ? ? -69.61  7.11    
2  1 THR A 38  ? ? 72.16   -14.38  
3  1 LEU A 40  ? ? -43.48  95.98   
4  1 THR A 45  ? ? -82.84  -78.54  
5  1 GLU A 46  ? ? -56.26  -81.57  
6  1 LYS A 86  ? ? -143.20 -49.62  
7  1 ARG A 109 ? ? -93.40  -61.18  
8  1 LYS A 112 ? ? -114.28 74.60   
9  1 PRO A 113 ? ? -56.99  101.51  
10 1 MET A 114 ? ? -35.93  136.97  
11 1 CYS A 124 ? ? 36.83   91.06   
12 1 ASP A 125 ? ? 13.43   47.73   
13 1 TRP A 145 ? ? 49.00   22.66   
14 1 GLU A 167 ? ? -65.86  29.08   
15 1 PRO A 188 ? ? -64.33  2.13    
16 1 ALA A 191 ? ? -69.76  27.17   
17 1 LEU A 192 ? ? -148.86 25.40   
18 1 CYS A 214 ? ? -72.04  -164.23 
19 1 ARG A 215 ? ? -106.85 41.96   
20 1 GLU A 222 ? ? -47.11  -13.00  
21 1 SER A 226 ? ? 45.73   101.53  
22 1 ILE A 227 ? ? 158.43  159.16  
23 1 LEU A 228 ? ? -134.76 -47.53  
# 
loop_
_chem_comp_atom.comp_id 
_chem_comp_atom.atom_id 
_chem_comp_atom.type_symbol 
_chem_comp_atom.pdbx_aromatic_flag 
_chem_comp_atom.pdbx_stereo_config 
_chem_comp_atom.pdbx_ordinal 
ALA N    N N N 1   
ALA CA   C N S 2   
ALA C    C N N 3   
ALA O    O N N 4   
ALA CB   C N N 5   
ALA OXT  O N N 6   
ALA H    H N N 7   
ALA H2   H N N 8   
ALA HA   H N N 9   
ALA HB1  H N N 10  
ALA HB2  H N N 11  
ALA HB3  H N N 12  
ALA HXT  H N N 13  
ARG N    N N N 14  
ARG CA   C N S 15  
ARG C    C N N 16  
ARG O    O N N 17  
ARG CB   C N N 18  
ARG CG   C N N 19  
ARG CD   C N N 20  
ARG NE   N N N 21  
ARG CZ   C N N 22  
ARG NH1  N N N 23  
ARG NH2  N N N 24  
ARG OXT  O N N 25  
ARG H    H N N 26  
ARG H2   H N N 27  
ARG HA   H N N 28  
ARG HB2  H N N 29  
ARG HB3  H N N 30  
ARG HG2  H N N 31  
ARG HG3  H N N 32  
ARG HD2  H N N 33  
ARG HD3  H N N 34  
ARG HE   H N N 35  
ARG HH11 H N N 36  
ARG HH12 H N N 37  
ARG HH21 H N N 38  
ARG HH22 H N N 39  
ARG HXT  H N N 40  
ASN N    N N N 41  
ASN CA   C N S 42  
ASN C    C N N 43  
ASN O    O N N 44  
ASN CB   C N N 45  
ASN CG   C N N 46  
ASN OD1  O N N 47  
ASN ND2  N N N 48  
ASN OXT  O N N 49  
ASN H    H N N 50  
ASN H2   H N N 51  
ASN HA   H N N 52  
ASN HB2  H N N 53  
ASN HB3  H N N 54  
ASN HD21 H N N 55  
ASN HD22 H N N 56  
ASN HXT  H N N 57  
ASP N    N N N 58  
ASP CA   C N S 59  
ASP C    C N N 60  
ASP O    O N N 61  
ASP CB   C N N 62  
ASP CG   C N N 63  
ASP OD1  O N N 64  
ASP OD2  O N N 65  
ASP OXT  O N N 66  
ASP H    H N N 67  
ASP H2   H N N 68  
ASP HA   H N N 69  
ASP HB2  H N N 70  
ASP HB3  H N N 71  
ASP HD2  H N N 72  
ASP HXT  H N N 73  
CYS N    N N N 74  
CYS CA   C N R 75  
CYS C    C N N 76  
CYS O    O N N 77  
CYS CB   C N N 78  
CYS SG   S N N 79  
CYS OXT  O N N 80  
CYS H    H N N 81  
CYS H2   H N N 82  
CYS HA   H N N 83  
CYS HB2  H N N 84  
CYS HB3  H N N 85  
CYS HG   H N N 86  
CYS HXT  H N N 87  
GLN N    N N N 88  
GLN CA   C N S 89  
GLN C    C N N 90  
GLN O    O N N 91  
GLN CB   C N N 92  
GLN CG   C N N 93  
GLN CD   C N N 94  
GLN OE1  O N N 95  
GLN NE2  N N N 96  
GLN OXT  O N N 97  
GLN H    H N N 98  
GLN H2   H N N 99  
GLN HA   H N N 100 
GLN HB2  H N N 101 
GLN HB3  H N N 102 
GLN HG2  H N N 103 
GLN HG3  H N N 104 
GLN HE21 H N N 105 
GLN HE22 H N N 106 
GLN HXT  H N N 107 
GLU N    N N N 108 
GLU CA   C N S 109 
GLU C    C N N 110 
GLU O    O N N 111 
GLU CB   C N N 112 
GLU CG   C N N 113 
GLU CD   C N N 114 
GLU OE1  O N N 115 
GLU OE2  O N N 116 
GLU OXT  O N N 117 
GLU H    H N N 118 
GLU H2   H N N 119 
GLU HA   H N N 120 
GLU HB2  H N N 121 
GLU HB3  H N N 122 
GLU HG2  H N N 123 
GLU HG3  H N N 124 
GLU HE2  H N N 125 
GLU HXT  H N N 126 
GLY N    N N N 127 
GLY CA   C N N 128 
GLY C    C N N 129 
GLY O    O N N 130 
GLY OXT  O N N 131 
GLY H    H N N 132 
GLY H2   H N N 133 
GLY HA2  H N N 134 
GLY HA3  H N N 135 
GLY HXT  H N N 136 
HIS N    N N N 137 
HIS CA   C N S 138 
HIS C    C N N 139 
HIS O    O N N 140 
HIS CB   C N N 141 
HIS CG   C Y N 142 
HIS ND1  N Y N 143 
HIS CD2  C Y N 144 
HIS CE1  C Y N 145 
HIS NE2  N Y N 146 
HIS OXT  O N N 147 
HIS H    H N N 148 
HIS H2   H N N 149 
HIS HA   H N N 150 
HIS HB2  H N N 151 
HIS HB3  H N N 152 
HIS HD1  H N N 153 
HIS HD2  H N N 154 
HIS HE1  H N N 155 
HIS HE2  H N N 156 
HIS HXT  H N N 157 
ILE N    N N N 158 
ILE CA   C N S 159 
ILE C    C N N 160 
ILE O    O N N 161 
ILE CB   C N S 162 
ILE CG1  C N N 163 
ILE CG2  C N N 164 
ILE CD1  C N N 165 
ILE OXT  O N N 166 
ILE H    H N N 167 
ILE H2   H N N 168 
ILE HA   H N N 169 
ILE HB   H N N 170 
ILE HG12 H N N 171 
ILE HG13 H N N 172 
ILE HG21 H N N 173 
ILE HG22 H N N 174 
ILE HG23 H N N 175 
ILE HD11 H N N 176 
ILE HD12 H N N 177 
ILE HD13 H N N 178 
ILE HXT  H N N 179 
LEU N    N N N 180 
LEU CA   C N S 181 
LEU C    C N N 182 
LEU O    O N N 183 
LEU CB   C N N 184 
LEU CG   C N N 185 
LEU CD1  C N N 186 
LEU CD2  C N N 187 
LEU OXT  O N N 188 
LEU H    H N N 189 
LEU H2   H N N 190 
LEU HA   H N N 191 
LEU HB2  H N N 192 
LEU HB3  H N N 193 
LEU HG   H N N 194 
LEU HD11 H N N 195 
LEU HD12 H N N 196 
LEU HD13 H N N 197 
LEU HD21 H N N 198 
LEU HD22 H N N 199 
LEU HD23 H N N 200 
LEU HXT  H N N 201 
LYS N    N N N 202 
LYS CA   C N S 203 
LYS C    C N N 204 
LYS O    O N N 205 
LYS CB   C N N 206 
LYS CG   C N N 207 
LYS CD   C N N 208 
LYS CE   C N N 209 
LYS NZ   N N N 210 
LYS OXT  O N N 211 
LYS H    H N N 212 
LYS H2   H N N 213 
LYS HA   H N N 214 
LYS HB2  H N N 215 
LYS HB3  H N N 216 
LYS HG2  H N N 217 
LYS HG3  H N N 218 
LYS HD2  H N N 219 
LYS HD3  H N N 220 
LYS HE2  H N N 221 
LYS HE3  H N N 222 
LYS HZ1  H N N 223 
LYS HZ2  H N N 224 
LYS HZ3  H N N 225 
LYS HXT  H N N 226 
MET N    N N N 227 
MET CA   C N S 228 
MET C    C N N 229 
MET O    O N N 230 
MET CB   C N N 231 
MET CG   C N N 232 
MET SD   S N N 233 
MET CE   C N N 234 
MET OXT  O N N 235 
MET H    H N N 236 
MET H2   H N N 237 
MET HA   H N N 238 
MET HB2  H N N 239 
MET HB3  H N N 240 
MET HG2  H N N 241 
MET HG3  H N N 242 
MET HE1  H N N 243 
MET HE2  H N N 244 
MET HE3  H N N 245 
MET HXT  H N N 246 
PHE N    N N N 247 
PHE CA   C N S 248 
PHE C    C N N 249 
PHE O    O N N 250 
PHE CB   C N N 251 
PHE CG   C Y N 252 
PHE CD1  C Y N 253 
PHE CD2  C Y N 254 
PHE CE1  C Y N 255 
PHE CE2  C Y N 256 
PHE CZ   C Y N 257 
PHE OXT  O N N 258 
PHE H    H N N 259 
PHE H2   H N N 260 
PHE HA   H N N 261 
PHE HB2  H N N 262 
PHE HB3  H N N 263 
PHE HD1  H N N 264 
PHE HD2  H N N 265 
PHE HE1  H N N 266 
PHE HE2  H N N 267 
PHE HZ   H N N 268 
PHE HXT  H N N 269 
PRO N    N N N 270 
PRO CA   C N S 271 
PRO C    C N N 272 
PRO O    O N N 273 
PRO CB   C N N 274 
PRO CG   C N N 275 
PRO CD   C N N 276 
PRO OXT  O N N 277 
PRO H    H N N 278 
PRO HA   H N N 279 
PRO HB2  H N N 280 
PRO HB3  H N N 281 
PRO HG2  H N N 282 
PRO HG3  H N N 283 
PRO HD2  H N N 284 
PRO HD3  H N N 285 
PRO HXT  H N N 286 
SER N    N N N 287 
SER CA   C N S 288 
SER C    C N N 289 
SER O    O N N 290 
SER CB   C N N 291 
SER OG   O N N 292 
SER OXT  O N N 293 
SER H    H N N 294 
SER H2   H N N 295 
SER HA   H N N 296 
SER HB2  H N N 297 
SER HB3  H N N 298 
SER HG   H N N 299 
SER HXT  H N N 300 
THR N    N N N 301 
THR CA   C N S 302 
THR C    C N N 303 
THR O    O N N 304 
THR CB   C N R 305 
THR OG1  O N N 306 
THR CG2  C N N 307 
THR OXT  O N N 308 
THR H    H N N 309 
THR H2   H N N 310 
THR HA   H N N 311 
THR HB   H N N 312 
THR HG1  H N N 313 
THR HG21 H N N 314 
THR HG22 H N N 315 
THR HG23 H N N 316 
THR HXT  H N N 317 
TRP N    N N N 318 
TRP CA   C N S 319 
TRP C    C N N 320 
TRP O    O N N 321 
TRP CB   C N N 322 
TRP CG   C Y N 323 
TRP CD1  C Y N 324 
TRP CD2  C Y N 325 
TRP NE1  N Y N 326 
TRP CE2  C Y N 327 
TRP CE3  C Y N 328 
TRP CZ2  C Y N 329 
TRP CZ3  C Y N 330 
TRP CH2  C Y N 331 
TRP OXT  O N N 332 
TRP H    H N N 333 
TRP H2   H N N 334 
TRP HA   H N N 335 
TRP HB2  H N N 336 
TRP HB3  H N N 337 
TRP HD1  H N N 338 
TRP HE1  H N N 339 
TRP HE3  H N N 340 
TRP HZ2  H N N 341 
TRP HZ3  H N N 342 
TRP HH2  H N N 343 
TRP HXT  H N N 344 
TYR N    N N N 345 
TYR CA   C N S 346 
TYR C    C N N 347 
TYR O    O N N 348 
TYR CB   C N N 349 
TYR CG   C Y N 350 
TYR CD1  C Y N 351 
TYR CD2  C Y N 352 
TYR CE1  C Y N 353 
TYR CE2  C Y N 354 
TYR CZ   C Y N 355 
TYR OH   O N N 356 
TYR OXT  O N N 357 
TYR H    H N N 358 
TYR H2   H N N 359 
TYR HA   H N N 360 
TYR HB2  H N N 361 
TYR HB3  H N N 362 
TYR HD1  H N N 363 
TYR HD2  H N N 364 
TYR HE1  H N N 365 
TYR HE2  H N N 366 
TYR HH   H N N 367 
TYR HXT  H N N 368 
VAL N    N N N 369 
VAL CA   C N S 370 
VAL C    C N N 371 
VAL O    O N N 372 
VAL CB   C N N 373 
VAL CG1  C N N 374 
VAL CG2  C N N 375 
VAL OXT  O N N 376 
VAL H    H N N 377 
VAL H2   H N N 378 
VAL HA   H N N 379 
VAL HB   H N N 380 
VAL HG11 H N N 381 
VAL HG12 H N N 382 
VAL HG13 H N N 383 
VAL HG21 H N N 384 
VAL HG22 H N N 385 
VAL HG23 H N N 386 
VAL HXT  H N N 387 
# 
loop_
_chem_comp_bond.comp_id 
_chem_comp_bond.atom_id_1 
_chem_comp_bond.atom_id_2 
_chem_comp_bond.value_order 
_chem_comp_bond.pdbx_aromatic_flag 
_chem_comp_bond.pdbx_stereo_config 
_chem_comp_bond.pdbx_ordinal 
ALA N   CA   sing N N 1   
ALA N   H    sing N N 2   
ALA N   H2   sing N N 3   
ALA CA  C    sing N N 4   
ALA CA  CB   sing N N 5   
ALA CA  HA   sing N N 6   
ALA C   O    doub N N 7   
ALA C   OXT  sing N N 8   
ALA CB  HB1  sing N N 9   
ALA CB  HB2  sing N N 10  
ALA CB  HB3  sing N N 11  
ALA OXT HXT  sing N N 12  
ARG N   CA   sing N N 13  
ARG N   H    sing N N 14  
ARG N   H2   sing N N 15  
ARG CA  C    sing N N 16  
ARG CA  CB   sing N N 17  
ARG CA  HA   sing N N 18  
ARG C   O    doub N N 19  
ARG C   OXT  sing N N 20  
ARG CB  CG   sing N N 21  
ARG CB  HB2  sing N N 22  
ARG CB  HB3  sing N N 23  
ARG CG  CD   sing N N 24  
ARG CG  HG2  sing N N 25  
ARG CG  HG3  sing N N 26  
ARG CD  NE   sing N N 27  
ARG CD  HD2  sing N N 28  
ARG CD  HD3  sing N N 29  
ARG NE  CZ   sing N N 30  
ARG NE  HE   sing N N 31  
ARG CZ  NH1  sing N N 32  
ARG CZ  NH2  doub N N 33  
ARG NH1 HH11 sing N N 34  
ARG NH1 HH12 sing N N 35  
ARG NH2 HH21 sing N N 36  
ARG NH2 HH22 sing N N 37  
ARG OXT HXT  sing N N 38  
ASN N   CA   sing N N 39  
ASN N   H    sing N N 40  
ASN N   H2   sing N N 41  
ASN CA  C    sing N N 42  
ASN CA  CB   sing N N 43  
ASN CA  HA   sing N N 44  
ASN C   O    doub N N 45  
ASN C   OXT  sing N N 46  
ASN CB  CG   sing N N 47  
ASN CB  HB2  sing N N 48  
ASN CB  HB3  sing N N 49  
ASN CG  OD1  doub N N 50  
ASN CG  ND2  sing N N 51  
ASN ND2 HD21 sing N N 52  
ASN ND2 HD22 sing N N 53  
ASN OXT HXT  sing N N 54  
ASP N   CA   sing N N 55  
ASP N   H    sing N N 56  
ASP N   H2   sing N N 57  
ASP CA  C    sing N N 58  
ASP CA  CB   sing N N 59  
ASP CA  HA   sing N N 60  
ASP C   O    doub N N 61  
ASP C   OXT  sing N N 62  
ASP CB  CG   sing N N 63  
ASP CB  HB2  sing N N 64  
ASP CB  HB3  sing N N 65  
ASP CG  OD1  doub N N 66  
ASP CG  OD2  sing N N 67  
ASP OD2 HD2  sing N N 68  
ASP OXT HXT  sing N N 69  
CYS N   CA   sing N N 70  
CYS N   H    sing N N 71  
CYS N   H2   sing N N 72  
CYS CA  C    sing N N 73  
CYS CA  CB   sing N N 74  
CYS CA  HA   sing N N 75  
CYS C   O    doub N N 76  
CYS C   OXT  sing N N 77  
CYS CB  SG   sing N N 78  
CYS CB  HB2  sing N N 79  
CYS CB  HB3  sing N N 80  
CYS SG  HG   sing N N 81  
CYS OXT HXT  sing N N 82  
GLN N   CA   sing N N 83  
GLN N   H    sing N N 84  
GLN N   H2   sing N N 85  
GLN CA  C    sing N N 86  
GLN CA  CB   sing N N 87  
GLN CA  HA   sing N N 88  
GLN C   O    doub N N 89  
GLN C   OXT  sing N N 90  
GLN CB  CG   sing N N 91  
GLN CB  HB2  sing N N 92  
GLN CB  HB3  sing N N 93  
GLN CG  CD   sing N N 94  
GLN CG  HG2  sing N N 95  
GLN CG  HG3  sing N N 96  
GLN CD  OE1  doub N N 97  
GLN CD  NE2  sing N N 98  
GLN NE2 HE21 sing N N 99  
GLN NE2 HE22 sing N N 100 
GLN OXT HXT  sing N N 101 
GLU N   CA   sing N N 102 
GLU N   H    sing N N 103 
GLU N   H2   sing N N 104 
GLU CA  C    sing N N 105 
GLU CA  CB   sing N N 106 
GLU CA  HA   sing N N 107 
GLU C   O    doub N N 108 
GLU C   OXT  sing N N 109 
GLU CB  CG   sing N N 110 
GLU CB  HB2  sing N N 111 
GLU CB  HB3  sing N N 112 
GLU CG  CD   sing N N 113 
GLU CG  HG2  sing N N 114 
GLU CG  HG3  sing N N 115 
GLU CD  OE1  doub N N 116 
GLU CD  OE2  sing N N 117 
GLU OE2 HE2  sing N N 118 
GLU OXT HXT  sing N N 119 
GLY N   CA   sing N N 120 
GLY N   H    sing N N 121 
GLY N   H2   sing N N 122 
GLY CA  C    sing N N 123 
GLY CA  HA2  sing N N 124 
GLY CA  HA3  sing N N 125 
GLY C   O    doub N N 126 
GLY C   OXT  sing N N 127 
GLY OXT HXT  sing N N 128 
HIS N   CA   sing N N 129 
HIS N   H    sing N N 130 
HIS N   H2   sing N N 131 
HIS CA  C    sing N N 132 
HIS CA  CB   sing N N 133 
HIS CA  HA   sing N N 134 
HIS C   O    doub N N 135 
HIS C   OXT  sing N N 136 
HIS CB  CG   sing N N 137 
HIS CB  HB2  sing N N 138 
HIS CB  HB3  sing N N 139 
HIS CG  ND1  sing Y N 140 
HIS CG  CD2  doub Y N 141 
HIS ND1 CE1  doub Y N 142 
HIS ND1 HD1  sing N N 143 
HIS CD2 NE2  sing Y N 144 
HIS CD2 HD2  sing N N 145 
HIS CE1 NE2  sing Y N 146 
HIS CE1 HE1  sing N N 147 
HIS NE2 HE2  sing N N 148 
HIS OXT HXT  sing N N 149 
ILE N   CA   sing N N 150 
ILE N   H    sing N N 151 
ILE N   H2   sing N N 152 
ILE CA  C    sing N N 153 
ILE CA  CB   sing N N 154 
ILE CA  HA   sing N N 155 
ILE C   O    doub N N 156 
ILE C   OXT  sing N N 157 
ILE CB  CG1  sing N N 158 
ILE CB  CG2  sing N N 159 
ILE CB  HB   sing N N 160 
ILE CG1 CD1  sing N N 161 
ILE CG1 HG12 sing N N 162 
ILE CG1 HG13 sing N N 163 
ILE CG2 HG21 sing N N 164 
ILE CG2 HG22 sing N N 165 
ILE CG2 HG23 sing N N 166 
ILE CD1 HD11 sing N N 167 
ILE CD1 HD12 sing N N 168 
ILE CD1 HD13 sing N N 169 
ILE OXT HXT  sing N N 170 
LEU N   CA   sing N N 171 
LEU N   H    sing N N 172 
LEU N   H2   sing N N 173 
LEU CA  C    sing N N 174 
LEU CA  CB   sing N N 175 
LEU CA  HA   sing N N 176 
LEU C   O    doub N N 177 
LEU C   OXT  sing N N 178 
LEU CB  CG   sing N N 179 
LEU CB  HB2  sing N N 180 
LEU CB  HB3  sing N N 181 
LEU CG  CD1  sing N N 182 
LEU CG  CD2  sing N N 183 
LEU CG  HG   sing N N 184 
LEU CD1 HD11 sing N N 185 
LEU CD1 HD12 sing N N 186 
LEU CD1 HD13 sing N N 187 
LEU CD2 HD21 sing N N 188 
LEU CD2 HD22 sing N N 189 
LEU CD2 HD23 sing N N 190 
LEU OXT HXT  sing N N 191 
LYS N   CA   sing N N 192 
LYS N   H    sing N N 193 
LYS N   H2   sing N N 194 
LYS CA  C    sing N N 195 
LYS CA  CB   sing N N 196 
LYS CA  HA   sing N N 197 
LYS C   O    doub N N 198 
LYS C   OXT  sing N N 199 
LYS CB  CG   sing N N 200 
LYS CB  HB2  sing N N 201 
LYS CB  HB3  sing N N 202 
LYS CG  CD   sing N N 203 
LYS CG  HG2  sing N N 204 
LYS CG  HG3  sing N N 205 
LYS CD  CE   sing N N 206 
LYS CD  HD2  sing N N 207 
LYS CD  HD3  sing N N 208 
LYS CE  NZ   sing N N 209 
LYS CE  HE2  sing N N 210 
LYS CE  HE3  sing N N 211 
LYS NZ  HZ1  sing N N 212 
LYS NZ  HZ2  sing N N 213 
LYS NZ  HZ3  sing N N 214 
LYS OXT HXT  sing N N 215 
MET N   CA   sing N N 216 
MET N   H    sing N N 217 
MET N   H2   sing N N 218 
MET CA  C    sing N N 219 
MET CA  CB   sing N N 220 
MET CA  HA   sing N N 221 
MET C   O    doub N N 222 
MET C   OXT  sing N N 223 
MET CB  CG   sing N N 224 
MET CB  HB2  sing N N 225 
MET CB  HB3  sing N N 226 
MET CG  SD   sing N N 227 
MET CG  HG2  sing N N 228 
MET CG  HG3  sing N N 229 
MET SD  CE   sing N N 230 
MET CE  HE1  sing N N 231 
MET CE  HE2  sing N N 232 
MET CE  HE3  sing N N 233 
MET OXT HXT  sing N N 234 
PHE N   CA   sing N N 235 
PHE N   H    sing N N 236 
PHE N   H2   sing N N 237 
PHE CA  C    sing N N 238 
PHE CA  CB   sing N N 239 
PHE CA  HA   sing N N 240 
PHE C   O    doub N N 241 
PHE C   OXT  sing N N 242 
PHE CB  CG   sing N N 243 
PHE CB  HB2  sing N N 244 
PHE CB  HB3  sing N N 245 
PHE CG  CD1  doub Y N 246 
PHE CG  CD2  sing Y N 247 
PHE CD1 CE1  sing Y N 248 
PHE CD1 HD1  sing N N 249 
PHE CD2 CE2  doub Y N 250 
PHE CD2 HD2  sing N N 251 
PHE CE1 CZ   doub Y N 252 
PHE CE1 HE1  sing N N 253 
PHE CE2 CZ   sing Y N 254 
PHE CE2 HE2  sing N N 255 
PHE CZ  HZ   sing N N 256 
PHE OXT HXT  sing N N 257 
PRO N   CA   sing N N 258 
PRO N   CD   sing N N 259 
PRO N   H    sing N N 260 
PRO CA  C    sing N N 261 
PRO CA  CB   sing N N 262 
PRO CA  HA   sing N N 263 
PRO C   O    doub N N 264 
PRO C   OXT  sing N N 265 
PRO CB  CG   sing N N 266 
PRO CB  HB2  sing N N 267 
PRO CB  HB3  sing N N 268 
PRO CG  CD   sing N N 269 
PRO CG  HG2  sing N N 270 
PRO CG  HG3  sing N N 271 
PRO CD  HD2  sing N N 272 
PRO CD  HD3  sing N N 273 
PRO OXT HXT  sing N N 274 
SER N   CA   sing N N 275 
SER N   H    sing N N 276 
SER N   H2   sing N N 277 
SER CA  C    sing N N 278 
SER CA  CB   sing N N 279 
SER CA  HA   sing N N 280 
SER C   O    doub N N 281 
SER C   OXT  sing N N 282 
SER CB  OG   sing N N 283 
SER CB  HB2  sing N N 284 
SER CB  HB3  sing N N 285 
SER OG  HG   sing N N 286 
SER OXT HXT  sing N N 287 
THR N   CA   sing N N 288 
THR N   H    sing N N 289 
THR N   H2   sing N N 290 
THR CA  C    sing N N 291 
THR CA  CB   sing N N 292 
THR CA  HA   sing N N 293 
THR C   O    doub N N 294 
THR C   OXT  sing N N 295 
THR CB  OG1  sing N N 296 
THR CB  CG2  sing N N 297 
THR CB  HB   sing N N 298 
THR OG1 HG1  sing N N 299 
THR CG2 HG21 sing N N 300 
THR CG2 HG22 sing N N 301 
THR CG2 HG23 sing N N 302 
THR OXT HXT  sing N N 303 
TRP N   CA   sing N N 304 
TRP N   H    sing N N 305 
TRP N   H2   sing N N 306 
TRP CA  C    sing N N 307 
TRP CA  CB   sing N N 308 
TRP CA  HA   sing N N 309 
TRP C   O    doub N N 310 
TRP C   OXT  sing N N 311 
TRP CB  CG   sing N N 312 
TRP CB  HB2  sing N N 313 
TRP CB  HB3  sing N N 314 
TRP CG  CD1  doub Y N 315 
TRP CG  CD2  sing Y N 316 
TRP CD1 NE1  sing Y N 317 
TRP CD1 HD1  sing N N 318 
TRP CD2 CE2  doub Y N 319 
TRP CD2 CE3  sing Y N 320 
TRP NE1 CE2  sing Y N 321 
TRP NE1 HE1  sing N N 322 
TRP CE2 CZ2  sing Y N 323 
TRP CE3 CZ3  doub Y N 324 
TRP CE3 HE3  sing N N 325 
TRP CZ2 CH2  doub Y N 326 
TRP CZ2 HZ2  sing N N 327 
TRP CZ3 CH2  sing Y N 328 
TRP CZ3 HZ3  sing N N 329 
TRP CH2 HH2  sing N N 330 
TRP OXT HXT  sing N N 331 
TYR N   CA   sing N N 332 
TYR N   H    sing N N 333 
TYR N   H2   sing N N 334 
TYR CA  C    sing N N 335 
TYR CA  CB   sing N N 336 
TYR CA  HA   sing N N 337 
TYR C   O    doub N N 338 
TYR C   OXT  sing N N 339 
TYR CB  CG   sing N N 340 
TYR CB  HB2  sing N N 341 
TYR CB  HB3  sing N N 342 
TYR CG  CD1  doub Y N 343 
TYR CG  CD2  sing Y N 344 
TYR CD1 CE1  sing Y N 345 
TYR CD1 HD1  sing N N 346 
TYR CD2 CE2  doub Y N 347 
TYR CD2 HD2  sing N N 348 
TYR CE1 CZ   doub Y N 349 
TYR CE1 HE1  sing N N 350 
TYR CE2 CZ   sing Y N 351 
TYR CE2 HE2  sing N N 352 
TYR CZ  OH   sing N N 353 
TYR OH  HH   sing N N 354 
TYR OXT HXT  sing N N 355 
VAL N   CA   sing N N 356 
VAL N   H    sing N N 357 
VAL N   H2   sing N N 358 
VAL CA  C    sing N N 359 
VAL CA  CB   sing N N 360 
VAL CA  HA   sing N N 361 
VAL C   O    doub N N 362 
VAL C   OXT  sing N N 363 
VAL CB  CG1  sing N N 364 
VAL CB  CG2  sing N N 365 
VAL CB  HB   sing N N 366 
VAL CG1 HG11 sing N N 367 
VAL CG1 HG12 sing N N 368 
VAL CG1 HG13 sing N N 369 
VAL CG2 HG21 sing N N 370 
VAL CG2 HG22 sing N N 371 
VAL CG2 HG23 sing N N 372 
VAL OXT HXT  sing N N 373 
# 
_atom_sites.entry_id                    1BU2 
_atom_sites.fract_transf_matrix[1][1]   0.00671788 
_atom_sites.fract_transf_matrix[1][2]   0.02374854 
_atom_sites.fract_transf_matrix[1][3]   -0.00929014 
_atom_sites.fract_transf_matrix[2][1]   -0.01296710 
_atom_sites.fract_transf_matrix[2][2]   0.00654183 
_atom_sites.fract_transf_matrix[2][3]   0.00734622 
_atom_sites.fract_transf_matrix[3][1]   0.00419761 
_atom_sites.fract_transf_matrix[3][2]   0.00126900 
_atom_sites.fract_transf_matrix[3][3]   0.00627933 
_atom_sites.fract_transf_vector[1]      0.128658 
_atom_sites.fract_transf_vector[2]      0.667580 
_atom_sites.fract_transf_vector[3]      0.859699 
# 
loop_
_atom_type.symbol 
C 
N 
O 
S 
# 
loop_
_atom_site.group_PDB 
_atom_site.id 
_atom_site.type_symbol 
_atom_site.label_atom_id 
_atom_site.label_alt_id 
_atom_site.label_comp_id 
_atom_site.label_asym_id 
_atom_site.label_entity_id 
_atom_site.label_seq_id 
_atom_site.pdbx_PDB_ins_code 
_atom_site.Cartn_x 
_atom_site.Cartn_y 
_atom_site.Cartn_z 
_atom_site.occupancy 
_atom_site.B_iso_or_equiv 
_atom_site.pdbx_formal_charge 
_atom_site.auth_seq_id 
_atom_site.auth_comp_id 
_atom_site.auth_asym_id 
_atom_site.auth_atom_id 
_atom_site.pdbx_PDB_model_num 
ATOM 1    N N   . ARG A 1 1   ? 8.095   -21.651 5.758   1.00 105.11 ? 22  ARG A N   1 
ATOM 2    C CA  . ARG A 1 1   ? 6.929   -21.112 5.008   1.00 105.11 ? 22  ARG A CA  1 
ATOM 3    C C   . ARG A 1 1   ? 6.130   -20.120 5.857   1.00 105.11 ? 22  ARG A C   1 
ATOM 4    O O   . ARG A 1 1   ? 5.351   -20.513 6.730   1.00 105.11 ? 22  ARG A O   1 
ATOM 5    C CB  . ARG A 1 1   ? 6.028   -22.257 4.551   1.00 58.83  ? 22  ARG A CB  1 
ATOM 6    N N   . VAL A 1 2   ? 6.338   -18.832 5.590   1.00 86.62  ? 23  VAL A N   1 
ATOM 7    C CA  . VAL A 1 2   ? 5.642   -17.776 6.311   1.00 86.62  ? 23  VAL A CA  1 
ATOM 8    C C   . VAL A 1 2   ? 4.386   -17.326 5.574   1.00 86.62  ? 23  VAL A C   1 
ATOM 9    O O   . VAL A 1 2   ? 3.839   -16.265 5.866   1.00 86.62  ? 23  VAL A O   1 
ATOM 10   C CB  . VAL A 1 2   ? 6.540   -16.541 6.513   1.00 83.70  ? 23  VAL A CB  1 
ATOM 11   C CG1 . VAL A 1 2   ? 7.789   -16.929 7.281   1.00 83.70  ? 23  VAL A CG1 1 
ATOM 12   C CG2 . VAL A 1 2   ? 6.894   -15.935 5.166   1.00 83.70  ? 23  VAL A CG2 1 
ATOM 13   N N   . LEU A 1 3   ? 3.939   -18.119 4.607   1.00 69.61  ? 24  LEU A N   1 
ATOM 14   C CA  . LEU A 1 3   ? 2.728   -17.769 3.884   1.00 69.61  ? 24  LEU A CA  1 
ATOM 15   C C   . LEU A 1 3   ? 1.483   -18.084 4.719   1.00 69.61  ? 24  LEU A C   1 
ATOM 16   O O   . LEU A 1 3   ? 0.483   -17.372 4.624   1.00 69.61  ? 24  LEU A O   1 
ATOM 17   C CB  . LEU A 1 3   ? 2.645   -18.491 2.528   1.00 50.06  ? 24  LEU A CB  1 
ATOM 18   C CG  . LEU A 1 3   ? 3.459   -18.031 1.310   1.00 50.06  ? 24  LEU A CG  1 
ATOM 19   C CD1 . LEU A 1 3   ? 3.139   -18.945 0.135   1.00 50.06  ? 24  LEU A CD1 1 
ATOM 20   C CD2 . LEU A 1 3   ? 3.118   -16.596 0.929   1.00 50.06  ? 24  LEU A CD2 1 
ATOM 21   N N   . ASN A 1 4   ? 1.530   -19.137 5.533   1.00 71.62  ? 25  ASN A N   1 
ATOM 22   C CA  . ASN A 1 4   ? 0.373   -19.475 6.364   1.00 71.62  ? 25  ASN A CA  1 
ATOM 23   C C   . ASN A 1 4   ? 0.125   -18.356 7.365   1.00 71.62  ? 25  ASN A C   1 
ATOM 24   O O   . ASN A 1 4   ? -0.998  -17.869 7.506   1.00 71.62  ? 25  ASN A O   1 
ATOM 25   C CB  . ASN A 1 4   ? 0.585   -20.807 7.098   1.00 68.55  ? 25  ASN A CB  1 
ATOM 26   C CG  . ASN A 1 4   ? 0.533   -22.007 6.163   1.00 68.55  ? 25  ASN A CG  1 
ATOM 27   O OD1 . ASN A 1 4   ? -0.480  -22.252 5.505   1.00 68.55  ? 25  ASN A OD1 1 
ATOM 28   N ND2 . ASN A 1 4   ? 1.627   -22.761 6.102   1.00 68.55  ? 25  ASN A ND2 1 
ATOM 29   N N   . ASN A 1 5   ? 1.180   -17.940 8.054   1.00 64.43  ? 26  ASN A N   1 
ATOM 30   C CA  . ASN A 1 5   ? 1.058   -16.857 9.014   1.00 64.43  ? 26  ASN A CA  1 
ATOM 31   C C   . ASN A 1 5   ? 0.492   -15.677 8.248   1.00 64.43  ? 26  ASN A C   1 
ATOM 32   O O   . ASN A 1 5   ? -0.512  -15.100 8.645   1.00 64.43  ? 26  ASN A O   1 
ATOM 33   C CB  . ASN A 1 5   ? 2.427   -16.501 9.582   1.00 105.12 ? 26  ASN A CB  1 
ATOM 34   C CG  . ASN A 1 5   ? 3.141   -17.702 10.149  1.00 105.12 ? 26  ASN A CG  1 
ATOM 35   O OD1 . ASN A 1 5   ? 2.662   -18.338 11.089  1.00 105.12 ? 26  ASN A OD1 1 
ATOM 36   N ND2 . ASN A 1 5   ? 4.294   -18.030 9.574   1.00 105.12 ? 26  ASN A ND2 1 
ATOM 37   N N   . LEU A 1 6   ? 1.132   -15.330 7.135   1.00 62.59  ? 27  LEU A N   1 
ATOM 38   C CA  . LEU A 1 6   ? 0.654   -14.219 6.325   1.00 62.59  ? 27  LEU A CA  1 
ATOM 39   C C   . LEU A 1 6   ? -0.828  -14.348 5.988   1.00 62.59  ? 27  LEU A C   1 
ATOM 40   O O   . LEU A 1 6   ? -1.583  -13.397 6.151   1.00 62.59  ? 27  LEU A O   1 
ATOM 41   C CB  . LEU A 1 6   ? 1.470   -14.083 5.035   1.00 49.33  ? 27  LEU A CB  1 
ATOM 42   C CG  . LEU A 1 6   ? 2.870   -13.479 5.169   1.00 49.33  ? 27  LEU A CG  1 
ATOM 43   C CD1 . LEU A 1 6   ? 3.527   -13.426 3.805   1.00 49.33  ? 27  LEU A CD1 1 
ATOM 44   C CD2 . LEU A 1 6   ? 2.781   -12.068 5.752   1.00 49.33  ? 27  LEU A CD2 1 
ATOM 45   N N   . LYS A 1 7   ? -1.246  -15.524 5.532   1.00 92.62  ? 28  LYS A N   1 
ATOM 46   C CA  . LYS A 1 7   ? -2.646  -15.734 5.186   1.00 92.62  ? 28  LYS A CA  1 
ATOM 47   C C   . LYS A 1 7   ? -3.540  -15.583 6.421   1.00 92.62  ? 28  LYS A C   1 
ATOM 48   O O   . LYS A 1 7   ? -4.685  -15.138 6.313   1.00 92.62  ? 28  LYS A O   1 
ATOM 49   C CB  . LYS A 1 7   ? -2.832  -17.116 4.553   1.00 35.65  ? 28  LYS A CB  1 
ATOM 50   N N   . LEU A 1 8   ? -3.015  -15.948 7.589   1.00 66.41  ? 29  LEU A N   1 
ATOM 51   C CA  . LEU A 1 8   ? -3.773  -15.844 8.834   1.00 66.41  ? 29  LEU A CA  1 
ATOM 52   C C   . LEU A 1 8   ? -3.999  -14.406 9.257   1.00 66.41  ? 29  LEU A C   1 
ATOM 53   O O   . LEU A 1 8   ? -5.133  -13.939 9.307   1.00 66.41  ? 29  LEU A O   1 
ATOM 54   C CB  . LEU A 1 8   ? -3.064  -16.584 9.970   1.00 38.90  ? 29  LEU A CB  1 
ATOM 55   C CG  . LEU A 1 8   ? -3.461  -18.025 10.267  1.00 38.90  ? 29  LEU A CG  1 
ATOM 56   C CD1 . LEU A 1 8   ? -2.537  -18.577 11.332  1.00 38.90  ? 29  LEU A CD1 1 
ATOM 57   C CD2 . LEU A 1 8   ? -4.907  -18.079 10.729  1.00 38.90  ? 29  LEU A CD2 1 
ATOM 58   N N   . ARG A 1 9   ? -2.914  -13.704 9.567   1.00 58.50  ? 30  ARG A N   1 
ATOM 59   C CA  . ARG A 1 9   ? -3.028  -12.321 9.993   1.00 58.50  ? 30  ARG A CA  1 
ATOM 60   C C   . ARG A 1 9   ? -3.456  -11.417 8.855   1.00 58.50  ? 30  ARG A C   1 
ATOM 61   O O   . ARG A 1 9   ? -3.487  -10.197 8.995   1.00 58.50  ? 30  ARG A O   1 
ATOM 62   C CB  . ARG A 1 9   ? -1.716  -11.828 10.627  1.00 60.80  ? 30  ARG A CB  1 
ATOM 63   C CG  . ARG A 1 9   ? -0.458  -11.860 9.784   1.00 60.80  ? 30  ARG A CG  1 
ATOM 64   C CD  . ARG A 1 9   ? 0.723   -11.512 10.690  1.00 60.80  ? 30  ARG A CD  1 
ATOM 65   N NE  . ARG A 1 9   ? 2.026   -11.506 10.024  1.00 60.80  ? 30  ARG A NE  1 
ATOM 66   C CZ  . ARG A 1 9   ? 2.511   -10.492 9.307   1.00 60.80  ? 30  ARG A CZ  1 
ATOM 67   N NH1 . ARG A 1 9   ? 1.806   -9.376  9.159   1.00 60.80  ? 30  ARG A NH1 1 
ATOM 68   N NH2 . ARG A 1 9   ? 3.704   -10.595 8.730   1.00 60.80  ? 30  ARG A NH2 1 
ATOM 69   N N   . GLU A 1 10  ? -3.793  -12.038 7.731   1.00 54.90  ? 31  GLU A N   1 
ATOM 70   C CA  . GLU A 1 10  ? -4.266  -11.333 6.552   1.00 54.90  ? 31  GLU A CA  1 
ATOM 71   C C   . GLU A 1 10  ? -5.777  -11.352 6.647   1.00 54.90  ? 31  GLU A C   1 
ATOM 72   O O   . GLU A 1 10  ? -6.470  -10.592 5.976   1.00 54.90  ? 31  GLU A O   1 
ATOM 73   C CB  . GLU A 1 10  ? -3.839  -12.075 5.302   1.00 50.86  ? 31  GLU A CB  1 
ATOM 74   C CG  . GLU A 1 10  ? -4.349  -11.502 4.013   1.00 50.86  ? 31  GLU A CG  1 
ATOM 75   C CD  . GLU A 1 10  ? -4.014  -12.399 2.849   1.00 50.86  ? 31  GLU A CD  1 
ATOM 76   O OE1 . GLU A 1 10  ? -4.559  -13.525 2.786   1.00 50.86  ? 31  GLU A OE1 1 
ATOM 77   O OE2 . GLU A 1 10  ? -3.193  -11.986 2.010   1.00 50.86  ? 31  GLU A OE2 1 
ATOM 78   N N   . LEU A 1 11  ? -6.279  -12.259 7.479   1.00 90.89  ? 32  LEU A N   1 
ATOM 79   C CA  . LEU A 1 11  ? -7.710  -12.400 7.706   1.00 90.89  ? 32  LEU A CA  1 
ATOM 80   C C   . LEU A 1 11  ? -8.080  -11.464 8.853   1.00 90.89  ? 32  LEU A C   1 
ATOM 81   O O   . LEU A 1 11  ? -9.250  -11.190 9.089   1.00 90.89  ? 32  LEU A O   1 
ATOM 82   C CB  . LEU A 1 11  ? -8.046  -13.845 8.082   1.00 68.12  ? 32  LEU A CB  1 
ATOM 83   C CG  . LEU A 1 11  ? -7.803  -14.893 6.998   1.00 68.12  ? 32  LEU A CG  1 
ATOM 84   C CD1 . LEU A 1 11  ? -8.033  -16.291 7.539   1.00 68.12  ? 32  LEU A CD1 1 
ATOM 85   C CD2 . LEU A 1 11  ? -8.725  -14.608 5.828   1.00 68.12  ? 32  LEU A CD2 1 
ATOM 86   N N   . LEU A 1 12  ? -7.065  -10.989 9.564   1.00 91.41  ? 33  LEU A N   1 
ATOM 87   C CA  . LEU A 1 12  ? -7.270  -10.068 10.673  1.00 91.41  ? 33  LEU A CA  1 
ATOM 88   C C   . LEU A 1 12  ? -7.357  -8.641  10.114  1.00 91.41  ? 33  LEU A C   1 
ATOM 89   O O   . LEU A 1 12  ? -7.301  -7.662  10.852  1.00 91.41  ? 33  LEU A O   1 
ATOM 90   C CB  . LEU A 1 12  ? -6.134  -10.191 11.663  1.00 52.88  ? 33  LEU A CB  1 
ATOM 91   N N   . LEU A 1 13  ? -7.454  -8.540  8.789   1.00 105.18 ? 34  LEU A N   1 
ATOM 92   C CA  . LEU A 1 13  ? -7.554  -7.234  8.100   1.00 105.18 ? 34  LEU A CA  1 
ATOM 93   C C   . LEU A 1 13  ? -9.013  -6.816  7.960   1.00 105.18 ? 34  LEU A C   1 
ATOM 94   O O   . LEU A 1 13  ? -9.820  -7.581  7.477   1.00 105.18 ? 34  LEU A O   1 
ATOM 95   C CB  . LEU A 1 13  ? -6.931  -7.294  6.709   1.00 70.61  ? 34  LEU A CB  1 
ATOM 96   C CG  . LEU A 1 13  ? -5.423  -7.536  6.685   1.00 70.61  ? 34  LEU A CG  1 
ATOM 97   C CD1 . LEU A 1 13  ? -4.912  -7.601  5.244   1.00 70.61  ? 34  LEU A CD1 1 
ATOM 98   C CD2 . LEU A 1 13  ? -4.667  -6.423  7.422   1.00 70.61  ? 34  LEU A CD2 1 
ATOM 99   N N   . PRO A 1 14  ? -9.344  -5.572  8.331   1.00 105.18 ? 35  PRO A N   1 
ATOM 100  C CA  . PRO A 1 14  ? -10.745 -5.142  8.242   1.00 105.18 ? 35  PRO A CA  1 
ATOM 101  C C   . PRO A 1 14  ? -11.295 -5.120  6.837   1.00 105.18 ? 35  PRO A C   1 
ATOM 102  O O   . PRO A 1 14  ? -10.727 -4.467  5.950   1.00 105.18 ? 35  PRO A O   1 
ATOM 103  C CB  . PRO A 1 14  ? -10.765 -3.796  8.959   1.00 78.82  ? 35  PRO A CB  1 
ATOM 104  C CG  . PRO A 1 14  ? -9.274  -3.306  8.911   1.00 78.82  ? 35  PRO A CG  1 
ATOM 105  C CD  . PRO A 1 14  ? -8.452  -4.573  8.938   1.00 78.82  ? 35  PRO A CD  1 
ATOM 106  N N   . LYS A 1 15  ? -12.351 -5.892  6.644   1.00 105.18 ? 36  LYS A N   1 
ATOM 107  C CA  . LYS A 1 15  ? -13.009 -5.944  5.350   1.00 105.18 ? 36  LYS A CA  1 
ATOM 108  C C   . LYS A 1 15  ? -13.889 -4.713  5.221   1.00 105.18 ? 36  LYS A C   1 
ATOM 109  O O   . LYS A 1 15  ? -15.090 -4.751  5.498   1.00 105.18 ? 36  LYS A O   1 
ATOM 110  C CB  . LYS A 1 15  ? -13.876 -7.235  5.212   1.00 52.60  ? 36  LYS A CB  1 
ATOM 111  N N   . PHE A 1 16  ? -13.282 -3.617  4.783   1.00 105.18 ? 37  PHE A N   1 
ATOM 112  C CA  . PHE A 1 16  ? -13.964 -2.332  4.631   1.00 105.18 ? 37  PHE A CA  1 
ATOM 113  C C   . PHE A 1 16  ? -15.345 -2.404  3.976   1.00 105.18 ? 37  PHE A C   1 
ATOM 114  O O   . PHE A 1 16  ? -16.369 -2.172  4.635   1.00 105.18 ? 37  PHE A O   1 
ATOM 115  C CB  . PHE A 1 16  ? -13.056 -1.351  3.862   1.00 104.18 ? 37  PHE A CB  1 
ATOM 116  C CG  . PHE A 1 16  ? -11.913 -0.793  4.691   1.00 104.18 ? 37  PHE A CG  1 
ATOM 117  C CD1 . PHE A 1 16  ? -12.104 -0.438  6.031   1.00 104.18 ? 37  PHE A CD1 1 
ATOM 118  C CD2 . PHE A 1 16  ? -10.657 -0.585  4.124   1.00 104.18 ? 37  PHE A CD2 1 
ATOM 119  C CE1 . PHE A 1 16  ? -11.062 0.120   6.783   1.00 104.18 ? 37  PHE A CE1 1 
ATOM 120  C CE2 . PHE A 1 16  ? -9.612  -0.030  4.868   1.00 104.18 ? 37  PHE A CE2 1 
ATOM 121  C CZ  . PHE A 1 16  ? -9.816  0.320   6.198   1.00 104.18 ? 37  PHE A CZ  1 
ATOM 122  N N   . THR A 1 17  ? -15.366 -2.738  2.686   1.00 104.98 ? 38  THR A N   1 
ATOM 123  C CA  . THR A 1 17  ? -16.594 -2.834  1.892   1.00 104.98 ? 38  THR A CA  1 
ATOM 124  C C   . THR A 1 17  ? -17.139 -1.438  1.628   1.00 104.98 ? 38  THR A C   1 
ATOM 125  O O   . THR A 1 17  ? -17.995 -1.250  0.766   1.00 104.98 ? 38  THR A O   1 
ATOM 126  C CB  . THR A 1 17  ? -17.649 -3.674  2.611   1.00 32.36  ? 38  THR A CB  1 
ATOM 127  N N   . SER A 1 18  ? -16.624 -0.463  2.370   1.00 91.20  ? 39  SER A N   1 
ATOM 128  C CA  . SER A 1 18  ? -17.068 0.911   2.238   1.00 91.20  ? 39  SER A CA  1 
ATOM 129  C C   . SER A 1 18  ? -15.934 1.933   2.427   1.00 91.20  ? 39  SER A C   1 
ATOM 130  O O   . SER A 1 18  ? -15.922 2.695   3.395   1.00 91.20  ? 39  SER A O   1 
ATOM 131  C CB  . SER A 1 18  ? -18.210 1.179   3.242   1.00 41.00  ? 39  SER A CB  1 
ATOM 132  N N   . LEU A 1 19  ? -14.985 1.945   1.492   1.00 88.95  ? 40  LEU A N   1 
ATOM 133  C CA  . LEU A 1 19  ? -13.857 2.876   1.522   1.00 88.95  ? 40  LEU A CA  1 
ATOM 134  C C   . LEU A 1 19  ? -14.245 4.303   1.882   1.00 88.95  ? 40  LEU A C   1 
ATOM 135  O O   . LEU A 1 19  ? -14.654 5.066   1.010   1.00 88.95  ? 40  LEU A O   1 
ATOM 136  C CB  . LEU A 1 19  ? -13.180 2.929   0.157   1.00 105.08 ? 40  LEU A CB  1 
ATOM 137  C CG  . LEU A 1 19  ? -12.331 1.774   -0.344  1.00 105.08 ? 40  LEU A CG  1 
ATOM 138  C CD1 . LEU A 1 19  ? -12.058 1.963   -1.830  1.00 105.08 ? 40  LEU A CD1 1 
ATOM 139  C CD2 . LEU A 1 19  ? -11.040 1.718   0.452   1.00 105.08 ? 40  LEU A CD2 1 
ATOM 140  N N   . TRP A 1 20  ? -14.115 4.671   3.152   1.00 85.42  ? 41  TRP A N   1 
ATOM 141  C CA  . TRP A 1 20  ? -14.427 6.033   3.587   1.00 85.42  ? 41  TRP A CA  1 
ATOM 142  C C   . TRP A 1 20  ? -15.919 6.349   3.730   1.00 85.42  ? 41  TRP A C   1 
ATOM 143  O O   . TRP A 1 20  ? -16.326 7.504   3.618   1.00 85.42  ? 41  TRP A O   1 
ATOM 144  C CB  . TRP A 1 20  ? -13.773 7.028   2.618   1.00 60.80  ? 41  TRP A CB  1 
ATOM 145  C CG  . TRP A 1 20  ? -12.264 7.040   2.662   1.00 60.80  ? 41  TRP A CG  1 
ATOM 146  C CD1 . TRP A 1 20  ? -11.443 6.026   3.073   1.00 60.80  ? 41  TRP A CD1 1 
ATOM 147  C CD2 . TRP A 1 20  ? -11.398 8.101   2.231   1.00 60.80  ? 41  TRP A CD2 1 
ATOM 148  N NE1 . TRP A 1 20  ? -10.127 6.390   2.925   1.00 60.80  ? 41  TRP A NE1 1 
ATOM 149  C CE2 . TRP A 1 20  ? -10.073 7.659   2.410   1.00 60.80  ? 41  TRP A CE2 1 
ATOM 150  C CE3 . TRP A 1 20  ? -11.620 9.382   1.708   1.00 60.80  ? 41  TRP A CE3 1 
ATOM 151  C CZ2 . TRP A 1 20  ? -8.966  8.453   2.086   1.00 60.80  ? 41  TRP A CZ2 1 
ATOM 152  C CZ3 . TRP A 1 20  ? -10.516 10.173  1.389   1.00 60.80  ? 41  TRP A CZ3 1 
ATOM 153  C CH2 . TRP A 1 20  ? -9.208  9.702   1.581   1.00 60.80  ? 41  TRP A CH2 1 
ATOM 154  N N   . GLU A 1 21  ? -16.722 5.323   4.002   1.00 100.24 ? 42  GLU A N   1 
ATOM 155  C CA  . GLU A 1 21  ? -18.172 5.469   4.161   1.00 100.24 ? 42  GLU A CA  1 
ATOM 156  C C   . GLU A 1 21  ? -18.590 6.597   5.104   1.00 100.24 ? 42  GLU A C   1 
ATOM 157  O O   . GLU A 1 21  ? -19.522 7.344   4.816   1.00 100.24 ? 42  GLU A O   1 
ATOM 158  C CB  . GLU A 1 21  ? -18.768 4.159   4.647   1.00 35.99  ? 42  GLU A CB  1 
ATOM 159  N N   . ILE A 1 22  ? -17.902 6.703   6.233   1.00 77.16  ? 43  ILE A N   1 
ATOM 160  C CA  . ILE A 1 22  ? -18.197 7.719   7.233   1.00 77.16  ? 43  ILE A CA  1 
ATOM 161  C C   . ILE A 1 22  ? -17.843 9.140   6.785   1.00 77.16  ? 43  ILE A C   1 
ATOM 162  O O   . ILE A 1 22  ? -18.276 10.120  7.399   1.00 77.16  ? 43  ILE A O   1 
ATOM 163  C CB  . ILE A 1 22  ? -17.434 7.410   8.538   1.00 83.43  ? 43  ILE A CB  1 
ATOM 164  C CG1 . ILE A 1 22  ? -17.759 5.992   8.999   1.00 83.43  ? 43  ILE A CG1 1 
ATOM 165  C CG2 . ILE A 1 22  ? -17.797 8.419   9.622   1.00 83.43  ? 43  ILE A CG2 1 
ATOM 166  C CD1 . ILE A 1 22  ? -17.118 5.619   10.314  1.00 83.43  ? 43  ILE A CD1 1 
ATOM 167  N N   . GLN A 1 23  ? -17.064 9.257   5.716   1.00 92.01  ? 44  GLN A N   1 
ATOM 168  C CA  . GLN A 1 23  ? -16.641 10.567  5.232   1.00 92.01  ? 44  GLN A CA  1 
ATOM 169  C C   . GLN A 1 23  ? -17.735 11.426  4.569   1.00 92.01  ? 44  GLN A C   1 
ATOM 170  O O   . GLN A 1 23  ? -18.369 11.011  3.593   1.00 92.01  ? 44  GLN A O   1 
ATOM 171  C CB  . GLN A 1 23  ? -15.450 10.399  4.288   1.00 64.17  ? 44  GLN A CB  1 
ATOM 172  N N   . THR A 1 24  ? -17.940 12.625  5.117   1.00 89.17  ? 45  THR A N   1 
ATOM 173  C CA  . THR A 1 24  ? -18.920 13.588  4.607   1.00 89.17  ? 45  THR A CA  1 
ATOM 174  C C   . THR A 1 24  ? -18.324 14.378  3.444   1.00 89.17  ? 45  THR A C   1 
ATOM 175  O O   . THR A 1 24  ? -18.620 14.100  2.281   1.00 89.17  ? 45  THR A O   1 
ATOM 176  C CB  . THR A 1 24  ? -19.360 14.590  5.705   1.00 68.87  ? 45  THR A CB  1 
ATOM 177  O OG1 . THR A 1 24  ? -20.221 13.933  6.643   1.00 68.87  ? 45  THR A OG1 1 
ATOM 178  C CG2 . THR A 1 24  ? -20.073 15.793  5.094   1.00 68.87  ? 45  THR A CG2 1 
ATOM 179  N N   . GLU A 1 25  ? -17.492 15.367  3.759   1.00 87.51  ? 46  GLU A N   1 
ATOM 180  C CA  . GLU A 1 25  ? -16.860 16.169  2.720   1.00 87.51  ? 46  GLU A CA  1 
ATOM 181  C C   . GLU A 1 25  ? -16.092 15.280  1.760   1.00 87.51  ? 46  GLU A C   1 
ATOM 182  O O   . GLU A 1 25  ? -16.572 14.936  0.678   1.00 87.51  ? 46  GLU A O   1 
ATOM 183  C CB  . GLU A 1 25  ? -15.873 17.163  3.320   1.00 68.20  ? 46  GLU A CB  1 
ATOM 184  C CG  . GLU A 1 25  ? -16.474 18.312  4.070   1.00 68.20  ? 46  GLU A CG  1 
ATOM 185  C CD  . GLU A 1 25  ? -15.402 19.229  4.613   1.00 68.20  ? 46  GLU A CD  1 
ATOM 186  O OE1 . GLU A 1 25  ? -14.542 19.675  3.815   1.00 68.20  ? 46  GLU A OE1 1 
ATOM 187  O OE2 . GLU A 1 25  ? -15.421 19.499  5.833   1.00 68.20  ? 46  GLU A OE2 1 
ATOM 188  N N   . VAL A 1 26  ? -14.884 14.922  2.181   1.00 71.63  ? 47  VAL A N   1 
ATOM 189  C CA  . VAL A 1 26  ? -13.993 14.082  1.401   1.00 71.63  ? 47  VAL A CA  1 
ATOM 190  C C   . VAL A 1 26  ? -14.700 12.803  0.942   1.00 71.63  ? 47  VAL A C   1 
ATOM 191  O O   . VAL A 1 26  ? -15.518 12.238  1.660   1.00 71.63  ? 47  VAL A O   1 
ATOM 192  C CB  . VAL A 1 26  ? -12.713 13.742  2.226   1.00 42.76  ? 47  VAL A CB  1 
ATOM 193  C CG1 . VAL A 1 26  ? -12.026 15.026  2.643   1.00 42.76  ? 47  VAL A CG1 1 
ATOM 194  C CG2 . VAL A 1 26  ? -13.065 12.913  3.459   1.00 42.76  ? 47  VAL A CG2 1 
ATOM 195  N N   . THR A 1 27  ? -14.385 12.366  -0.272  1.00 54.70  ? 48  THR A N   1 
ATOM 196  C CA  . THR A 1 27  ? -14.983 11.166  -0.848  1.00 54.70  ? 48  THR A CA  1 
ATOM 197  C C   . THR A 1 27  ? -13.935 10.284  -1.526  1.00 54.70  ? 48  THR A C   1 
ATOM 198  O O   . THR A 1 27  ? -12.788 10.676  -1.669  1.00 54.70  ? 48  THR A O   1 
ATOM 199  C CB  . THR A 1 27  ? -16.070 11.535  -1.874  1.00 76.82  ? 48  THR A CB  1 
ATOM 200  O OG1 . THR A 1 27  ? -15.513 12.413  -2.857  1.00 76.82  ? 48  THR A OG1 1 
ATOM 201  C CG2 . THR A 1 27  ? -17.245 12.217  -1.189  1.00 76.82  ? 48  THR A CG2 1 
ATOM 202  N N   . VAL A 1 28  ? -14.347 9.094   -1.945  1.00 56.11  ? 49  VAL A N   1 
ATOM 203  C CA  . VAL A 1 28  ? -13.450 8.135   -2.582  1.00 56.11  ? 49  VAL A CA  1 
ATOM 204  C C   . VAL A 1 28  ? -12.498 8.803   -3.576  1.00 56.11  ? 49  VAL A C   1 
ATOM 205  O O   . VAL A 1 28  ? -11.354 8.369   -3.753  1.00 56.11  ? 49  VAL A O   1 
ATOM 206  C CB  . VAL A 1 28  ? -14.256 7.036   -3.318  1.00 53.02  ? 49  VAL A CB  1 
ATOM 207  C CG1 . VAL A 1 28  ? -14.851 7.607   -4.613  1.00 53.02  ? 49  VAL A CG1 1 
ATOM 208  C CG2 . VAL A 1 28  ? -13.376 5.822   -3.594  1.00 53.02  ? 49  VAL A CG2 1 
ATOM 209  N N   . ASP A 1 29  ? -12.965 9.858   -4.229  1.00 54.86  ? 50  ASP A N   1 
ATOM 210  C CA  . ASP A 1 29  ? -12.130 10.549  -5.203  1.00 54.86  ? 50  ASP A CA  1 
ATOM 211  C C   . ASP A 1 29  ? -11.103 11.505  -4.586  1.00 54.86  ? 50  ASP A C   1 
ATOM 212  O O   . ASP A 1 29  ? -10.159 11.910  -5.250  1.00 54.86  ? 50  ASP A O   1 
ATOM 213  C CB  . ASP A 1 29  ? -13.015 11.250  -6.248  1.00 105.18 ? 50  ASP A CB  1 
ATOM 214  C CG  . ASP A 1 29  ? -14.260 11.863  -5.643  1.00 105.18 ? 50  ASP A CG  1 
ATOM 215  O OD1 . ASP A 1 29  ? -14.128 12.778  -4.801  1.00 105.18 ? 50  ASP A OD1 1 
ATOM 216  O OD2 . ASP A 1 29  ? -15.373 11.421  -6.007  1.00 105.18 ? 50  ASP A OD2 1 
ATOM 217  N N   . ASN A 1 30  ? -11.280 11.870  -3.321  1.00 76.18  ? 51  ASN A N   1 
ATOM 218  C CA  . ASN A 1 30  ? -10.299 12.718  -2.652  1.00 76.18  ? 51  ASN A CA  1 
ATOM 219  C C   . ASN A 1 30  ? -9.190  11.787  -2.172  1.00 76.18  ? 51  ASN A C   1 
ATOM 220  O O   . ASN A 1 30  ? -8.085  12.232  -1.863  1.00 76.18  ? 51  ASN A O   1 
ATOM 221  C CB  . ASN A 1 30  ? -10.905 13.440  -1.453  1.00 56.33  ? 51  ASN A CB  1 
ATOM 222  C CG  . ASN A 1 30  ? -11.829 14.566  -1.853  1.00 56.33  ? 51  ASN A CG  1 
ATOM 223  O OD1 . ASN A 1 30  ? -11.403 15.541  -2.471  1.00 56.33  ? 51  ASN A OD1 1 
ATOM 224  N ND2 . ASN A 1 30  ? -13.098 14.446  -1.497  1.00 56.33  ? 51  ASN A ND2 1 
ATOM 225  N N   . ARG A 1 31  ? -9.508  10.491  -2.119  1.00 49.93  ? 52  ARG A N   1 
ATOM 226  C CA  . ARG A 1 31  ? -8.570  9.455   -1.695  1.00 49.93  ? 52  ARG A CA  1 
ATOM 227  C C   . ARG A 1 31  ? -7.570  9.160   -2.801  1.00 49.93  ? 52  ARG A C   1 
ATOM 228  O O   . ARG A 1 31  ? -6.380  8.963   -2.551  1.00 49.93  ? 52  ARG A O   1 
ATOM 229  C CB  . ARG A 1 31  ? -9.318  8.166   -1.315  1.00 36.78  ? 52  ARG A CB  1 
ATOM 230  C CG  . ARG A 1 31  ? -8.412  6.994   -0.922  1.00 36.78  ? 52  ARG A CG  1 
ATOM 231  C CD  . ARG A 1 31  ? -9.230  5.794   -0.484  1.00 36.78  ? 52  ARG A CD  1 
ATOM 232  N NE  . ARG A 1 31  ? -8.433  4.583   -0.304  1.00 36.78  ? 52  ARG A NE  1 
ATOM 233  C CZ  . ARG A 1 31  ? -7.814  3.956   -1.296  1.00 36.78  ? 52  ARG A CZ  1 
ATOM 234  N NH1 . ARG A 1 31  ? -7.921  4.434   -2.531  1.00 36.78  ? 52  ARG A NH1 1 
ATOM 235  N NH2 . ARG A 1 31  ? -7.094  2.858   -1.064  1.00 36.78  ? 52  ARG A NH2 1 
ATOM 236  N N   . THR A 1 32  ? -8.058  9.116   -4.031  1.00 49.91  ? 53  THR A N   1 
ATOM 237  C CA  . THR A 1 32  ? -7.183  8.857   -5.157  1.00 49.91  ? 53  THR A CA  1 
ATOM 238  C C   . THR A 1 32  ? -6.194  10.004  -5.288  1.00 49.91  ? 53  THR A C   1 
ATOM 239  O O   . THR A 1 32  ? -5.034  9.795   -5.609  1.00 49.91  ? 53  THR A O   1 
ATOM 240  C CB  . THR A 1 32  ? -7.972  8.724   -6.463  1.00 44.04  ? 53  THR A CB  1 
ATOM 241  O OG1 . THR A 1 32  ? -8.888  7.622   -6.369  1.00 44.04  ? 53  THR A OG1 1 
ATOM 242  C CG2 . THR A 1 32  ? -7.026  8.490   -7.606  1.00 44.04  ? 53  THR A CG2 1 
ATOM 243  N N   . ILE A 1 33  ? -6.654  11.219  -5.041  1.00 62.46  ? 54  ILE A N   1 
ATOM 244  C CA  . ILE A 1 33  ? -5.775  12.375  -5.128  1.00 62.46  ? 54  ILE A CA  1 
ATOM 245  C C   . ILE A 1 33  ? -4.711  12.331  -4.027  1.00 62.46  ? 54  ILE A C   1 
ATOM 246  O O   . ILE A 1 33  ? -3.512  12.392  -4.302  1.00 62.46  ? 54  ILE A O   1 
ATOM 247  C CB  . ILE A 1 33  ? -6.570  13.694  -5.001  1.00 45.39  ? 54  ILE A CB  1 
ATOM 248  C CG1 . ILE A 1 33  ? -7.510  13.846  -6.198  1.00 45.39  ? 54  ILE A CG1 1 
ATOM 249  C CG2 . ILE A 1 33  ? -5.605  14.881  -4.894  1.00 45.39  ? 54  ILE A CG2 1 
ATOM 250  C CD1 . ILE A 1 33  ? -8.317  15.105  -6.174  1.00 45.39  ? 54  ILE A CD1 1 
ATOM 251  N N   . LEU A 1 34  ? -5.171  12.221  -2.783  1.00 47.52  ? 55  LEU A N   1 
ATOM 252  C CA  . LEU A 1 34  ? -4.311  12.164  -1.608  1.00 47.52  ? 55  LEU A CA  1 
ATOM 253  C C   . LEU A 1 34  ? -3.266  11.043  -1.661  1.00 47.52  ? 55  LEU A C   1 
ATOM 254  O O   . LEU A 1 34  ? -2.111  11.266  -1.308  1.00 47.52  ? 55  LEU A O   1 
ATOM 255  C CB  . LEU A 1 34  ? -5.182  12.019  -0.355  1.00 42.53  ? 55  LEU A CB  1 
ATOM 256  C CG  . LEU A 1 34  ? -4.467  11.960  0.990   1.00 42.53  ? 55  LEU A CG  1 
ATOM 257  C CD1 . LEU A 1 34  ? -3.663  13.226  1.199   1.00 42.53  ? 55  LEU A CD1 1 
ATOM 258  C CD2 . LEU A 1 34  ? -5.494  11.761  2.089   1.00 42.53  ? 55  LEU A CD2 1 
ATOM 259  N N   . LEU A 1 35  ? -3.665  9.847   -2.089  1.00 58.78  ? 56  LEU A N   1 
ATOM 260  C CA  . LEU A 1 35  ? -2.732  8.724   -2.180  1.00 58.78  ? 56  LEU A CA  1 
ATOM 261  C C   . LEU A 1 35  ? -1.685  8.885   -3.271  1.00 58.78  ? 56  LEU A C   1 
ATOM 262  O O   . LEU A 1 35  ? -0.617  8.275   -3.208  1.00 58.78  ? 56  LEU A O   1 
ATOM 263  C CB  . LEU A 1 35  ? -3.460  7.401   -2.421  1.00 29.78  ? 56  LEU A CB  1 
ATOM 264  C CG  . LEU A 1 35  ? -4.223  6.692   -1.301  1.00 29.78  ? 56  LEU A CG  1 
ATOM 265  C CD1 . LEU A 1 35  ? -4.551  5.291   -1.824  1.00 29.78  ? 56  LEU A CD1 1 
ATOM 266  C CD2 . LEU A 1 35  ? -3.391  6.583   -0.016  1.00 29.78  ? 56  LEU A CD2 1 
ATOM 267  N N   . THR A 1 36  ? -1.998  9.684   -4.285  1.00 33.33  ? 57  THR A N   1 
ATOM 268  C CA  . THR A 1 36  ? -1.064  9.916   -5.378  1.00 33.33  ? 57  THR A CA  1 
ATOM 269  C C   . THR A 1 36  ? -0.006  10.848  -4.855  1.00 33.33  ? 57  THR A C   1 
ATOM 270  O O   . THR A 1 36  ? 1.169   10.746  -5.211  1.00 33.33  ? 57  THR A O   1 
ATOM 271  C CB  . THR A 1 36  ? -1.745  10.573  -6.547  1.00 34.88  ? 57  THR A CB  1 
ATOM 272  O OG1 . THR A 1 36  ? -2.757  9.699   -7.061  1.00 34.88  ? 57  THR A OG1 1 
ATOM 273  C CG2 . THR A 1 36  ? -0.732  10.869  -7.625  1.00 34.88  ? 57  THR A CG2 1 
ATOM 274  N N   . TRP A 1 37  ? -0.468  11.757  -3.998  1.00 35.94  ? 58  TRP A N   1 
ATOM 275  C CA  . TRP A 1 37  ? 0.346   12.753  -3.323  1.00 35.94  ? 58  TRP A CA  1 
ATOM 276  C C   . TRP A 1 37  ? 1.296   12.059  -2.340  1.00 35.94  ? 58  TRP A C   1 
ATOM 277  O O   . TRP A 1 37  ? 2.498   12.308  -2.360  1.00 35.94  ? 58  TRP A O   1 
ATOM 278  C CB  . TRP A 1 37  ? -0.567  13.721  -2.563  1.00 38.12  ? 58  TRP A CB  1 
ATOM 279  C CG  . TRP A 1 37  ? 0.210   14.725  -1.774  1.00 38.12  ? 58  TRP A CG  1 
ATOM 280  C CD1 . TRP A 1 37  ? 0.949   15.747  -2.277  1.00 38.12  ? 58  TRP A CD1 1 
ATOM 281  C CD2 . TRP A 1 37  ? 0.463   14.709  -0.353  1.00 38.12  ? 58  TRP A CD2 1 
ATOM 282  N NE1 . TRP A 1 37  ? 1.649   16.358  -1.277  1.00 38.12  ? 58  TRP A NE1 1 
ATOM 283  C CE2 . TRP A 1 37  ? 1.374   15.744  -0.086  1.00 38.12  ? 58  TRP A CE2 1 
ATOM 284  C CE3 . TRP A 1 37  ? 0.014   13.914  0.710   1.00 38.12  ? 58  TRP A CE3 1 
ATOM 285  C CZ2 . TRP A 1 37  ? 1.845   16.014  1.204   1.00 38.12  ? 58  TRP A CZ2 1 
ATOM 286  C CZ3 . TRP A 1 37  ? 0.487   14.184  1.985   1.00 38.12  ? 58  TRP A CZ3 1 
ATOM 287  C CH2 . TRP A 1 37  ? 1.395   15.225  2.219   1.00 38.12  ? 58  TRP A CH2 1 
ATOM 288  N N   . MET A 1 38  ? 0.735   11.196  -1.485  1.00 28.51  ? 59  MET A N   1 
ATOM 289  C CA  . MET A 1 38  ? 1.477   10.426  -0.474  1.00 28.51  ? 59  MET A CA  1 
ATOM 290  C C   . MET A 1 38  ? 2.513   9.530   -1.134  1.00 28.51  ? 59  MET A C   1 
ATOM 291  O O   . MET A 1 38  ? 3.608   9.356   -0.632  1.00 28.51  ? 59  MET A O   1 
ATOM 292  C CB  . MET A 1 38  ? 0.504   9.575   0.359   1.00 29.07  ? 59  MET A CB  1 
ATOM 293  C CG  . MET A 1 38  ? -0.554  10.393  1.123   1.00 29.07  ? 59  MET A CG  1 
ATOM 294  S SD  . MET A 1 38  ? -1.868  9.484   2.025   1.00 29.07  ? 59  MET A SD  1 
ATOM 295  C CE  . MET A 1 38  ? -0.941  8.485   3.131   1.00 29.07  ? 59  MET A CE  1 
ATOM 296  N N   . HIS A 1 39  ? 2.151   8.956   -2.270  1.00 35.78  ? 60  HIS A N   1 
ATOM 297  C CA  . HIS A 1 39  ? 3.049   8.099   -3.026  1.00 35.78  ? 60  HIS A CA  1 
ATOM 298  C C   . HIS A 1 39  ? 4.271   8.910   -3.460  1.00 35.78  ? 60  HIS A C   1 
ATOM 299  O O   . HIS A 1 39  ? 5.401   8.476   -3.318  1.00 35.78  ? 60  HIS A O   1 
ATOM 300  C CB  . HIS A 1 39  ? 2.323   7.569   -4.259  1.00 43.66  ? 60  HIS A CB  1 
ATOM 301  C CG  . HIS A 1 39  ? 3.155   6.682   -5.121  1.00 43.66  ? 60  HIS A CG  1 
ATOM 302  N ND1 . HIS A 1 39  ? 3.576   5.427   -4.717  1.00 43.66  ? 60  HIS A ND1 1 
ATOM 303  C CD2 . HIS A 1 39  ? 3.640   6.852   -6.372  1.00 43.66  ? 60  HIS A CD2 1 
ATOM 304  C CE1 . HIS A 1 39  ? 4.277   4.872   -5.687  1.00 43.66  ? 60  HIS A CE1 1 
ATOM 305  N NE2 . HIS A 1 39  ? 4.330   5.714   -6.697  1.00 43.66  ? 60  HIS A NE2 1 
ATOM 306  N N   . LEU A 1 40  ? 4.023   10.091  -4.011  1.00 44.53  ? 61  LEU A N   1 
ATOM 307  C CA  . LEU A 1 40  ? 5.085   10.981  -4.465  1.00 44.53  ? 61  LEU A CA  1 
ATOM 308  C C   . LEU A 1 40  ? 5.962   11.355  -3.280  1.00 44.53  ? 61  LEU A C   1 
ATOM 309  O O   . LEU A 1 40  ? 7.181   11.454  -3.397  1.00 44.53  ? 61  LEU A O   1 
ATOM 310  C CB  . LEU A 1 40  ? 4.465   12.244  -5.082  1.00 33.30  ? 61  LEU A CB  1 
ATOM 311  C CG  . LEU A 1 40  ? 5.360   13.413  -5.495  1.00 33.30  ? 61  LEU A CG  1 
ATOM 312  C CD1 . LEU A 1 40  ? 6.259   13.030  -6.653  1.00 33.30  ? 61  LEU A CD1 1 
ATOM 313  C CD2 . LEU A 1 40  ? 4.471   14.564  -5.887  1.00 33.30  ? 61  LEU A CD2 1 
ATOM 314  N N   . LEU A 1 41  ? 5.313   11.558  -2.139  1.00 41.03  ? 62  LEU A N   1 
ATOM 315  C CA  . LEU A 1 41  ? 5.983   11.924  -0.907  1.00 41.03  ? 62  LEU A CA  1 
ATOM 316  C C   . LEU A 1 41  ? 6.880   10.776  -0.465  1.00 41.03  ? 62  LEU A C   1 
ATOM 317  O O   . LEU A 1 41  ? 8.032   10.989  -0.133  1.00 41.03  ? 62  LEU A O   1 
ATOM 318  C CB  . LEU A 1 41  ? 4.942   12.243  0.171   1.00 45.20  ? 62  LEU A CB  1 
ATOM 319  C CG  . LEU A 1 41  ? 5.390   12.852  1.505   1.00 45.20  ? 62  LEU A CG  1 
ATOM 320  C CD1 . LEU A 1 41  ? 6.104   14.181  1.237   1.00 45.20  ? 62  LEU A CD1 1 
ATOM 321  C CD2 . LEU A 1 41  ? 4.172   13.052  2.426   1.00 45.20  ? 62  LEU A CD2 1 
ATOM 322  N N   . CYS A 1 42  ? 6.367   9.554   -0.469  1.00 67.84  ? 63  CYS A N   1 
ATOM 323  C CA  . CYS A 1 42  ? 7.190   8.423   -0.063  1.00 67.84  ? 63  CYS A CA  1 
ATOM 324  C C   . CYS A 1 42  ? 8.333   8.151   -1.040  1.00 67.84  ? 63  CYS A C   1 
ATOM 325  O O   . CYS A 1 42  ? 9.370   7.628   -0.654  1.00 67.84  ? 63  CYS A O   1 
ATOM 326  C CB  . CYS A 1 42  ? 6.333   7.168   0.097   1.00 46.44  ? 63  CYS A CB  1 
ATOM 327  S SG  . CYS A 1 42  ? 5.225   7.232   1.508   1.00 46.44  ? 63  CYS A SG  1 
ATOM 328  N N   . GLU A 1 43  ? 8.147   8.507   -2.304  1.00 74.03  ? 64  GLU A N   1 
ATOM 329  C CA  . GLU A 1 43  ? 9.182   8.293   -3.308  1.00 74.03  ? 64  GLU A CA  1 
ATOM 330  C C   . GLU A 1 43  ? 10.269  9.355   -3.224  1.00 74.03  ? 64  GLU A C   1 
ATOM 331  O O   . GLU A 1 43  ? 11.450  9.065   -3.425  1.00 74.03  ? 64  GLU A O   1 
ATOM 332  C CB  . GLU A 1 43  ? 8.563   8.280   -4.707  1.00 65.96  ? 64  GLU A CB  1 
ATOM 333  C CG  . GLU A 1 43  ? 7.760   7.034   -5.000  1.00 65.96  ? 64  GLU A CG  1 
ATOM 334  C CD  . GLU A 1 43  ? 8.611   5.787   -4.911  1.00 65.96  ? 64  GLU A CD  1 
ATOM 335  O OE1 . GLU A 1 43  ? 9.600   5.694   -5.669  1.00 65.96  ? 64  GLU A OE1 1 
ATOM 336  O OE2 . GLU A 1 43  ? 8.298   4.904   -4.080  1.00 65.96  ? 64  GLU A OE2 1 
ATOM 337  N N   . SER A 1 44  ? 9.855   10.584  -2.926  1.00 41.17  ? 65  SER A N   1 
ATOM 338  C CA  . SER A 1 44  ? 10.766  11.709  -2.799  1.00 41.17  ? 65  SER A CA  1 
ATOM 339  C C   . SER A 1 44  ? 11.741  11.466  -1.652  1.00 41.17  ? 65  SER A C   1 
ATOM 340  O O   . SER A 1 44  ? 12.835  12.023  -1.628  1.00 41.17  ? 65  SER A O   1 
ATOM 341  C CB  . SER A 1 44  ? 9.976   12.978  -2.550  1.00 16.41  ? 65  SER A CB  1 
ATOM 342  N N   . PHE A 1 45  ? 11.336  10.626  -0.707  1.00 45.31  ? 66  PHE A N   1 
ATOM 343  C CA  . PHE A 1 45  ? 12.145  10.292  0.461   1.00 45.31  ? 66  PHE A CA  1 
ATOM 344  C C   . PHE A 1 45  ? 12.824  8.928   0.332   1.00 45.31  ? 66  PHE A C   1 
ATOM 345  O O   . PHE A 1 45  ? 13.632  8.557   1.175   1.00 45.31  ? 66  PHE A O   1 
ATOM 346  C CB  . PHE A 1 45  ? 11.269  10.316  1.720   1.00 85.06  ? 66  PHE A CB  1 
ATOM 347  C CG  . PHE A 1 45  ? 10.867  11.703  2.171   1.00 85.06  ? 66  PHE A CG  1 
ATOM 348  C CD1 . PHE A 1 45  ? 9.833   12.390  1.537   1.00 85.06  ? 66  PHE A CD1 1 
ATOM 349  C CD2 . PHE A 1 45  ? 11.519  12.316  3.243   1.00 85.06  ? 66  PHE A CD2 1 
ATOM 350  C CE1 . PHE A 1 45  ? 9.452   13.665  1.964   1.00 85.06  ? 66  PHE A CE1 1 
ATOM 351  C CE2 . PHE A 1 45  ? 11.144  13.586  3.678   1.00 85.06  ? 66  PHE A CE2 1 
ATOM 352  C CZ  . PHE A 1 45  ? 10.112  14.261  3.039   1.00 85.06  ? 66  PHE A CZ  1 
ATOM 353  N N   . GLU A 1 46  ? 12.494  8.185   -0.719  1.00 98.82  ? 67  GLU A N   1 
ATOM 354  C CA  . GLU A 1 46  ? 13.079  6.863   -0.948  1.00 98.82  ? 67  GLU A CA  1 
ATOM 355  C C   . GLU A 1 46  ? 12.990  5.994   0.301   1.00 98.82  ? 67  GLU A C   1 
ATOM 356  O O   . GLU A 1 46  ? 13.967  5.364   0.705   1.00 98.82  ? 67  GLU A O   1 
ATOM 357  C CB  . GLU A 1 46  ? 14.535  7.008   -1.363  1.00 59.24  ? 67  GLU A CB  1 
ATOM 358  C CG  . GLU A 1 46  ? 14.720  7.910   -2.555  1.00 59.24  ? 67  GLU A CG  1 
ATOM 359  C CD  . GLU A 1 46  ? 16.176  8.175   -2.856  1.00 59.24  ? 67  GLU A CD  1 
ATOM 360  O OE1 . GLU A 1 46  ? 16.897  8.594   -1.924  1.00 59.24  ? 67  GLU A OE1 1 
ATOM 361  O OE2 . GLU A 1 46  ? 16.600  7.985   -4.018  1.00 59.24  ? 67  GLU A OE2 1 
ATOM 362  N N   . LEU A 1 47  ? 11.802  5.970   0.896   1.00 55.07  ? 68  LEU A N   1 
ATOM 363  C CA  . LEU A 1 47  ? 11.526  5.205   2.104   1.00 55.07  ? 68  LEU A CA  1 
ATOM 364  C C   . LEU A 1 47  ? 11.250  3.765   1.729   1.00 55.07  ? 68  LEU A C   1 
ATOM 365  O O   . LEU A 1 47  ? 10.917  3.485   0.580   1.00 55.07  ? 68  LEU A O   1 
ATOM 366  C CB  . LEU A 1 47  ? 10.286  5.776   2.775   1.00 23.72  ? 68  LEU A CB  1 
ATOM 367  C CG  . LEU A 1 47  ? 10.326  7.270   3.029   1.00 23.72  ? 68  LEU A CG  1 
ATOM 368  C CD1 . LEU A 1 47  ? 8.991   7.717   3.539   1.00 23.72  ? 68  LEU A CD1 1 
ATOM 369  C CD2 . LEU A 1 47  ? 11.423  7.584   4.001   1.00 23.72  ? 68  LEU A CD2 1 
ATOM 370  N N   . ASP A 1 48  ? 11.369  2.859   2.695   1.00 51.63  ? 69  ASP A N   1 
ATOM 371  C CA  . ASP A 1 48  ? 11.093  1.443   2.458   1.00 51.63  ? 69  ASP A CA  1 
ATOM 372  C C   . ASP A 1 48  ? 9.818   1.231   1.654   1.00 51.63  ? 69  ASP A C   1 
ATOM 373  O O   . ASP A 1 48  ? 8.853   1.989   1.775   1.00 51.63  ? 69  ASP A O   1 
ATOM 374  C CB  . ASP A 1 48  ? 10.967  0.710   3.784   1.00 79.15  ? 69  ASP A CB  1 
ATOM 375  C CG  . ASP A 1 48  ? 12.284  0.560   4.479   1.00 79.15  ? 69  ASP A CG  1 
ATOM 376  O OD1 . ASP A 1 48  ? 13.063  1.539   4.490   1.00 79.15  ? 69  ASP A OD1 1 
ATOM 377  O OD2 . ASP A 1 48  ? 12.530  -0.531  5.029   1.00 79.15  ? 69  ASP A OD2 1 
ATOM 378  N N   . LYS A 1 49  ? 9.824   0.194   0.826   1.00 47.91  ? 70  LYS A N   1 
ATOM 379  C CA  . LYS A 1 49  ? 8.676   -0.131  -0.001  1.00 47.91  ? 70  LYS A CA  1 
ATOM 380  C C   . LYS A 1 49  ? 7.425   -0.430  0.821   1.00 47.91  ? 70  LYS A C   1 
ATOM 381  O O   . LYS A 1 49  ? 6.307   -0.412  0.302   1.00 47.91  ? 70  LYS A O   1 
ATOM 382  C CB  . LYS A 1 49  ? 9.027   -1.317  -0.897  1.00 55.11  ? 70  LYS A CB  1 
ATOM 383  C CG  . LYS A 1 49  ? 10.073  -0.970  -1.937  1.00 55.11  ? 70  LYS A CG  1 
ATOM 384  C CD  . LYS A 1 49  ? 9.519   0.036   -2.937  1.00 55.11  ? 70  LYS A CD  1 
ATOM 385  C CE  . LYS A 1 49  ? 10.616  0.584   -3.830  1.00 55.11  ? 70  LYS A CE  1 
ATOM 386  N NZ  . LYS A 1 49  ? 11.338  -0.482  -4.567  1.00 55.11  ? 70  LYS A NZ  1 
ATOM 387  N N   . SER A 1 50  ? 7.618   -0.685  2.107   1.00 35.67  ? 71  SER A N   1 
ATOM 388  C CA  . SER A 1 50  ? 6.513   -0.988  2.998   1.00 35.67  ? 71  SER A CA  1 
ATOM 389  C C   . SER A 1 50  ? 5.865   0.245   3.633   1.00 35.67  ? 71  SER A C   1 
ATOM 390  O O   . SER A 1 50  ? 4.755   0.162   4.140   1.00 35.67  ? 71  SER A O   1 
ATOM 391  C CB  . SER A 1 50  ? 7.000   -1.901  4.101   1.00 46.92  ? 71  SER A CB  1 
ATOM 392  O OG  . SER A 1 50  ? 7.970   -1.228  4.875   1.00 46.92  ? 71  SER A OG  1 
ATOM 393  N N   . VAL A 1 51  ? 6.550   1.386   3.604   1.00 34.96  ? 72  VAL A N   1 
ATOM 394  C CA  . VAL A 1 51  ? 6.017   2.609   4.207   1.00 34.96  ? 72  VAL A CA  1 
ATOM 395  C C   . VAL A 1 51  ? 4.754   3.151   3.531   1.00 34.96  ? 72  VAL A C   1 
ATOM 396  O O   . VAL A 1 51  ? 3.798   3.519   4.217   1.00 34.96  ? 72  VAL A O   1 
ATOM 397  C CB  . VAL A 1 51  ? 7.109   3.732   4.272   1.00 31.61  ? 72  VAL A CB  1 
ATOM 398  C CG1 . VAL A 1 51  ? 6.576   4.964   5.021   1.00 31.61  ? 72  VAL A CG1 1 
ATOM 399  C CG2 . VAL A 1 51  ? 8.352   3.212   4.976   1.00 31.61  ? 72  VAL A CG2 1 
ATOM 400  N N   . PHE A 1 52  ? 4.741   3.210   2.200   1.00 50.29  ? 73  PHE A N   1 
ATOM 401  C CA  . PHE A 1 52  ? 3.554   3.712   1.498   1.00 50.29  ? 73  PHE A CA  1 
ATOM 402  C C   . PHE A 1 52  ? 2.378   2.767   1.656   1.00 50.29  ? 73  PHE A C   1 
ATOM 403  O O   . PHE A 1 52  ? 1.293   3.180   2.056   1.00 50.29  ? 73  PHE A O   1 
ATOM 404  C CB  . PHE A 1 52  ? 3.797   3.921   -0.004  1.00 30.73  ? 73  PHE A CB  1 
ATOM 405  C CG  . PHE A 1 52  ? 2.572   4.396   -0.746  1.00 30.73  ? 73  PHE A CG  1 
ATOM 406  C CD1 . PHE A 1 52  ? 2.030   5.652   -0.491  1.00 30.73  ? 73  PHE A CD1 1 
ATOM 407  C CD2 . PHE A 1 52  ? 1.921   3.571   -1.644  1.00 30.73  ? 73  PHE A CD2 1 
ATOM 408  C CE1 . PHE A 1 52  ? 0.858   6.076   -1.117  1.00 30.73  ? 73  PHE A CE1 1 
ATOM 409  C CE2 . PHE A 1 52  ? 0.745   3.993   -2.270  1.00 30.73  ? 73  PHE A CE2 1 
ATOM 410  C CZ  . PHE A 1 52  ? 0.217   5.251   -2.000  1.00 30.73  ? 73  PHE A CZ  1 
ATOM 411  N N   . PRO A 1 53  ? 2.561   1.485   1.303   1.00 47.06  ? 74  PRO A N   1 
ATOM 412  C CA  . PRO A 1 53  ? 1.428   0.573   1.456   1.00 47.06  ? 74  PRO A CA  1 
ATOM 413  C C   . PRO A 1 53  ? 0.857   0.533   2.866   1.00 47.06  ? 74  PRO A C   1 
ATOM 414  O O   . PRO A 1 53  ? -0.323  0.295   3.035   1.00 47.06  ? 74  PRO A O   1 
ATOM 415  C CB  . PRO A 1 53  ? 2.005   -0.763  0.974   1.00 64.99  ? 74  PRO A CB  1 
ATOM 416  C CG  . PRO A 1 53  ? 3.481   -0.602  1.250   1.00 64.99  ? 74  PRO A CG  1 
ATOM 417  C CD  . PRO A 1 53  ? 3.697   0.767   0.705   1.00 64.99  ? 74  PRO A CD  1 
ATOM 418  N N   . LEU A 1 54  ? 1.692   0.801   3.868   1.00 28.95  ? 75  LEU A N   1 
ATOM 419  C CA  . LEU A 1 54  ? 1.270   0.796   5.271   1.00 28.95  ? 75  LEU A CA  1 
ATOM 420  C C   . LEU A 1 54  ? 0.519   2.068   5.623   1.00 28.95  ? 75  LEU A C   1 
ATOM 421  O O   . LEU A 1 54  ? -0.381  2.044   6.438   1.00 28.95  ? 75  LEU A O   1 
ATOM 422  C CB  . LEU A 1 54  ? 2.483   0.695   6.179   1.00 25.28  ? 75  LEU A CB  1 
ATOM 423  C CG  . LEU A 1 54  ? 2.412   0.202   7.628   1.00 25.28  ? 75  LEU A CG  1 
ATOM 424  C CD1 . LEU A 1 54  ? 3.770   0.460   8.208   1.00 25.28  ? 75  LEU A CD1 1 
ATOM 425  C CD2 . LEU A 1 54  ? 1.373   0.898   8.457   1.00 25.28  ? 75  LEU A CD2 1 
ATOM 426  N N   . SER A 1 55  ? 0.909   3.189   5.033   1.00 32.95  ? 76  SER A N   1 
ATOM 427  C CA  . SER A 1 55  ? 0.238   4.453   5.296   1.00 32.95  ? 76  SER A CA  1 
ATOM 428  C C   . SER A 1 55  ? -1.168  4.417   4.684   1.00 32.95  ? 76  SER A C   1 
ATOM 429  O O   . SER A 1 55  ? -2.110  5.019   5.217   1.00 32.95  ? 76  SER A O   1 
ATOM 430  C CB  . SER A 1 55  ? 1.015   5.602   4.672   1.00 34.34  ? 76  SER A CB  1 
ATOM 431  O OG  . SER A 1 55  ? 0.801   5.634   3.276   1.00 34.34  ? 76  SER A OG  1 
ATOM 432  N N   . VAL A 1 56  ? -1.299  3.738   3.546   1.00 39.39  ? 77  VAL A N   1 
ATOM 433  C CA  . VAL A 1 56  ? -2.595  3.604   2.882   1.00 39.39  ? 77  VAL A CA  1 
ATOM 434  C C   . VAL A 1 56  ? -3.515  2.886   3.876   1.00 39.39  ? 77  VAL A C   1 
ATOM 435  O O   . VAL A 1 56  ? -4.627  3.331   4.127   1.00 39.39  ? 77  VAL A O   1 
ATOM 436  C CB  . VAL A 1 56  ? -2.478  2.783   1.559   1.00 39.59  ? 77  VAL A CB  1 
ATOM 437  C CG1 . VAL A 1 56  ? -3.834  2.664   0.884   1.00 39.59  ? 77  VAL A CG1 1 
ATOM 438  C CG2 . VAL A 1 56  ? -1.494  3.447   0.618   1.00 39.59  ? 77  VAL A CG2 1 
ATOM 439  N N   . SER A 1 57  ? -3.028  1.787   4.449   1.00 36.14  ? 78  SER A N   1 
ATOM 440  C CA  . SER A 1 57  ? -3.756  1.011   5.449   1.00 36.14  ? 78  SER A CA  1 
ATOM 441  C C   . SER A 1 57  ? -4.203  1.886   6.625   1.00 36.14  ? 78  SER A C   1 
ATOM 442  O O   . SER A 1 57  ? -5.366  1.867   7.014   1.00 36.14  ? 78  SER A O   1 
ATOM 443  C CB  . SER A 1 57  ? -2.861  -0.093  5.977   1.00 30.59  ? 78  SER A CB  1 
ATOM 444  O OG  . SER A 1 57  ? -3.497  -0.747  7.046   1.00 30.59  ? 78  SER A OG  1 
ATOM 445  N N   . ILE A 1 58  ? -3.256  2.624   7.202   1.00 37.62  ? 79  ILE A N   1 
ATOM 446  C CA  . ILE A 1 58  ? -3.505  3.549   8.306   1.00 37.62  ? 79  ILE A CA  1 
ATOM 447  C C   . ILE A 1 58  ? -4.602  4.540   7.894   1.00 37.62  ? 79  ILE A C   1 
ATOM 448  O O   . ILE A 1 58  ? -5.598  4.712   8.597   1.00 37.62  ? 79  ILE A O   1 
ATOM 449  C CB  . ILE A 1 58  ? -2.265  4.410   8.592   1.00 29.87  ? 79  ILE A CB  1 
ATOM 450  C CG1 . ILE A 1 58  ? -1.058  3.539   8.962   1.00 29.87  ? 79  ILE A CG1 1 
ATOM 451  C CG2 . ILE A 1 58  ? -2.614  5.475   9.629   1.00 29.87  ? 79  ILE A CG2 1 
ATOM 452  C CD1 . ILE A 1 58  ? -1.152  2.873   10.289  1.00 29.87  ? 79  ILE A CD1 1 
ATOM 453  N N   . LEU A 1 59  ? -4.386  5.202   6.754   1.00 40.79  ? 80  LEU A N   1 
ATOM 454  C CA  . LEU A 1 59  ? -5.311  6.210   6.227   1.00 40.79  ? 80  LEU A CA  1 
ATOM 455  C C   . LEU A 1 59  ? -6.754  5.763   6.090   1.00 40.79  ? 80  LEU A C   1 
ATOM 456  O O   . LEU A 1 59  ? -7.658  6.432   6.579   1.00 40.79  ? 80  LEU A O   1 
ATOM 457  C CB  . LEU A 1 59  ? -4.827  6.733   4.862   1.00 15.26  ? 80  LEU A CB  1 
ATOM 458  C CG  . LEU A 1 59  ? -5.806  7.611   4.050   1.00 15.26  ? 80  LEU A CG  1 
ATOM 459  C CD1 . LEU A 1 59  ? -5.959  8.992   4.673   1.00 15.26  ? 80  LEU A CD1 1 
ATOM 460  C CD2 . LEU A 1 59  ? -5.311  7.698   2.612   1.00 15.26  ? 80  LEU A CD2 1 
ATOM 461  N N   . ASP A 1 60  ? -6.973  4.648   5.400   1.00 53.65  ? 81  ASP A N   1 
ATOM 462  C CA  . ASP A 1 60  ? -8.324  4.145   5.205   1.00 53.65  ? 81  ASP A CA  1 
ATOM 463  C C   . ASP A 1 60  ? -8.938  3.685   6.504   1.00 53.65  ? 81  ASP A C   1 
ATOM 464  O O   . ASP A 1 60  ? -10.154 3.559   6.609   1.00 53.65  ? 81  ASP A O   1 
ATOM 465  C CB  . ASP A 1 60  ? -8.349  3.012   4.182   1.00 44.94  ? 81  ASP A CB  1 
ATOM 466  C CG  . ASP A 1 60  ? -7.929  3.475   2.814   1.00 44.94  ? 81  ASP A CG  1 
ATOM 467  O OD1 . ASP A 1 60  ? -8.333  4.587   2.420   1.00 44.94  ? 81  ASP A OD1 1 
ATOM 468  O OD2 . ASP A 1 60  ? -7.213  2.726   2.124   1.00 44.94  ? 81  ASP A OD2 1 
ATOM 469  N N   . ARG A 1 61  ? -8.095  3.425   7.495   1.00 50.02  ? 82  ARG A N   1 
ATOM 470  C CA  . ARG A 1 61  ? -8.599  3.028   8.791   1.00 50.02  ? 82  ARG A CA  1 
ATOM 471  C C   . ARG A 1 61  ? -8.983  4.289   9.529   1.00 50.02  ? 82  ARG A C   1 
ATOM 472  O O   . ARG A 1 61  ? -10.155 4.507   9.830   1.00 50.02  ? 82  ARG A O   1 
ATOM 473  C CB  . ARG A 1 61  ? -7.559  2.244   9.576   1.00 45.37  ? 82  ARG A CB  1 
ATOM 474  C CG  . ARG A 1 61  ? -7.484  0.810   9.149   1.00 45.37  ? 82  ARG A CG  1 
ATOM 475  C CD  . ARG A 1 61  ? -6.695  -0.007  10.139  1.00 45.37  ? 82  ARG A CD  1 
ATOM 476  N NE  . ARG A 1 61  ? -5.259  0.096   9.935   1.00 45.37  ? 82  ARG A NE  1 
ATOM 477  C CZ  . ARG A 1 61  ? -4.362  -0.403  10.774  1.00 45.37  ? 82  ARG A CZ  1 
ATOM 478  N NH1 . ARG A 1 61  ? -4.772  -1.038  11.871  1.00 45.37  ? 82  ARG A NH1 1 
ATOM 479  N NH2 . ARG A 1 61  ? -3.062  -0.275  10.512  1.00 45.37  ? 82  ARG A NH2 1 
ATOM 480  N N   . TYR A 1 62  ? -7.995  5.129   9.809   1.00 63.70  ? 83  TYR A N   1 
ATOM 481  C CA  . TYR A 1 62  ? -8.243  6.382   10.494  1.00 63.70  ? 83  TYR A CA  1 
ATOM 482  C C   . TYR A 1 62  ? -9.545  7.018   10.018  1.00 63.70  ? 83  TYR A C   1 
ATOM 483  O O   . TYR A 1 62  ? -10.424 7.321   10.826  1.00 63.70  ? 83  TYR A O   1 
ATOM 484  C CB  . TYR A 1 62  ? -7.113  7.355   10.217  1.00 45.65  ? 83  TYR A CB  1 
ATOM 485  C CG  . TYR A 1 62  ? -7.350  8.722   10.812  1.00 45.65  ? 83  TYR A CG  1 
ATOM 486  C CD1 . TYR A 1 62  ? -7.441  8.891   12.191  1.00 45.65  ? 83  TYR A CD1 1 
ATOM 487  C CD2 . TYR A 1 62  ? -7.466  9.845   9.998   1.00 45.65  ? 83  TYR A CD2 1 
ATOM 488  C CE1 . TYR A 1 62  ? -7.634  10.129  12.746  1.00 45.65  ? 83  TYR A CE1 1 
ATOM 489  C CE2 . TYR A 1 62  ? -7.661  11.098  10.548  1.00 45.65  ? 83  TYR A CE2 1 
ATOM 490  C CZ  . TYR A 1 62  ? -7.740  11.232  11.925  1.00 45.65  ? 83  TYR A CZ  1 
ATOM 491  O OH  . TYR A 1 62  ? -7.901  12.469  12.498  1.00 45.65  ? 83  TYR A OH  1 
ATOM 492  N N   . LEU A 1 63  ? -9.649  7.221   8.701   1.00 74.03  ? 84  LEU A N   1 
ATOM 493  C CA  . LEU A 1 63  ? -10.822 7.832   8.082   1.00 74.03  ? 84  LEU A CA  1 
ATOM 494  C C   . LEU A 1 63  ? -12.068 6.966   8.049   1.00 74.03  ? 84  LEU A C   1 
ATOM 495  O O   . LEU A 1 63  ? -13.111 7.378   7.537   1.00 74.03  ? 84  LEU A O   1 
ATOM 496  C CB  . LEU A 1 63  ? -10.496 8.313   6.668   1.00 34.51  ? 84  LEU A CB  1 
ATOM 497  C CG  . LEU A 1 63  ? -9.636  9.585   6.654   1.00 34.51  ? 84  LEU A CG  1 
ATOM 498  C CD1 . LEU A 1 63  ? -9.364  10.074  5.216   1.00 34.51  ? 84  LEU A CD1 1 
ATOM 499  C CD2 . LEU A 1 63  ? -10.362 10.662  7.470   1.00 34.51  ? 84  LEU A CD2 1 
ATOM 500  N N   . CYS A 1 64  ? -11.963 5.766   8.595   1.00 50.20  ? 85  CYS A N   1 
ATOM 501  C CA  . CYS A 1 64  ? -13.096 4.867   8.658   1.00 50.20  ? 85  CYS A CA  1 
ATOM 502  C C   . CYS A 1 64  ? -13.768 5.072   10.024  1.00 50.20  ? 85  CYS A C   1 
ATOM 503  O O   . CYS A 1 64  ? -14.683 4.337   10.393  1.00 50.20  ? 85  CYS A O   1 
ATOM 504  C CB  . CYS A 1 64  ? -12.610 3.424   8.493   1.00 69.18  ? 85  CYS A CB  1 
ATOM 505  S SG  . CYS A 1 64  ? -13.851 2.136   8.688   1.00 69.18  ? 85  CYS A SG  1 
ATOM 506  N N   . LYS A 1 65  ? -13.299 6.072   10.775  1.00 76.95  ? 86  LYS A N   1 
ATOM 507  C CA  . LYS A 1 65  ? -13.850 6.378   12.101  1.00 76.95  ? 86  LYS A CA  1 
ATOM 508  C C   . LYS A 1 65  ? -13.906 7.871   12.416  1.00 76.95  ? 86  LYS A C   1 
ATOM 509  O O   . LYS A 1 65  ? -14.933 8.382   12.860  1.00 76.95  ? 86  LYS A O   1 
ATOM 510  C CB  . LYS A 1 65  ? -13.063 5.647   13.199  1.00 85.32  ? 86  LYS A CB  1 
ATOM 511  C CG  . LYS A 1 65  ? -13.294 4.140   13.199  1.00 85.32  ? 86  LYS A CG  1 
ATOM 512  C CD  . LYS A 1 65  ? -12.855 3.474   14.503  1.00 85.32  ? 86  LYS A CD  1 
ATOM 513  C CE  . LYS A 1 65  ? -13.353 2.023   14.571  1.00 85.32  ? 86  LYS A CE  1 
ATOM 514  N NZ  . LYS A 1 65  ? -13.082 1.360   15.879  1.00 85.32  ? 86  LYS A NZ  1 
ATOM 515  N N   . LYS A 1 66  ? -12.799 8.568   12.207  1.00 71.50  ? 87  LYS A N   1 
ATOM 516  C CA  . LYS A 1 66  ? -12.777 10.003  12.442  1.00 71.50  ? 87  LYS A CA  1 
ATOM 517  C C   . LYS A 1 66  ? -13.182 10.717  11.163  1.00 71.50  ? 87  LYS A C   1 
ATOM 518  O O   . LYS A 1 66  ? -13.379 10.084  10.127  1.00 71.50  ? 87  LYS A O   1 
ATOM 519  C CB  . LYS A 1 66  ? -11.392 10.457  12.894  1.00 64.68  ? 87  LYS A CB  1 
ATOM 520  C CG  . LYS A 1 66  ? -11.082 10.044  14.307  1.00 64.68  ? 87  LYS A CG  1 
ATOM 521  C CD  . LYS A 1 66  ? -12.117 10.632  15.246  1.00 64.68  ? 87  LYS A CD  1 
ATOM 522  C CE  . LYS A 1 66  ? -11.854 10.254  16.683  1.00 64.68  ? 87  LYS A CE  1 
ATOM 523  N NZ  . LYS A 1 66  ? -12.835 10.922  17.577  1.00 64.68  ? 87  LYS A NZ  1 
ATOM 524  N N   . GLN A 1 67  ? -13.311 12.036  11.227  1.00 79.88  ? 88  GLN A N   1 
ATOM 525  C CA  . GLN A 1 67  ? -13.717 12.786  10.048  1.00 79.88  ? 88  GLN A CA  1 
ATOM 526  C C   . GLN A 1 67  ? -12.581 13.634  9.508   1.00 79.88  ? 88  GLN A C   1 
ATOM 527  O O   . GLN A 1 67  ? -11.777 14.175  10.266  1.00 79.88  ? 88  GLN A O   1 
ATOM 528  C CB  . GLN A 1 67  ? -14.909 13.688  10.382  1.00 105.18 ? 88  GLN A CB  1 
ATOM 529  C CG  . GLN A 1 67  ? -15.580 14.281  9.161   1.00 105.18 ? 88  GLN A CG  1 
ATOM 530  C CD  . GLN A 1 67  ? -16.205 13.211  8.286   1.00 105.18 ? 88  GLN A CD  1 
ATOM 531  O OE1 . GLN A 1 67  ? -17.133 12.517  8.705   1.00 105.18 ? 88  GLN A OE1 1 
ATOM 532  N NE2 . GLN A 1 67  ? -15.690 13.063  7.068   1.00 105.18 ? 88  GLN A NE2 1 
ATOM 533  N N   . GLY A 1 68  ? -12.513 13.749  8.192   1.00 51.36  ? 89  GLY A N   1 
ATOM 534  C CA  . GLY A 1 68  ? -11.465 14.551  7.601   1.00 51.36  ? 89  GLY A CA  1 
ATOM 535  C C   . GLY A 1 68  ? -12.041 15.668  6.760   1.00 51.36  ? 89  GLY A C   1 
ATOM 536  O O   . GLY A 1 68  ? -13.205 15.629  6.368   1.00 51.36  ? 89  GLY A O   1 
ATOM 537  N N   . THR A 1 69  ? -11.232 16.679  6.488   1.00 94.61  ? 90  THR A N   1 
ATOM 538  C CA  . THR A 1 69  ? -11.679 17.790  5.666   1.00 94.61  ? 90  THR A CA  1 
ATOM 539  C C   . THR A 1 69  ? -10.792 17.790  4.428   1.00 94.61  ? 90  THR A C   1 
ATOM 540  O O   . THR A 1 69  ? -9.697  17.224  4.445   1.00 94.61  ? 90  THR A O   1 
ATOM 541  C CB  . THR A 1 69  ? -11.543 19.142  6.411   1.00 80.40  ? 90  THR A CB  1 
ATOM 542  O OG1 . THR A 1 69  ? -10.165 19.391  6.705   1.00 80.40  ? 90  THR A OG1 1 
ATOM 543  C CG2 . THR A 1 69  ? -12.327 19.120  7.712   1.00 80.40  ? 90  THR A CG2 1 
ATOM 544  N N   . LYS A 1 70  ? -11.264 18.404  3.349   1.00 59.76  ? 91  LYS A N   1 
ATOM 545  C CA  . LYS A 1 70  ? -10.480 18.452  2.129   1.00 59.76  ? 91  LYS A CA  1 
ATOM 546  C C   . LYS A 1 70  ? -9.181  19.185  2.426   1.00 59.76  ? 91  LYS A C   1 
ATOM 547  O O   . LYS A 1 70  ? -8.134  18.870  1.859   1.00 59.76  ? 91  LYS A O   1 
ATOM 548  C CB  . LYS A 1 70  ? -11.264 19.168  1.025   1.00 56.73  ? 91  LYS A CB  1 
ATOM 549  N N   . LYS A 1 71  ? -9.259  20.140  3.353   1.00 91.55  ? 92  LYS A N   1 
ATOM 550  C CA  . LYS A 1 71  ? -8.120  20.971  3.755   1.00 91.55  ? 92  LYS A CA  1 
ATOM 551  C C   . LYS A 1 71  ? -7.111  20.315  4.699   1.00 91.55  ? 92  LYS A C   1 
ATOM 552  O O   . LYS A 1 71  ? -6.056  20.888  4.982   1.00 91.55  ? 92  LYS A O   1 
ATOM 553  C CB  . LYS A 1 71  ? -8.635  22.272  4.388   1.00 78.04  ? 92  LYS A CB  1 
ATOM 554  N N   . THR A 1 72  ? -7.423  19.123  5.188   1.00 70.31  ? 93  THR A N   1 
ATOM 555  C CA  . THR A 1 72  ? -6.518  18.452  6.102   1.00 70.31  ? 93  THR A CA  1 
ATOM 556  C C   . THR A 1 72  ? -6.023  17.087  5.630   1.00 70.31  ? 93  THR A C   1 
ATOM 557  O O   . THR A 1 72  ? -5.211  16.453  6.305   1.00 70.31  ? 93  THR A O   1 
ATOM 558  C CB  . THR A 1 72  ? -7.168  18.315  7.487   1.00 59.05  ? 93  THR A CB  1 
ATOM 559  O OG1 . THR A 1 72  ? -8.418  17.635  7.369   1.00 59.05  ? 93  THR A OG1 1 
ATOM 560  C CG2 . THR A 1 72  ? -7.411  19.679  8.077   1.00 59.05  ? 93  THR A CG2 1 
ATOM 561  N N   . LEU A 1 73  ? -6.494  16.650  4.466   1.00 42.29  ? 94  LEU A N   1 
ATOM 562  C CA  . LEU A 1 73  ? -6.093  15.364  3.915   1.00 42.29  ? 94  LEU A CA  1 
ATOM 563  C C   . LEU A 1 73  ? -4.585  15.210  3.802   1.00 42.29  ? 94  LEU A C   1 
ATOM 564  O O   . LEU A 1 73  ? -4.055  14.117  3.972   1.00 42.29  ? 94  LEU A O   1 
ATOM 565  C CB  . LEU A 1 73  ? -6.743  15.149  2.544   1.00 49.39  ? 94  LEU A CB  1 
ATOM 566  C CG  . LEU A 1 73  ? -8.262  14.964  2.530   1.00 49.39  ? 94  LEU A CG  1 
ATOM 567  C CD1 . LEU A 1 73  ? -8.698  14.882  1.095   1.00 49.39  ? 94  LEU A CD1 1 
ATOM 568  C CD2 . LEU A 1 73  ? -8.686  13.703  3.301   1.00 49.39  ? 94  LEU A CD2 1 
ATOM 569  N N   . GLN A 1 74  ? -3.889  16.299  3.517   1.00 49.74  ? 95  GLN A N   1 
ATOM 570  C CA  . GLN A 1 74  ? -2.438  16.248  3.399   1.00 49.74  ? 95  GLN A CA  1 
ATOM 571  C C   . GLN A 1 74  ? -1.766  16.124  4.765   1.00 49.74  ? 95  GLN A C   1 
ATOM 572  O O   . GLN A 1 74  ? -0.705  15.521  4.900   1.00 49.74  ? 95  GLN A O   1 
ATOM 573  C CB  . GLN A 1 74  ? -1.933  17.495  2.696   1.00 68.58  ? 95  GLN A CB  1 
ATOM 574  C CG  . GLN A 1 74  ? -2.366  17.610  1.263   1.00 68.58  ? 95  GLN A CG  1 
ATOM 575  C CD  . GLN A 1 74  ? -1.869  18.884  0.639   1.00 68.58  ? 95  GLN A CD  1 
ATOM 576  O OE1 . GLN A 1 74  ? -2.385  19.969  0.916   1.00 68.58  ? 95  GLN A OE1 1 
ATOM 577  N NE2 . GLN A 1 74  ? -0.837  18.771  -0.185  1.00 68.58  ? 95  GLN A NE2 1 
ATOM 578  N N   . LYS A 1 75  ? -2.379  16.713  5.778   1.00 55.30  ? 96  LYS A N   1 
ATOM 579  C CA  . LYS A 1 75  ? -1.826  16.632  7.112   1.00 55.30  ? 96  LYS A CA  1 
ATOM 580  C C   . LYS A 1 75  ? -2.008  15.161  7.505   1.00 55.30  ? 96  LYS A C   1 
ATOM 581  O O   . LYS A 1 75  ? -1.047  14.467  7.840   1.00 55.30  ? 96  LYS A O   1 
ATOM 582  C CB  . LYS A 1 75  ? -2.600  17.583  8.044   1.00 51.19  ? 96  LYS A CB  1 
ATOM 583  C CG  . LYS A 1 75  ? -1.934  17.869  9.387   1.00 51.19  ? 96  LYS A CG  1 
ATOM 584  C CD  . LYS A 1 75  ? -2.684  18.939  10.158  1.00 51.19  ? 96  LYS A CD  1 
ATOM 585  C CE  . LYS A 1 75  ? -4.127  18.530  10.420  1.00 51.19  ? 96  LYS A CE  1 
ATOM 586  N NZ  . LYS A 1 75  ? -4.889  19.534  11.220  1.00 51.19  ? 96  LYS A NZ  1 
ATOM 587  N N   . ILE A 1 76  ? -3.255  14.700  7.416   1.00 50.74  ? 97  ILE A N   1 
ATOM 588  C CA  . ILE A 1 76  ? -3.644  13.323  7.719   1.00 50.74  ? 97  ILE A CA  1 
ATOM 589  C C   . ILE A 1 76  ? -2.768  12.340  6.939   1.00 50.74  ? 97  ILE A C   1 
ATOM 590  O O   . ILE A 1 76  ? -2.155  11.445  7.518   1.00 50.74  ? 97  ILE A O   1 
ATOM 591  C CB  . ILE A 1 76  ? -5.136  13.089  7.352   1.00 30.59  ? 97  ILE A CB  1 
ATOM 592  C CG1 . ILE A 1 76  ? -6.025  14.017  8.188   1.00 30.59  ? 97  ILE A CG1 1 
ATOM 593  C CG2 . ILE A 1 76  ? -5.523  11.633  7.563   1.00 30.59  ? 97  ILE A CG2 1 
ATOM 594  C CD1 . ILE A 1 76  ? -7.496  13.886  7.899   1.00 30.59  ? 97  ILE A CD1 1 
ATOM 595  N N   . GLY A 1 77  ? -2.714  12.518  5.623   1.00 38.11  ? 98  GLY A N   1 
ATOM 596  C CA  . GLY A 1 77  ? -1.903  11.656  4.785   1.00 38.11  ? 98  GLY A CA  1 
ATOM 597  C C   . GLY A 1 77  ? -0.409  11.746  5.047   1.00 38.11  ? 98  GLY A C   1 
ATOM 598  O O   . GLY A 1 77  ? 0.328   10.814  4.766   1.00 38.11  ? 98  GLY A O   1 
ATOM 599  N N   . ALA A 1 78  ? 0.047   12.867  5.578   1.00 43.49  ? 99  ALA A N   1 
ATOM 600  C CA  . ALA A 1 78  ? 1.464   13.034  5.881   1.00 43.49  ? 99  ALA A CA  1 
ATOM 601  C C   . ALA A 1 78  ? 1.771   12.301  7.184   1.00 43.49  ? 99  ALA A C   1 
ATOM 602  O O   . ALA A 1 78  ? 2.843   11.702  7.362   1.00 43.49  ? 99  ALA A O   1 
ATOM 603  C CB  . ALA A 1 78  ? 1.781   14.503  6.029   1.00 42.11  ? 99  ALA A CB  1 
ATOM 604  N N   . ALA A 1 79  ? 0.805   12.367  8.094   1.00 35.12  ? 100 ALA A N   1 
ATOM 605  C CA  . ALA A 1 79  ? 0.916   11.741  9.391   1.00 35.12  ? 100 ALA A CA  1 
ATOM 606  C C   . ALA A 1 79  ? 0.942   10.246  9.219   1.00 35.12  ? 100 ALA A C   1 
ATOM 607  O O   . ALA A 1 79  ? 1.654   9.560   9.935   1.00 35.12  ? 100 ALA A O   1 
ATOM 608  C CB  . ALA A 1 79  ? -0.248  12.138  10.241  1.00 13.74  ? 100 ALA A CB  1 
ATOM 609  N N   . CYS A 1 80  ? 0.146   9.745   8.275   1.00 35.92  ? 101 CYS A N   1 
ATOM 610  C CA  . CYS A 1 80  ? 0.072   8.316   7.996   1.00 35.92  ? 101 CYS A CA  1 
ATOM 611  C C   . CYS A 1 80  ? 1.405   7.828   7.484   1.00 35.92  ? 101 CYS A C   1 
ATOM 612  O O   . CYS A 1 80  ? 1.854   6.746   7.829   1.00 35.92  ? 101 CYS A O   1 
ATOM 613  C CB  . CYS A 1 80  ? -1.028  8.025   6.975   1.00 44.20  ? 101 CYS A CB  1 
ATOM 614  S SG  . CYS A 1 80  ? -2.683  8.358   7.596   1.00 44.20  ? 101 CYS A SG  1 
ATOM 615  N N   . VAL A 1 81  ? 2.047   8.640   6.662   1.00 38.02  ? 102 VAL A N   1 
ATOM 616  C CA  . VAL A 1 81  ? 3.352   8.290   6.129   1.00 38.02  ? 102 VAL A CA  1 
ATOM 617  C C   . VAL A 1 81  ? 4.393   8.288   7.262   1.00 38.02  ? 102 VAL A C   1 
ATOM 618  O O   . VAL A 1 81  ? 5.327   7.481   7.247   1.00 38.02  ? 102 VAL A O   1 
ATOM 619  C CB  . VAL A 1 81  ? 3.742   9.274   4.988   1.00 22.77  ? 102 VAL A CB  1 
ATOM 620  C CG1 . VAL A 1 81  ? 5.185   9.070   4.558   1.00 22.77  ? 102 VAL A CG1 1 
ATOM 621  C CG2 . VAL A 1 81  ? 2.813   9.041   3.790   1.00 22.77  ? 102 VAL A CG2 1 
ATOM 622  N N   . LEU A 1 82  ? 4.228   9.183   8.242   1.00 30.99  ? 103 LEU A N   1 
ATOM 623  C CA  . LEU A 1 82  ? 5.136   9.270   9.391   1.00 30.99  ? 103 LEU A CA  1 
ATOM 624  C C   . LEU A 1 82  ? 4.892   8.034   10.240  1.00 30.99  ? 103 LEU A C   1 
ATOM 625  O O   . LEU A 1 82  ? 5.804   7.282   10.531  1.00 30.99  ? 103 LEU A O   1 
ATOM 626  C CB  . LEU A 1 82  ? 4.846   10.528  10.236  1.00 40.25  ? 103 LEU A CB  1 
ATOM 627  C CG  . LEU A 1 82  ? 5.710   10.844  11.486  1.00 40.25  ? 103 LEU A CG  1 
ATOM 628  C CD1 . LEU A 1 82  ? 7.060   11.399  11.075  1.00 40.25  ? 103 LEU A CD1 1 
ATOM 629  C CD2 . LEU A 1 82  ? 5.001   11.859  12.361  1.00 40.25  ? 103 LEU A CD2 1 
ATOM 630  N N   . ILE A 1 83  ? 3.647   7.826   10.639  1.00 34.50  ? 104 ILE A N   1 
ATOM 631  C CA  . ILE A 1 83  ? 3.323   6.672   11.449  1.00 34.50  ? 104 ILE A CA  1 
ATOM 632  C C   . ILE A 1 83  ? 3.904   5.417   10.805  1.00 34.50  ? 104 ILE A C   1 
ATOM 633  O O   . ILE A 1 83  ? 4.538   4.612   11.484  1.00 34.50  ? 104 ILE A O   1 
ATOM 634  C CB  . ILE A 1 83  ? 1.789   6.530   11.645  1.00 17.98  ? 104 ILE A CB  1 
ATOM 635  C CG1 . ILE A 1 83  ? 1.251   7.746   12.399  1.00 17.98  ? 104 ILE A CG1 1 
ATOM 636  C CG2 . ILE A 1 83  ? 1.458   5.269   12.440  1.00 17.98  ? 104 ILE A CG2 1 
ATOM 637  C CD1 . ILE A 1 83  ? -0.224  7.682   12.700  1.00 17.98  ? 104 ILE A CD1 1 
ATOM 638  N N   . GLY A 1 84  ? 3.716   5.270   9.494   1.00 28.75  ? 105 GLY A N   1 
ATOM 639  C CA  . GLY A 1 84  ? 4.238   4.112   8.770   1.00 28.75  ? 105 GLY A CA  1 
ATOM 640  C C   . GLY A 1 84  ? 5.756   3.924   8.725   1.00 28.75  ? 105 GLY A C   1 
ATOM 641  O O   . GLY A 1 84  ? 6.248   2.804   8.797   1.00 28.75  ? 105 GLY A O   1 
ATOM 642  N N   . SER A 1 85  ? 6.516   5.002   8.581   1.00 52.23  ? 106 SER A N   1 
ATOM 643  C CA  . SER A 1 85  ? 7.964   4.861   8.561   1.00 52.23  ? 106 SER A CA  1 
ATOM 644  C C   . SER A 1 85  ? 8.419   4.552   9.981   1.00 52.23  ? 106 SER A C   1 
ATOM 645  O O   . SER A 1 85  ? 9.367   3.802   10.194  1.00 52.23  ? 106 SER A O   1 
ATOM 646  C CB  . SER A 1 85  ? 8.633   6.138   8.042   1.00 42.55  ? 106 SER A CB  1 
ATOM 647  O OG  . SER A 1 85  ? 8.274   7.251   8.821   1.00 42.55  ? 106 SER A OG  1 
ATOM 648  N N   . LYS A 1 86  ? 7.717   5.109   10.957  1.00 55.69  ? 107 LYS A N   1 
ATOM 649  C CA  . LYS A 1 86  ? 8.070   4.865   12.345  1.00 55.69  ? 107 LYS A CA  1 
ATOM 650  C C   . LYS A 1 86  ? 7.893   3.435   12.802  1.00 55.69  ? 107 LYS A C   1 
ATOM 651  O O   . LYS A 1 86  ? 8.422   3.075   13.845  1.00 55.69  ? 107 LYS A O   1 
ATOM 652  C CB  . LYS A 1 86  ? 7.295   5.783   13.294  1.00 54.74  ? 107 LYS A CB  1 
ATOM 653  C CG  . LYS A 1 86  ? 7.945   7.145   13.510  1.00 54.74  ? 107 LYS A CG  1 
ATOM 654  C CD  . LYS A 1 86  ? 7.203   7.919   14.573  1.00 54.74  ? 107 LYS A CD  1 
ATOM 655  C CE  . LYS A 1 86  ? 7.825   9.271   14.813  1.00 54.74  ? 107 LYS A CE  1 
ATOM 656  N NZ  . LYS A 1 86  ? 7.060   10.011  15.852  1.00 54.74  ? 107 LYS A NZ  1 
ATOM 657  N N   . ILE A 1 87  ? 7.168   2.612   12.048  1.00 45.27  ? 108 ILE A N   1 
ATOM 658  C CA  . ILE A 1 87  ? 6.976   1.231   12.477  1.00 45.27  ? 108 ILE A CA  1 
ATOM 659  C C   . ILE A 1 87  ? 7.675   0.175   11.639  1.00 45.27  ? 108 ILE A C   1 
ATOM 660  O O   . ILE A 1 87  ? 8.028   -0.888  12.143  1.00 45.27  ? 108 ILE A O   1 
ATOM 661  C CB  . ILE A 1 87  ? 5.488   0.850   12.556  1.00 51.03  ? 108 ILE A CB  1 
ATOM 662  C CG1 . ILE A 1 87  ? 4.925   0.591   11.182  1.00 51.03  ? 108 ILE A CG1 1 
ATOM 663  C CG2 . ILE A 1 87  ? 4.702   1.976   13.170  1.00 51.03  ? 108 ILE A CG2 1 
ATOM 664  C CD1 . ILE A 1 87  ? 3.477   0.276   11.240  1.00 51.03  ? 108 ILE A CD1 1 
ATOM 665  N N   . ARG A 1 88  ? 7.888   0.458   10.365  1.00 44.08  ? 109 ARG A N   1 
ATOM 666  C CA  . ARG A 1 88  ? 8.527   -0.517  9.505   1.00 44.08  ? 109 ARG A CA  1 
ATOM 667  C C   . ARG A 1 88  ? 10.026  -0.366  9.391   1.00 44.08  ? 109 ARG A C   1 
ATOM 668  O O   . ARG A 1 88  ? 10.781  -1.267  9.757   1.00 44.08  ? 109 ARG A O   1 
ATOM 669  C CB  . ARG A 1 88  ? 7.890   -0.491  8.109   1.00 40.20  ? 109 ARG A CB  1 
ATOM 670  C CG  . ARG A 1 88  ? 6.437   -1.010  8.060   1.00 40.20  ? 109 ARG A CG  1 
ATOM 671  C CD  . ARG A 1 88  ? 6.224   -2.204  9.005   1.00 40.20  ? 109 ARG A CD  1 
ATOM 672  N NE  . ARG A 1 88  ? 5.164   -3.106  8.573   1.00 40.20  ? 109 ARG A NE  1 
ATOM 673  C CZ  . ARG A 1 88  ? 5.297   -3.967  7.572   1.00 40.20  ? 109 ARG A CZ  1 
ATOM 674  N NH1 . ARG A 1 88  ? 6.445   -4.045  6.909   1.00 40.20  ? 109 ARG A NH1 1 
ATOM 675  N NH2 . ARG A 1 88  ? 4.290   -4.758  7.236   1.00 40.20  ? 109 ARG A NH2 1 
ATOM 676  N N   . THR A 1 89  ? 10.450  0.783   8.885   1.00 41.54  ? 110 THR A N   1 
ATOM 677  C CA  . THR A 1 89  ? 11.870  1.079   8.692   1.00 41.54  ? 110 THR A CA  1 
ATOM 678  C C   . THR A 1 89  ? 12.694  1.065   9.978   1.00 41.54  ? 110 THR A C   1 
ATOM 679  O O   . THR A 1 89  ? 12.169  1.251   11.064  1.00 41.54  ? 110 THR A O   1 
ATOM 680  C CB  . THR A 1 89  ? 12.039  2.447   8.037   1.00 52.78  ? 110 THR A CB  1 
ATOM 681  O OG1 . THR A 1 89  ? 11.395  3.425   8.852   1.00 52.78  ? 110 THR A OG1 1 
ATOM 682  C CG2 . THR A 1 89  ? 11.403  2.480   6.671   1.00 52.78  ? 110 THR A CG2 1 
ATOM 683  N N   . VAL A 1 90  ? 13.992  0.834   9.835   1.00 67.81  ? 111 VAL A N   1 
ATOM 684  C CA  . VAL A 1 90  ? 14.901  0.826   10.974  1.00 67.81  ? 111 VAL A CA  1 
ATOM 685  C C   . VAL A 1 90  ? 15.201  2.267   11.435  1.00 67.81  ? 111 VAL A C   1 
ATOM 686  O O   . VAL A 1 90  ? 15.382  2.515   12.628  1.00 67.81  ? 111 VAL A O   1 
ATOM 687  C CB  . VAL A 1 90  ? 16.231  0.078   10.631  1.00 62.79  ? 111 VAL A CB  1 
ATOM 688  C CG1 . VAL A 1 90  ? 16.830  0.614   9.333   1.00 62.79  ? 111 VAL A CG1 1 
ATOM 689  C CG2 . VAL A 1 90  ? 17.231  0.247   11.766  1.00 62.79  ? 111 VAL A CG2 1 
ATOM 690  N N   . LYS A 1 91  ? 15.252  3.208   10.489  1.00 78.55  ? 112 LYS A N   1 
ATOM 691  C CA  . LYS A 1 91  ? 15.497  4.620   10.801  1.00 78.55  ? 112 LYS A CA  1 
ATOM 692  C C   . LYS A 1 91  ? 14.250  5.434   10.455  1.00 78.55  ? 112 LYS A C   1 
ATOM 693  O O   . LYS A 1 91  ? 14.211  6.153   9.451   1.00 78.55  ? 112 LYS A O   1 
ATOM 694  C CB  . LYS A 1 91  ? 16.709  5.150   10.030  1.00 89.89  ? 112 LYS A CB  1 
ATOM 695  C CG  . LYS A 1 91  ? 18.029  4.549   10.490  1.00 89.89  ? 112 LYS A CG  1 
ATOM 696  C CD  . LYS A 1 91  ? 19.228  5.144   9.769   1.00 89.89  ? 112 LYS A CD  1 
ATOM 697  C CE  . LYS A 1 91  ? 19.203  4.853   8.274   1.00 89.89  ? 112 LYS A CE  1 
ATOM 698  N NZ  . LYS A 1 91  ? 20.413  5.392   7.583   1.00 89.89  ? 112 LYS A NZ  1 
ATOM 699  N N   . PRO A 1 92  ? 13.209  5.318   11.297  1.00 64.15  ? 113 PRO A N   1 
ATOM 700  C CA  . PRO A 1 92  ? 11.915  5.987   11.173  1.00 64.15  ? 113 PRO A CA  1 
ATOM 701  C C   . PRO A 1 92  ? 11.941  7.504   11.103  1.00 64.15  ? 113 PRO A C   1 
ATOM 702  O O   . PRO A 1 92  ? 12.084  8.188   12.112  1.00 64.15  ? 113 PRO A O   1 
ATOM 703  C CB  . PRO A 1 92  ? 11.154  5.465   12.386  1.00 45.77  ? 113 PRO A CB  1 
ATOM 704  C CG  . PRO A 1 92  ? 12.265  5.213   13.382  1.00 45.77  ? 113 PRO A CG  1 
ATOM 705  C CD  . PRO A 1 92  ? 13.202  4.465   12.497  1.00 45.77  ? 113 PRO A CD  1 
ATOM 706  N N   . MET A 1 93  ? 11.797  8.015   9.889   1.00 61.41  ? 114 MET A N   1 
ATOM 707  C CA  . MET A 1 93  ? 11.772  9.440   9.637   1.00 61.41  ? 114 MET A CA  1 
ATOM 708  C C   . MET A 1 93  ? 11.074  10.186  10.762  1.00 61.41  ? 114 MET A C   1 
ATOM 709  O O   . MET A 1 93  ? 10.042  9.738   11.260  1.00 61.41  ? 114 MET A O   1 
ATOM 710  C CB  . MET A 1 93  ? 11.053  9.694   8.324   1.00 59.84  ? 114 MET A CB  1 
ATOM 711  C CG  . MET A 1 93  ? 10.859  11.137  7.987   1.00 59.84  ? 114 MET A CG  1 
ATOM 712  S SD  . MET A 1 93  ? 10.259  11.226  6.317   1.00 59.84  ? 114 MET A SD  1 
ATOM 713  C CE  . MET A 1 93  ? 8.838   10.178  6.429   1.00 59.84  ? 114 MET A CE  1 
ATOM 714  N N   . THR A 1 94  ? 11.660  11.312  11.167  1.00 60.49  ? 115 THR A N   1 
ATOM 715  C CA  . THR A 1 94  ? 11.150  12.154  12.249  1.00 60.49  ? 115 THR A CA  1 
ATOM 716  C C   . THR A 1 94  ? 10.203  13.244  11.763  1.00 60.49  ? 115 THR A C   1 
ATOM 717  O O   . THR A 1 94  ? 10.215  13.605  10.603  1.00 60.49  ? 115 THR A O   1 
ATOM 718  C CB  . THR A 1 94  ? 12.294  12.778  12.964  1.00 10.18  ? 115 THR A CB  1 
ATOM 719  N N   . VAL A 1 95  ? 9.389   13.775  12.668  1.00 65.53  ? 116 VAL A N   1 
ATOM 720  C CA  . VAL A 1 95  ? 8.430   14.825  12.343  1.00 65.53  ? 116 VAL A CA  1 
ATOM 721  C C   . VAL A 1 95  ? 9.179   16.005  11.773  1.00 65.53  ? 116 VAL A C   1 
ATOM 722  O O   . VAL A 1 95  ? 8.613   16.812  11.052  1.00 65.53  ? 116 VAL A O   1 
ATOM 723  C CB  . VAL A 1 95  ? 7.677   15.293  13.600  1.00 31.40  ? 116 VAL A CB  1 
ATOM 724  C CG1 . VAL A 1 95  ? 8.708   15.833  14.655  1.00 31.40  ? 116 VAL A CG1 1 
ATOM 725  C CG2 . VAL A 1 95  ? 6.654   16.323  13.232  1.00 31.40  ? 116 VAL A CG2 1 
ATOM 726  N N   . SER A 1 96  ? 10.463  16.102  12.110  1.00 72.84  ? 117 SER A N   1 
ATOM 727  C CA  . SER A 1 96  ? 11.293  17.192  11.630  1.00 72.84  ? 117 SER A CA  1 
ATOM 728  C C   . SER A 1 96  ? 11.656  16.931  10.190  1.00 72.84  ? 117 SER A C   1 
ATOM 729  O O   . SER A 1 96  ? 11.258  17.697  9.319   1.00 72.84  ? 117 SER A O   1 
ATOM 730  C CB  . SER A 1 96  ? 12.585  17.311  12.437  1.00 59.15  ? 117 SER A CB  1 
ATOM 731  O OG  . SER A 1 96  ? 12.344  17.244  13.820  1.00 59.15  ? 117 SER A OG  1 
ATOM 732  N N   . LYS A 1 97  ? 12.393  15.843  9.938   1.00 65.21  ? 118 LYS A N   1 
ATOM 733  C CA  . LYS A 1 97  ? 12.842  15.525  8.580   1.00 65.21  ? 118 LYS A CA  1 
ATOM 734  C C   . LYS A 1 97  ? 11.714  15.521  7.559   1.00 65.21  ? 118 LYS A C   1 
ATOM 735  O O   . LYS A 1 97  ? 11.961  15.595  6.346   1.00 65.21  ? 118 LYS A O   1 
ATOM 736  C CB  . LYS A 1 97  ? 13.570  14.186  8.551   1.00 81.56  ? 118 LYS A CB  1 
ATOM 737  C CG  . LYS A 1 97  ? 14.305  13.915  7.241   1.00 81.56  ? 118 LYS A CG  1 
ATOM 738  C CD  . LYS A 1 97  ? 15.086  12.616  7.335   1.00 81.56  ? 118 LYS A CD  1 
ATOM 739  C CE  . LYS A 1 97  ? 15.897  12.345  6.095   1.00 81.56  ? 118 LYS A CE  1 
ATOM 740  N NZ  . LYS A 1 97  ? 16.464  10.975  6.132   1.00 81.56  ? 118 LYS A NZ  1 
ATOM 741  N N   . LEU A 1 98  ? 10.484  15.470  8.078   1.00 84.80  ? 119 LEU A N   1 
ATOM 742  C CA  . LEU A 1 98  ? 9.247   15.447  7.295   1.00 84.80  ? 119 LEU A CA  1 
ATOM 743  C C   . LEU A 1 98  ? 8.641   16.835  7.089   1.00 84.80  ? 119 LEU A C   1 
ATOM 744  O O   . LEU A 1 98  ? 7.862   17.040  6.168   1.00 84.80  ? 119 LEU A O   1 
ATOM 745  C CB  . LEU A 1 98  ? 8.221   14.555  7.990   1.00 47.22  ? 119 LEU A CB  1 
ATOM 746  C CG  . LEU A 1 98  ? 6.851   14.307  7.364   1.00 47.22  ? 119 LEU A CG  1 
ATOM 747  C CD1 . LEU A 1 98  ? 7.022   13.811  5.927   1.00 47.22  ? 119 LEU A CD1 1 
ATOM 748  C CD2 . LEU A 1 98  ? 6.117   13.277  8.202   1.00 47.22  ? 119 LEU A CD2 1 
ATOM 749  N N   . THR A 1 99  ? 8.960   17.778  7.968   1.00 67.28  ? 120 THR A N   1 
ATOM 750  C CA  . THR A 1 99  ? 8.461   19.137  7.807   1.00 67.28  ? 120 THR A CA  1 
ATOM 751  C C   . THR A 1 99  ? 9.443   19.907  6.937   1.00 67.28  ? 120 THR A C   1 
ATOM 752  O O   . THR A 1 99  ? 9.020   20.640  6.056   1.00 67.28  ? 120 THR A O   1 
ATOM 753  C CB  . THR A 1 99  ? 8.304   19.868  9.158   1.00 54.58  ? 120 THR A CB  1 
ATOM 754  O OG1 . THR A 1 99  ? 7.032   19.560  9.743   1.00 54.58  ? 120 THR A OG1 1 
ATOM 755  C CG2 . THR A 1 99  ? 8.432   21.363  8.975   1.00 54.58  ? 120 THR A CG2 1 
ATOM 756  N N   . TYR A 1 100 ? 10.749  19.743  7.162   1.00 67.08  ? 121 TYR A N   1 
ATOM 757  C CA  . TYR A 1 100 ? 11.713  20.475  6.341   1.00 67.08  ? 121 TYR A CA  1 
ATOM 758  C C   . TYR A 1 100 ? 11.888  19.952  4.914   1.00 67.08  ? 121 TYR A C   1 
ATOM 759  O O   . TYR A 1 100 ? 12.130  20.728  3.978   1.00 67.08  ? 121 TYR A O   1 
ATOM 760  C CB  . TYR A 1 100 ? 13.110  20.561  7.006   1.00 88.86  ? 121 TYR A CB  1 
ATOM 761  C CG  . TYR A 1 100 ? 14.097  21.391  6.169   1.00 88.86  ? 121 TYR A CG  1 
ATOM 762  C CD1 . TYR A 1 100 ? 13.739  22.667  5.700   1.00 88.86  ? 121 TYR A CD1 1 
ATOM 763  C CD2 . TYR A 1 100 ? 15.343  20.879  5.784   1.00 88.86  ? 121 TYR A CD2 1 
ATOM 764  C CE1 . TYR A 1 100 ? 14.577  23.403  4.871   1.00 88.86  ? 121 TYR A CE1 1 
ATOM 765  C CE2 . TYR A 1 100 ? 16.195  21.610  4.954   1.00 88.86  ? 121 TYR A CE2 1 
ATOM 766  C CZ  . TYR A 1 100 ? 15.800  22.872  4.499   1.00 88.86  ? 121 TYR A CZ  1 
ATOM 767  O OH  . TYR A 1 100 ? 16.602  23.615  3.656   1.00 88.86  ? 121 TYR A OH  1 
ATOM 768  N N   . LEU A 1 101 ? 11.798  18.641  4.741   1.00 105.18 ? 122 LEU A N   1 
ATOM 769  C CA  . LEU A 1 101 ? 11.974  18.063  3.417   1.00 105.18 ? 122 LEU A CA  1 
ATOM 770  C C   . LEU A 1 101 ? 10.789  18.434  2.512   1.00 105.18 ? 122 LEU A C   1 
ATOM 771  O O   . LEU A 1 101 ? 10.937  18.545  1.287   1.00 105.18 ? 122 LEU A O   1 
ATOM 772  C CB  . LEU A 1 101 ? 12.146  16.554  3.528   1.00 105.18 ? 122 LEU A CB  1 
ATOM 773  N N   . SER A 1 102 ? 9.622   18.654  3.119   1.00 74.95  ? 123 SER A N   1 
ATOM 774  C CA  . SER A 1 102 ? 8.436   19.044  2.359   1.00 74.95  ? 123 SER A CA  1 
ATOM 775  C C   . SER A 1 102 ? 8.193   20.559  2.523   1.00 74.95  ? 123 SER A C   1 
ATOM 776  O O   . SER A 1 102 ? 7.054   21.041  2.493   1.00 74.95  ? 123 SER A O   1 
ATOM 777  C CB  . SER A 1 102 ? 7.211   18.264  2.840   1.00 83.40  ? 123 SER A CB  1 
ATOM 778  O OG  . SER A 1 102 ? 6.882   18.576  4.183   1.00 83.40  ? 123 SER A OG  1 
ATOM 779  N N   . CYS A 1 103 ? 9.289   21.294  2.699   1.00 105.18 ? 124 CYS A N   1 
ATOM 780  C CA  . CYS A 1 103 ? 9.270   22.747  2.868   1.00 105.18 ? 124 CYS A CA  1 
ATOM 781  C C   . CYS A 1 103 ? 8.071   23.233  3.679   1.00 105.18 ? 124 CYS A C   1 
ATOM 782  O O   . CYS A 1 103 ? 7.007   23.528  3.111   1.00 105.18 ? 124 CYS A O   1 
ATOM 783  C CB  . CYS A 1 103 ? 9.295   23.419  1.494   1.00 99.11  ? 124 CYS A CB  1 
ATOM 784  S SG  . CYS A 1 103 ? 10.740  22.956  0.495   1.00 99.11  ? 124 CYS A SG  1 
ATOM 785  N N   . ASP A 1 104 ? 8.270   23.327  5.000   1.00 105.18 ? 125 ASP A N   1 
ATOM 786  C CA  . ASP A 1 104 ? 7.235   23.742  5.966   1.00 105.18 ? 125 ASP A CA  1 
ATOM 787  C C   . ASP A 1 104 ? 5.790   23.769  5.438   1.00 105.18 ? 125 ASP A C   1 
ATOM 788  O O   . ASP A 1 104 ? 5.065   24.743  5.636   1.00 105.18 ? 125 ASP A O   1 
ATOM 789  C CB  . ASP A 1 104 ? 7.600   25.092  6.587   1.00 36.60  ? 125 ASP A CB  1 
ATOM 790  N N   . CYS A 1 105 ? 5.407   22.681  4.765   1.00 105.18 ? 126 CYS A N   1 
ATOM 791  C CA  . CYS A 1 105 ? 4.075   22.464  4.202   1.00 105.18 ? 126 CYS A CA  1 
ATOM 792  C C   . CYS A 1 105 ? 3.094   22.569  5.405   1.00 105.18 ? 126 CYS A C   1 
ATOM 793  O O   . CYS A 1 105 ? 1.964   23.067  5.264   1.00 105.18 ? 126 CYS A O   1 
ATOM 794  C CB  . CYS A 1 105 ? 4.059   21.067  3.531   1.00 79.98  ? 126 CYS A CB  1 
ATOM 795  S SG  . CYS A 1 105 ? 2.572   20.536  2.597   1.00 79.98  ? 126 CYS A SG  1 
ATOM 796  N N   . PHE A 1 106 ? 3.535   22.083  6.579   1.00 94.42  ? 127 PHE A N   1 
ATOM 797  C CA  . PHE A 1 106 ? 2.773   22.189  7.836   1.00 94.42  ? 127 PHE A CA  1 
ATOM 798  C C   . PHE A 1 106 ? 3.805   22.490  8.923   1.00 94.42  ? 127 PHE A C   1 
ATOM 799  O O   . PHE A 1 106 ? 5.005   22.239  8.747   1.00 94.42  ? 127 PHE A O   1 
ATOM 800  C CB  . PHE A 1 106 ? 2.073   20.897  8.271   1.00 87.75  ? 127 PHE A CB  1 
ATOM 801  C CG  . PHE A 1 106 ? 1.835   19.922  7.187   1.00 87.75  ? 127 PHE A CG  1 
ATOM 802  C CD1 . PHE A 1 106 ? 2.894   19.247  6.611   1.00 87.75  ? 127 PHE A CD1 1 
ATOM 803  C CD2 . PHE A 1 106 ? 0.539   19.677  6.739   1.00 87.75  ? 127 PHE A CD2 1 
ATOM 804  C CE1 . PHE A 1 106 ? 2.669   18.350  5.608   1.00 87.75  ? 127 PHE A CE1 1 
ATOM 805  C CE2 . PHE A 1 106 ? 0.298   18.775  5.728   1.00 87.75  ? 127 PHE A CE2 1 
ATOM 806  C CZ  . PHE A 1 106 ? 1.360   18.108  5.159   1.00 87.75  ? 127 PHE A CZ  1 
ATOM 807  N N   . THR A 1 107 ? 3.331   23.015  10.051  1.00 54.37  ? 128 THR A N   1 
ATOM 808  C CA  . THR A 1 107 ? 4.222   23.308  11.164  1.00 54.37  ? 128 THR A CA  1 
ATOM 809  C C   . THR A 1 107 ? 4.576   22.022  11.902  1.00 54.37  ? 128 THR A C   1 
ATOM 810  O O   . THR A 1 107 ? 3.719   21.202  12.185  1.00 54.37  ? 128 THR A O   1 
ATOM 811  C CB  . THR A 1 107 ? 3.607   24.337  12.171  1.00 44.40  ? 128 THR A CB  1 
ATOM 812  O OG1 . THR A 1 107 ? 2.318   23.894  12.604  1.00 44.40  ? 128 THR A OG1 1 
ATOM 813  C CG2 . THR A 1 107 ? 3.520   25.708  11.549  1.00 44.40  ? 128 THR A CG2 1 
ATOM 814  N N   . ASN A 1 108 ? 5.864   21.859  12.179  1.00 53.84  ? 129 ASN A N   1 
ATOM 815  C CA  . ASN A 1 108 ? 6.374   20.704  12.887  1.00 53.84  ? 129 ASN A CA  1 
ATOM 816  C C   . ASN A 1 108 ? 5.459   20.276  14.065  1.00 53.84  ? 129 ASN A C   1 
ATOM 817  O O   . ASN A 1 108 ? 5.453   19.126  14.450  1.00 53.84  ? 129 ASN A O   1 
ATOM 818  C CB  . ASN A 1 108 ? 7.794   21.044  13.345  1.00 51.06  ? 129 ASN A CB  1 
ATOM 819  C CG  . ASN A 1 108 ? 8.314   20.111  14.409  1.00 51.06  ? 129 ASN A CG  1 
ATOM 820  O OD1 . ASN A 1 108 ? 7.654   19.891  15.430  1.00 51.06  ? 129 ASN A OD1 1 
ATOM 821  N ND2 . ASN A 1 108 ? 9.520   19.593  14.207  1.00 51.06  ? 129 ASN A ND2 1 
ATOM 822  N N   . LEU A 1 109 ? 4.678   21.205  14.611  1.00 40.59  ? 130 LEU A N   1 
ATOM 823  C CA  . LEU A 1 109 ? 3.722   20.978  15.727  1.00 40.59  ? 130 LEU A CA  1 
ATOM 824  C C   . LEU A 1 109 ? 2.350   20.375  15.278  1.00 40.59  ? 130 LEU A C   1 
ATOM 825  O O   . LEU A 1 109 ? 1.738   19.626  15.998  1.00 40.59  ? 130 LEU A O   1 
ATOM 826  C CB  . LEU A 1 109 ? 3.471   22.321  16.436  1.00 41.40  ? 130 LEU A CB  1 
ATOM 827  C CG  . LEU A 1 109 ? 2.885   22.292  17.843  1.00 41.40  ? 130 LEU A CG  1 
ATOM 828  C CD1 . LEU A 1 109 ? 3.933   21.654  18.765  1.00 41.40  ? 130 LEU A CD1 1 
ATOM 829  C CD2 . LEU A 1 109 ? 2.566   23.662  18.341  1.00 41.40  ? 130 LEU A CD2 1 
ATOM 830  N N   . GLU A 1 110 ? 1.851   20.757  14.102  1.00 44.15  ? 131 GLU A N   1 
ATOM 831  C CA  . GLU A 1 110 ? 0.593   20.230  13.575  1.00 44.15  ? 131 GLU A CA  1 
ATOM 832  C C   . GLU A 1 110 ? 0.699   18.715  13.310  1.00 44.15  ? 131 GLU A C   1 
ATOM 833  O O   . GLU A 1 110 ? -0.172  17.987  13.692  1.00 44.15  ? 131 GLU A O   1 
ATOM 834  C CB  . GLU A 1 110 ? 0.215   20.936  12.265  1.00 77.83  ? 131 GLU A CB  1 
ATOM 835  C CG  . GLU A 1 110 ? -0.076  22.420  12.358  1.00 77.83  ? 131 GLU A CG  1 
ATOM 836  C CD  . GLU A 1 110 ? -0.541  23.014  11.029  1.00 77.83  ? 131 GLU A CD  1 
ATOM 837  O OE1 . GLU A 1 110 ? 0.264   23.051  10.075  1.00 77.83  ? 131 GLU A OE1 1 
ATOM 838  O OE2 . GLU A 1 110 ? -1.716  23.434  10.945  1.00 77.83  ? 131 GLU A OE2 1 
ATOM 839  N N   . LEU A 1 111 ? 1.740   18.248  12.617  1.00 53.02  ? 132 LEU A N   1 
ATOM 840  C CA  . LEU A 1 111 ? 1.888   16.815  12.378  1.00 53.02  ? 132 LEU A CA  1 
ATOM 841  C C   . LEU A 1 111 ? 1.938   16.120  13.720  1.00 53.02  ? 132 LEU A C   1 
ATOM 842  O O   . LEU A 1 111 ? 1.246   15.149  13.935  1.00 53.02  ? 132 LEU A O   1 
ATOM 843  C CB  . LEU A 1 111 ? 3.177   16.467  11.654  1.00 43.26  ? 132 LEU A CB  1 
ATOM 844  C CG  . LEU A 1 111 ? 3.402   16.862  10.222  1.00 43.26  ? 132 LEU A CG  1 
ATOM 845  C CD1 . LEU A 1 111 ? 4.686   16.160  9.808   1.00 43.26  ? 132 LEU A CD1 1 
ATOM 846  C CD2 . LEU A 1 111 ? 2.269   16.386  9.334   1.00 43.26  ? 132 LEU A CD2 1 
ATOM 847  N N   . ILE A 1 112 ? 2.779   16.598  14.615  1.00 51.89  ? 133 ILE A N   1 
ATOM 848  C CA  . ILE A 1 112 ? 2.861   15.999  15.938  1.00 51.89  ? 133 ILE A CA  1 
ATOM 849  C C   . ILE A 1 112 ? 1.452   15.718  16.444  1.00 51.89  ? 133 ILE A C   1 
ATOM 850  O O   . ILE A 1 112 ? 1.097   14.580  16.742  1.00 51.89  ? 133 ILE A O   1 
ATOM 851  C CB  . ILE A 1 112 ? 3.556   16.946  16.961  1.00 44.85  ? 133 ILE A CB  1 
ATOM 852  C CG1 . ILE A 1 112 ? 4.947   17.337  16.475  1.00 44.85  ? 133 ILE A CG1 1 
ATOM 853  C CG2 . ILE A 1 112 ? 3.681   16.268  18.308  1.00 44.85  ? 133 ILE A CG2 1 
ATOM 854  C CD1 . ILE A 1 112 ? 5.944   16.215  16.432  1.00 44.85  ? 133 ILE A CD1 1 
ATOM 855  N N   . ASN A 1 113 ? 0.640   16.763  16.511  1.00 58.28  ? 134 ASN A N   1 
ATOM 856  C CA  . ASN A 1 113 ? -0.715  16.633  17.019  1.00 58.28  ? 134 ASN A CA  1 
ATOM 857  C C   . ASN A 1 113 ? -1.687  15.832  16.135  1.00 58.28  ? 134 ASN A C   1 
ATOM 858  O O   . ASN A 1 113 ? -2.743  15.428  16.604  1.00 58.28  ? 134 ASN A O   1 
ATOM 859  C CB  . ASN A 1 113 ? -1.282  18.029  17.300  1.00 90.06  ? 134 ASN A CB  1 
ATOM 860  C CG  . ASN A 1 113 ? -2.511  17.991  18.183  1.00 90.06  ? 134 ASN A CG  1 
ATOM 861  O OD1 . ASN A 1 113 ? -2.436  17.579  19.340  1.00 90.06  ? 134 ASN A OD1 1 
ATOM 862  N ND2 . ASN A 1 113 ? -3.654  18.415  17.643  1.00 90.06  ? 134 ASN A ND2 1 
ATOM 863  N N   . GLN A 1 114 ? -1.328  15.608  14.870  1.00 48.03  ? 135 GLN A N   1 
ATOM 864  C CA  . GLN A 1 114 ? -2.160  14.863  13.900  1.00 48.03  ? 135 GLN A CA  1 
ATOM 865  C C   . GLN A 1 114 ? -1.809  13.381  13.975  1.00 48.03  ? 135 GLN A C   1 
ATOM 866  O O   . GLN A 1 114 ? -2.671  12.504  13.929  1.00 48.03  ? 135 GLN A O   1 
ATOM 867  C CB  . GLN A 1 114 ? -1.896  15.393  12.482  1.00 45.73  ? 135 GLN A CB  1 
ATOM 868  C CG  . GLN A 1 114 ? -2.640  14.697  11.354  1.00 45.73  ? 135 GLN A CG  1 
ATOM 869  C CD  . GLN A 1 114 ? -4.133  14.761  11.510  1.00 45.73  ? 135 GLN A CD  1 
ATOM 870  O OE1 . GLN A 1 114 ? -4.686  14.231  12.462  1.00 45.73  ? 135 GLN A OE1 1 
ATOM 871  N NE2 . GLN A 1 114 ? -4.799  15.418  10.577  1.00 45.73  ? 135 GLN A NE2 1 
ATOM 872  N N   . GLU A 1 115 ? -0.515  13.123  14.071  1.00 46.35  ? 136 GLU A N   1 
ATOM 873  C CA  . GLU A 1 115 ? 0.007   11.781  14.199  1.00 46.35  ? 136 GLU A CA  1 
ATOM 874  C C   . GLU A 1 115 ? -0.760  11.224  15.390  1.00 46.35  ? 136 GLU A C   1 
ATOM 875  O O   . GLU A 1 115 ? -1.582  10.334  15.238  1.00 46.35  ? 136 GLU A O   1 
ATOM 876  C CB  . GLU A 1 115 ? 1.499   11.861  14.518  1.00 41.70  ? 136 GLU A CB  1 
ATOM 877  C CG  . GLU A 1 115 ? 2.245   10.562  14.559  1.00 41.70  ? 136 GLU A CG  1 
ATOM 878  C CD  . GLU A 1 115 ? 3.607   10.712  15.205  1.00 41.70  ? 136 GLU A CD  1 
ATOM 879  O OE1 . GLU A 1 115 ? 3.874   11.777  15.810  1.00 41.70  ? 136 GLU A OE1 1 
ATOM 880  O OE2 . GLU A 1 115 ? 4.407   9.759   15.128  1.00 41.70  ? 136 GLU A OE2 1 
ATOM 881  N N   . LYS A 1 116 ? -0.515  11.797  16.567  1.00 44.68  ? 137 LYS A N   1 
ATOM 882  C CA  . LYS A 1 116 ? -1.158  11.371  17.810  1.00 44.68  ? 137 LYS A CA  1 
ATOM 883  C C   . LYS A 1 116 ? -2.647  11.056  17.682  1.00 44.68  ? 137 LYS A C   1 
ATOM 884  O O   . LYS A 1 116 ? -3.089  9.987   18.090  1.00 44.68  ? 137 LYS A O   1 
ATOM 885  C CB  . LYS A 1 116 ? -0.939  12.424  18.907  1.00 80.56  ? 137 LYS A CB  1 
ATOM 886  C CG  . LYS A 1 116 ? -1.331  11.922  20.295  1.00 80.56  ? 137 LYS A CG  1 
ATOM 887  C CD  . LYS A 1 116 ? -0.842  12.816  21.431  1.00 80.56  ? 137 LYS A CD  1 
ATOM 888  C CE  . LYS A 1 116 ? -1.631  14.103  21.531  1.00 80.56  ? 137 LYS A CE  1 
ATOM 889  N NZ  . LYS A 1 116 ? -3.046  13.847  21.931  1.00 80.56  ? 137 LYS A NZ  1 
ATOM 890  N N   . ASP A 1 117 ? -3.421  11.980  17.119  1.00 55.97  ? 138 ASP A N   1 
ATOM 891  C CA  . ASP A 1 117 ? -4.854  11.766  16.945  1.00 55.97  ? 138 ASP A CA  1 
ATOM 892  C C   . ASP A 1 117 ? -5.106  10.434  16.260  1.00 55.97  ? 138 ASP A C   1 
ATOM 893  O O   . ASP A 1 117 ? -5.972  9.669   16.691  1.00 55.97  ? 138 ASP A O   1 
ATOM 894  C CB  . ASP A 1 117 ? -5.474  12.880  16.100  1.00 83.69  ? 138 ASP A CB  1 
ATOM 895  C CG  . ASP A 1 117 ? -5.448  14.231  16.791  1.00 83.69  ? 138 ASP A CG  1 
ATOM 896  O OD1 . ASP A 1 117 ? -5.044  14.310  17.973  1.00 83.69  ? 138 ASP A OD1 1 
ATOM 897  O OD2 . ASP A 1 117 ? -5.842  15.223  16.142  1.00 83.69  ? 138 ASP A OD2 1 
ATOM 898  N N   . ILE A 1 118 ? -4.343  10.168  15.197  1.00 45.35  ? 139 ILE A N   1 
ATOM 899  C CA  . ILE A 1 118 ? -4.464  8.928   14.415  1.00 45.35  ? 139 ILE A CA  1 
ATOM 900  C C   . ILE A 1 118 ? -4.068  7.702   15.231  1.00 45.35  ? 139 ILE A C   1 
ATOM 901  O O   . ILE A 1 118 ? -4.733  6.673   15.172  1.00 45.35  ? 139 ILE A O   1 
ATOM 902  C CB  . ILE A 1 118 ? -3.582  8.961   13.121  1.00 30.93  ? 139 ILE A CB  1 
ATOM 903  C CG1 . ILE A 1 118 ? -3.934  10.193  12.272  1.00 30.93  ? 139 ILE A CG1 1 
ATOM 904  C CG2 . ILE A 1 118 ? -3.790  7.681   12.317  1.00 30.93  ? 139 ILE A CG2 1 
ATOM 905  C CD1 . ILE A 1 118 ? -3.147  10.337  10.980  1.00 30.93  ? 139 ILE A CD1 1 
ATOM 906  N N   . LEU A 1 119 ? -2.972  7.802   15.976  1.00 48.38  ? 140 LEU A N   1 
ATOM 907  C CA  . LEU A 1 119 ? -2.557  6.682   16.798  1.00 48.38  ? 140 LEU A CA  1 
ATOM 908  C C   . LEU A 1 119 ? -3.707  6.410   17.739  1.00 48.38  ? 140 LEU A C   1 
ATOM 909  O O   . LEU A 1 119 ? -4.134  5.270   17.878  1.00 48.38  ? 140 LEU A O   1 
ATOM 910  C CB  . LEU A 1 119 ? -1.299  6.989   17.617  1.00 39.72  ? 140 LEU A CB  1 
ATOM 911  C CG  . LEU A 1 119 ? 0.091   7.079   16.992  1.00 39.72  ? 140 LEU A CG  1 
ATOM 912  C CD1 . LEU A 1 119 ? 0.419   5.800   16.275  1.00 39.72  ? 140 LEU A CD1 1 
ATOM 913  C CD2 . LEU A 1 119 ? 0.148   8.240   16.060  1.00 39.72  ? 140 LEU A CD2 1 
ATOM 914  N N   . GLU A 1 120 ? -4.216  7.466   18.377  1.00 52.70  ? 141 GLU A N   1 
ATOM 915  C CA  . GLU A 1 120 ? -5.338  7.320   19.301  1.00 52.70  ? 141 GLU A CA  1 
ATOM 916  C C   . GLU A 1 120 ? -6.555  6.713   18.611  1.00 52.70  ? 141 GLU A C   1 
ATOM 917  O O   . GLU A 1 120 ? -7.055  5.681   19.037  1.00 52.70  ? 141 GLU A O   1 
ATOM 918  C CB  . GLU A 1 120 ? -5.710  8.665   19.936  1.00 103.86 ? 141 GLU A CB  1 
ATOM 919  C CG  . GLU A 1 120 ? -4.602  9.258   20.793  1.00 103.86 ? 141 GLU A CG  1 
ATOM 920  C CD  . GLU A 1 120 ? -5.108  10.287  21.789  1.00 103.86 ? 141 GLU A CD  1 
ATOM 921  O OE1 . GLU A 1 120 ? -5.848  9.896   22.718  1.00 103.86 ? 141 GLU A OE1 1 
ATOM 922  O OE2 . GLU A 1 120 ? -4.773  11.481  21.646  1.00 103.86 ? 141 GLU A OE2 1 
ATOM 923  N N   . ALA A 1 121 ? -7.024  7.345   17.541  1.00 42.14  ? 142 ALA A N   1 
ATOM 924  C CA  . ALA A 1 121 ? -8.170  6.832   16.793  1.00 42.14  ? 142 ALA A CA  1 
ATOM 925  C C   . ALA A 1 121 ? -8.035  5.334   16.490  1.00 42.14  ? 142 ALA A C   1 
ATOM 926  O O   . ALA A 1 121 ? -8.992  4.587   16.658  1.00 42.14  ? 142 ALA A O   1 
ATOM 927  C CB  . ALA A 1 121 ? -8.336  7.622   15.493  1.00 44.88  ? 142 ALA A CB  1 
ATOM 928  N N   . LEU A 1 122 ? -6.846  4.904   16.059  1.00 64.12  ? 143 LEU A N   1 
ATOM 929  C CA  . LEU A 1 122 ? -6.581  3.500   15.735  1.00 64.12  ? 143 LEU A CA  1 
ATOM 930  C C   . LEU A 1 122 ? -6.206  2.612   16.930  1.00 64.12  ? 143 LEU A C   1 
ATOM 931  O O   . LEU A 1 122 ? -5.769  1.477   16.747  1.00 64.12  ? 143 LEU A O   1 
ATOM 932  C CB  . LEU A 1 122 ? -5.461  3.380   14.705  1.00 27.04  ? 143 LEU A CB  1 
ATOM 933  C CG  . LEU A 1 122 ? -5.613  3.984   13.317  1.00 27.04  ? 143 LEU A CG  1 
ATOM 934  C CD1 . LEU A 1 122 ? -4.495  3.446   12.423  1.00 27.04  ? 143 LEU A CD1 1 
ATOM 935  C CD2 . LEU A 1 122 ? -6.971  3.621   12.767  1.00 27.04  ? 143 LEU A CD2 1 
ATOM 936  N N   . LYS A 1 123 ? -6.369  3.130   18.141  1.00 49.48  ? 144 LYS A N   1 
ATOM 937  C CA  . LYS A 1 123 ? -6.065  2.392   19.367  1.00 49.48  ? 144 LYS A CA  1 
ATOM 938  C C   . LYS A 1 123 ? -4.660  1.823   19.387  1.00 49.48  ? 144 LYS A C   1 
ATOM 939  O O   . LYS A 1 123 ? -4.430  0.671   19.741  1.00 49.48  ? 144 LYS A O   1 
ATOM 940  C CB  . LYS A 1 123 ? -7.097  1.278   19.601  1.00 54.37  ? 144 LYS A CB  1 
ATOM 941  C CG  . LYS A 1 123 ? -8.521  1.778   19.846  1.00 54.37  ? 144 LYS A CG  1 
ATOM 942  C CD  . LYS A 1 123 ? -9.470  0.612   20.019  1.00 54.37  ? 144 LYS A CD  1 
ATOM 943  C CE  . LYS A 1 123 ? -10.908 1.075   20.114  1.00 54.37  ? 144 LYS A CE  1 
ATOM 944  N NZ  . LYS A 1 123 ? -11.105 2.012   21.252  1.00 54.37  ? 144 LYS A NZ  1 
ATOM 945  N N   . TRP A 1 124 ? -3.724  2.671   18.994  1.00 37.12  ? 145 TRP A N   1 
ATOM 946  C CA  . TRP A 1 124 ? -2.309  2.356   18.979  1.00 37.12  ? 145 TRP A CA  1 
ATOM 947  C C   . TRP A 1 124 ? -1.917  1.036   18.319  1.00 37.12  ? 145 TRP A C   1 
ATOM 948  O O   . TRP A 1 124 ? -0.859  0.478   18.589  1.00 37.12  ? 145 TRP A O   1 
ATOM 949  C CB  . TRP A 1 124 ? -1.779  2.435   20.408  1.00 44.03  ? 145 TRP A CB  1 
ATOM 950  C CG  . TRP A 1 124 ? -2.111  3.752   21.045  1.00 44.03  ? 145 TRP A CG  1 
ATOM 951  C CD1 . TRP A 1 124 ? -3.272  4.097   21.665  1.00 44.03  ? 145 TRP A CD1 1 
ATOM 952  C CD2 . TRP A 1 124 ? -1.277  4.926   21.056  1.00 44.03  ? 145 TRP A CD2 1 
ATOM 953  N NE1 . TRP A 1 124 ? -3.216  5.410   22.070  1.00 44.03  ? 145 TRP A NE1 1 
ATOM 954  C CE2 . TRP A 1 124 ? -2.010  5.943   21.708  1.00 44.03  ? 145 TRP A CE2 1 
ATOM 955  C CE3 . TRP A 1 124 ? 0.011   5.202   20.580  1.00 44.03  ? 145 TRP A CE3 1 
ATOM 956  C CZ2 . TRP A 1 124 ? -1.491  7.227   21.897  1.00 44.03  ? 145 TRP A CZ2 1 
ATOM 957  C CZ3 . TRP A 1 124 ? 0.528   6.476   20.764  1.00 44.03  ? 145 TRP A CZ3 1 
ATOM 958  C CH2 . TRP A 1 124 ? -0.221  7.476   21.419  1.00 44.03  ? 145 TRP A CH2 1 
ATOM 959  N N   . ASP A 1 125 ? -2.768  0.533   17.442  1.00 59.96  ? 146 ASP A N   1 
ATOM 960  C CA  . ASP A 1 125 ? -2.439  -0.699  16.749  1.00 59.96  ? 146 ASP A CA  1 
ATOM 961  C C   . ASP A 1 125 ? -2.316  -0.372  15.273  1.00 59.96  ? 146 ASP A C   1 
ATOM 962  O O   . ASP A 1 125 ? -3.281  -0.436  14.517  1.00 59.96  ? 146 ASP A O   1 
ATOM 963  C CB  . ASP A 1 125 ? -3.511  -1.766  16.976  1.00 84.10  ? 146 ASP A CB  1 
ATOM 964  C CG  . ASP A 1 125 ? -3.135  -3.091  16.377  1.00 84.10  ? 146 ASP A CG  1 
ATOM 965  O OD1 . ASP A 1 125 ? -2.016  -3.579  16.670  1.00 84.10  ? 146 ASP A OD1 1 
ATOM 966  O OD2 . ASP A 1 125 ? -3.949  -3.666  15.613  1.00 84.10  ? 146 ASP A OD2 1 
ATOM 967  N N   . THR A 1 126 ? -1.114  0.018   14.881  1.00 63.28  ? 147 THR A N   1 
ATOM 968  C CA  . THR A 1 126 ? -0.839  0.342   13.500  1.00 63.28  ? 147 THR A CA  1 
ATOM 969  C C   . THR A 1 126 ? 0.044   -0.789  13.034  1.00 63.28  ? 147 THR A C   1 
ATOM 970  O O   . THR A 1 126 ? 1.218   -0.850  13.371  1.00 63.28  ? 147 THR A O   1 
ATOM 971  C CB  . THR A 1 126 ? -0.076  1.652   13.390  1.00 56.56  ? 147 THR A CB  1 
ATOM 972  O OG1 . THR A 1 126 ? 1.212   1.517   14.007  1.00 56.56  ? 147 THR A OG1 1 
ATOM 973  C CG2 . THR A 1 126 ? -0.846  2.749   14.086  1.00 56.56  ? 147 THR A CG2 1 
ATOM 974  N N   . GLU A 1 127 ? -0.538  -1.702  12.285  1.00 45.37  ? 148 GLU A N   1 
ATOM 975  C CA  . GLU A 1 127 ? 0.191   -2.847  11.773  1.00 45.37  ? 148 GLU A CA  1 
ATOM 976  C C   . GLU A 1 127 ? -0.668  -3.457  10.675  1.00 45.37  ? 148 GLU A C   1 
ATOM 977  O O   . GLU A 1 127 ? -1.892  -3.505  10.787  1.00 45.37  ? 148 GLU A O   1 
ATOM 978  C CB  . GLU A 1 127 ? 0.405   -3.875  12.873  1.00 90.98  ? 148 GLU A CB  1 
ATOM 979  C CG  . GLU A 1 127 ? 1.130   -5.117  12.402  1.00 90.98  ? 148 GLU A CG  1 
ATOM 980  C CD  . GLU A 1 127 ? 2.489   -4.805  11.835  1.00 90.98  ? 148 GLU A CD  1 
ATOM 981  O OE1 . GLU A 1 127 ? 2.598   -4.188  10.742  1.00 90.98  ? 148 GLU A OE1 1 
ATOM 982  O OE2 . GLU A 1 127 ? 3.491   -5.173  12.494  1.00 90.98  ? 148 GLU A OE2 1 
ATOM 983  N N   . ALA A 1 128 ? -0.041  -3.947  9.621   1.00 51.89  ? 149 ALA A N   1 
ATOM 984  C CA  . ALA A 1 128 ? -0.826  -4.501  8.543   1.00 51.89  ? 149 ALA A CA  1 
ATOM 985  C C   . ALA A 1 128 ? 0.001   -5.362  7.627   1.00 51.89  ? 149 ALA A C   1 
ATOM 986  O O   . ALA A 1 128 ? 1.195   -5.135  7.442   1.00 51.89  ? 149 ALA A O   1 
ATOM 987  C CB  . ALA A 1 128 ? -1.460  -3.375  7.746   1.00 74.04  ? 149 ALA A CB  1 
ATOM 988  N N   . VAL A 1 129 ? -0.640  -6.364  7.049   1.00 44.83  ? 150 VAL A N   1 
ATOM 989  C CA  . VAL A 1 129 ? 0.075   -7.203  6.118   1.00 44.83  ? 150 VAL A CA  1 
ATOM 990  C C   . VAL A 1 129 ? -0.112  -6.370  4.871   1.00 44.83  ? 150 VAL A C   1 
ATOM 991  O O   . VAL A 1 129 ? -1.226  -5.930  4.577   1.00 44.83  ? 150 VAL A O   1 
ATOM 992  C CB  . VAL A 1 129 ? -0.575  -8.582  5.928   1.00 35.94  ? 150 VAL A CB  1 
ATOM 993  C CG1 . VAL A 1 129 ? 0.471   -9.561  5.452   1.00 35.94  ? 150 VAL A CG1 1 
ATOM 994  C CG2 . VAL A 1 129 ? -1.211  -9.053  7.201   1.00 35.94  ? 150 VAL A CG2 1 
ATOM 995  N N   . LEU A 1 130 ? 0.976   -6.120  4.162   1.00 45.17  ? 151 LEU A N   1 
ATOM 996  C CA  . LEU A 1 130 ? 0.922   -5.290  2.968   1.00 45.17  ? 151 LEU A CA  1 
ATOM 997  C C   . LEU A 1 130 ? 1.218   -6.226  1.794   1.00 45.17  ? 151 LEU A C   1 
ATOM 998  O O   . LEU A 1 130 ? 1.916   -7.215  1.973   1.00 45.17  ? 151 LEU A O   1 
ATOM 999  C CB  . LEU A 1 130 ? 1.970   -4.154  3.104   1.00 29.16  ? 151 LEU A CB  1 
ATOM 1000 C CG  . LEU A 1 130 ? 2.013   -3.474  4.489   1.00 29.16  ? 151 LEU A CG  1 
ATOM 1001 C CD1 . LEU A 1 130 ? 3.166   -2.534  4.539   1.00 29.16  ? 151 LEU A CD1 1 
ATOM 1002 C CD2 . LEU A 1 130 ? 0.713   -2.766  4.829   1.00 29.16  ? 151 LEU A CD2 1 
ATOM 1003 N N   . ALA A 1 131 ? 0.652   -5.958  0.617   1.00 37.19  ? 152 ALA A N   1 
ATOM 1004 C CA  . ALA A 1 131 ? 0.915   -6.808  -0.537  1.00 37.19  ? 152 ALA A CA  1 
ATOM 1005 C C   . ALA A 1 131 ? 2.430   -6.941  -0.625  1.00 37.19  ? 152 ALA A C   1 
ATOM 1006 O O   . ALA A 1 131 ? 2.963   -7.961  -1.039  1.00 37.19  ? 152 ALA A O   1 
ATOM 1007 C CB  . ALA A 1 131 ? 0.381   -6.176  -1.793  1.00 13.50  ? 152 ALA A CB  1 
ATOM 1008 N N   . THR A 1 132 ? 3.116   -5.879  -0.232  1.00 58.68  ? 153 THR A N   1 
ATOM 1009 C CA  . THR A 1 132 ? 4.564   -5.840  -0.218  1.00 58.68  ? 153 THR A CA  1 
ATOM 1010 C C   . THR A 1 132 ? 5.151   -7.035  0.524   1.00 58.68  ? 153 THR A C   1 
ATOM 1011 O O   . THR A 1 132 ? 6.183   -7.573  0.136   1.00 58.68  ? 153 THR A O   1 
ATOM 1012 C CB  . THR A 1 132 ? 5.041   -4.528  0.452   1.00 61.16  ? 153 THR A CB  1 
ATOM 1013 O OG1 . THR A 1 132 ? 5.287   -3.548  -0.565  1.00 61.16  ? 153 THR A OG1 1 
ATOM 1014 C CG2 . THR A 1 132 ? 6.287   -4.759  1.326   1.00 61.16  ? 153 THR A CG2 1 
ATOM 1015 N N   . ASP A 1 133 ? 4.489   -7.450  1.594   1.00 65.50  ? 154 ASP A N   1 
ATOM 1016 C CA  . ASP A 1 133 ? 4.974   -8.563  2.383   1.00 65.50  ? 154 ASP A CA  1 
ATOM 1017 C C   . ASP A 1 133 ? 4.917   -9.910  1.673   1.00 65.50  ? 154 ASP A C   1 
ATOM 1018 O O   . ASP A 1 133 ? 5.473   -10.882 2.169   1.00 65.50  ? 154 ASP A O   1 
ATOM 1019 C CB  . ASP A 1 133 ? 4.197   -8.662  3.695   1.00 47.35  ? 154 ASP A CB  1 
ATOM 1020 C CG  . ASP A 1 133 ? 4.211   -7.373  4.481   1.00 47.35  ? 154 ASP A CG  1 
ATOM 1021 O OD1 . ASP A 1 133 ? 5.259   -6.706  4.500   1.00 47.35  ? 154 ASP A OD1 1 
ATOM 1022 O OD2 . ASP A 1 133 ? 3.180   -7.043  5.098   1.00 47.35  ? 154 ASP A OD2 1 
ATOM 1023 N N   . PHE A 1 134 ? 4.251   -9.977  0.522   1.00 76.73  ? 155 PHE A N   1 
ATOM 1024 C CA  . PHE A 1 134 ? 4.135   -11.236 -0.220  1.00 76.73  ? 155 PHE A CA  1 
ATOM 1025 C C   . PHE A 1 134 ? 5.138   -11.457 -1.360  1.00 76.73  ? 155 PHE A C   1 
ATOM 1026 O O   . PHE A 1 134 ? 5.314   -12.589 -1.798  1.00 76.73  ? 155 PHE A O   1 
ATOM 1027 C CB  . PHE A 1 134 ? 2.728   -11.400 -0.803  1.00 57.26  ? 155 PHE A CB  1 
ATOM 1028 C CG  . PHE A 1 134 ? 1.677   -11.808 0.194   1.00 57.26  ? 155 PHE A CG  1 
ATOM 1029 C CD1 . PHE A 1 134 ? 1.229   -10.928 1.162   1.00 57.26  ? 155 PHE A CD1 1 
ATOM 1030 C CD2 . PHE A 1 134 ? 1.102   -13.072 0.127   1.00 57.26  ? 155 PHE A CD2 1 
ATOM 1031 C CE1 . PHE A 1 134 ? 0.219   -11.298 2.039   1.00 57.26  ? 155 PHE A CE1 1 
ATOM 1032 C CE2 . PHE A 1 134 ? 0.097   -13.449 1.000   1.00 57.26  ? 155 PHE A CE2 1 
ATOM 1033 C CZ  . PHE A 1 134 ? -0.347  -12.563 1.955   1.00 57.26  ? 155 PHE A CZ  1 
ATOM 1034 N N   . LEU A 1 135 ? 5.778   -10.394 -1.847  1.00 53.51  ? 156 LEU A N   1 
ATOM 1035 C CA  . LEU A 1 135 ? 6.747   -10.505 -2.939  1.00 53.51  ? 156 LEU A CA  1 
ATOM 1036 C C   . LEU A 1 135 ? 7.826   -11.550 -2.710  1.00 53.51  ? 156 LEU A C   1 
ATOM 1037 O O   . LEU A 1 135 ? 7.895   -12.533 -3.438  1.00 53.51  ? 156 LEU A O   1 
ATOM 1038 C CB  . LEU A 1 135 ? 7.415   -9.164  -3.195  1.00 46.24  ? 156 LEU A CB  1 
ATOM 1039 C CG  . LEU A 1 135 ? 6.427   -8.079  -3.579  1.00 46.24  ? 156 LEU A CG  1 
ATOM 1040 C CD1 . LEU A 1 135 ? 7.178   -6.780  -3.782  1.00 46.24  ? 156 LEU A CD1 1 
ATOM 1041 C CD2 . LEU A 1 135 ? 5.670   -8.490  -4.841  1.00 46.24  ? 156 LEU A CD2 1 
ATOM 1042 N N   . ILE A 1 136 ? 8.684   -11.342 -1.715  1.00 94.55  ? 157 ILE A N   1 
ATOM 1043 C CA  . ILE A 1 136 ? 9.737   -12.314 -1.454  1.00 94.55  ? 157 ILE A CA  1 
ATOM 1044 C C   . ILE A 1 136 ? 9.137   -13.699 -1.187  1.00 94.55  ? 157 ILE A C   1 
ATOM 1045 O O   . ILE A 1 136 ? 9.499   -14.670 -1.844  1.00 94.55  ? 157 ILE A O   1 
ATOM 1046 C CB  . ILE A 1 136 ? 10.594  -11.869 -0.281  1.00 53.07  ? 157 ILE A CB  1 
ATOM 1047 N N   . PRO A 1 137 ? 8.203   -13.806 -0.227  1.00 79.16  ? 158 PRO A N   1 
ATOM 1048 C CA  . PRO A 1 137 ? 7.558   -15.076 0.119   1.00 79.16  ? 158 PRO A CA  1 
ATOM 1049 C C   . PRO A 1 137 ? 6.907   -15.864 -1.026  1.00 79.16  ? 158 PRO A C   1 
ATOM 1050 O O   . PRO A 1 137 ? 6.911   -17.095 -1.013  1.00 79.16  ? 158 PRO A O   1 
ATOM 1051 C CB  . PRO A 1 137 ? 6.555   -14.649 1.185   1.00 70.67  ? 158 PRO A CB  1 
ATOM 1052 C CG  . PRO A 1 137 ? 7.306   -13.533 1.865   1.00 70.67  ? 158 PRO A CG  1 
ATOM 1053 C CD  . PRO A 1 137 ? 7.678   -12.741 0.640   1.00 70.67  ? 158 PRO A CD  1 
ATOM 1054 N N   . LEU A 1 138 ? 6.337   -15.165 -2.002  1.00 60.12  ? 159 LEU A N   1 
ATOM 1055 C CA  . LEU A 1 138 ? 5.709   -15.833 -3.138  1.00 60.12  ? 159 LEU A CA  1 
ATOM 1056 C C   . LEU A 1 138 ? 6.710   -15.974 -4.281  1.00 60.12  ? 159 LEU A C   1 
ATOM 1057 O O   . LEU A 1 138 ? 6.447   -16.679 -5.251  1.00 60.12  ? 159 LEU A O   1 
ATOM 1058 C CB  . LEU A 1 138 ? 4.490   -15.047 -3.644  1.00 62.96  ? 159 LEU A CB  1 
ATOM 1059 C CG  . LEU A 1 138 ? 3.236   -14.810 -2.792  1.00 62.96  ? 159 LEU A CG  1 
ATOM 1060 C CD1 . LEU A 1 138 ? 2.315   -13.871 -3.555  1.00 62.96  ? 159 LEU A CD1 1 
ATOM 1061 C CD2 . LEU A 1 138 ? 2.526   -16.119 -2.478  1.00 62.96  ? 159 LEU A CD2 1 
ATOM 1062 N N   . CYS A 1 139 ? 7.848   -15.294 -4.173  1.00 62.76  ? 160 CYS A N   1 
ATOM 1063 C CA  . CYS A 1 139 ? 8.868   -15.372 -5.213  1.00 62.76  ? 160 CYS A CA  1 
ATOM 1064 C C   . CYS A 1 139 ? 9.524   -16.737 -5.302  1.00 62.76  ? 160 CYS A C   1 
ATOM 1065 O O   . CYS A 1 139 ? 9.735   -17.251 -6.401  1.00 62.76  ? 160 CYS A O   1 
ATOM 1066 C CB  . CYS A 1 139 ? 9.943   -14.295 -5.023  1.00 62.98  ? 160 CYS A CB  1 
ATOM 1067 S SG  . CYS A 1 139 ? 9.676   -12.810 -6.036  1.00 62.98  ? 160 CYS A SG  1 
ATOM 1068 N N   . ASN A 1 140 ? 9.860   -17.330 -4.162  1.00 81.22  ? 161 ASN A N   1 
ATOM 1069 C CA  . ASN A 1 140 ? 10.467  -18.649 -4.204  1.00 81.22  ? 161 ASN A CA  1 
ATOM 1070 C C   . ASN A 1 140 ? 9.349   -19.677 -4.418  1.00 81.22  ? 161 ASN A C   1 
ATOM 1071 O O   . ASN A 1 140 ? 9.465   -20.556 -5.276  1.00 81.22  ? 161 ASN A O   1 
ATOM 1072 C CB  . ASN A 1 140 ? 11.267  -18.927 -2.919  1.00 80.94  ? 161 ASN A CB  1 
ATOM 1073 C CG  . ASN A 1 140 ? 10.396  -19.055 -1.688  1.00 80.94  ? 161 ASN A CG  1 
ATOM 1074 O OD1 . ASN A 1 140 ? 9.687   -20.041 -1.507  1.00 80.94  ? 161 ASN A OD1 1 
ATOM 1075 N ND2 . ASN A 1 140 ? 10.445  -18.046 -0.828  1.00 80.94  ? 161 ASN A ND2 1 
ATOM 1076 N N   . ALA A 1 141 ? 8.254   -19.543 -3.672  1.00 85.06  ? 162 ALA A N   1 
ATOM 1077 C CA  . ALA A 1 141 ? 7.132   -20.462 -3.805  1.00 85.06  ? 162 ALA A CA  1 
ATOM 1078 C C   . ALA A 1 141 ? 6.744   -20.576 -5.274  1.00 85.06  ? 162 ALA A C   1 
ATOM 1079 O O   . ALA A 1 141 ? 6.152   -21.564 -5.682  1.00 85.06  ? 162 ALA A O   1 
ATOM 1080 C CB  . ALA A 1 141 ? 5.940   -19.983 -2.965  1.00 22.18  ? 162 ALA A CB  1 
ATOM 1081 N N   . LEU A 1 142 ? 7.086   -19.562 -6.065  1.00 86.65  ? 163 LEU A N   1 
ATOM 1082 C CA  . LEU A 1 142 ? 6.795   -19.559 -7.497  1.00 86.65  ? 163 LEU A CA  1 
ATOM 1083 C C   . LEU A 1 142 ? 7.932   -20.151 -8.324  1.00 86.65  ? 163 LEU A C   1 
ATOM 1084 O O   . LEU A 1 142 ? 8.048   -19.865 -9.508  1.00 86.65  ? 163 LEU A O   1 
ATOM 1085 C CB  . LEU A 1 142 ? 6.513   -18.135 -7.994  1.00 37.16  ? 163 LEU A CB  1 
ATOM 1086 C CG  . LEU A 1 142 ? 5.087   -17.595 -7.923  1.00 37.16  ? 163 LEU A CG  1 
ATOM 1087 C CD1 . LEU A 1 142 ? 5.039   -16.156 -8.454  1.00 37.16  ? 163 LEU A CD1 1 
ATOM 1088 C CD2 . LEU A 1 142 ? 4.186   -18.500 -8.760  1.00 37.16  ? 163 LEU A CD2 1 
ATOM 1089 N N   . LYS A 1 143 ? 8.774   -20.967 -7.707  1.00 104.73 ? 164 LYS A N   1 
ATOM 1090 C CA  . LYS A 1 143 ? 9.877   -21.583 -8.435  1.00 104.73 ? 164 LYS A CA  1 
ATOM 1091 C C   . LYS A 1 143 ? 10.699  -20.529 -9.179  1.00 104.73 ? 164 LYS A C   1 
ATOM 1092 O O   . LYS A 1 143 ? 11.067  -20.731 -10.337 1.00 104.73 ? 164 LYS A O   1 
ATOM 1093 C CB  . LYS A 1 143 ? 9.336   -22.604 -9.451  1.00 105.18 ? 164 LYS A CB  1 
ATOM 1094 C CG  . LYS A 1 143 ? 10.406  -23.448 -10.176 1.00 105.18 ? 164 LYS A CG  1 
ATOM 1095 C CD  . LYS A 1 143 ? 9.858   -24.084 -11.459 1.00 105.18 ? 164 LYS A CD  1 
ATOM 1096 C CE  . LYS A 1 143 ? 8.624   -24.939 -11.197 1.00 105.18 ? 164 LYS A CE  1 
ATOM 1097 N NZ  . LYS A 1 143 ? 8.038   -25.455 -12.464 1.00 105.18 ? 164 LYS A NZ  1 
ATOM 1098 N N   . ILE A 1 144 ? 10.969  -19.398 -8.538  1.00 76.60  ? 165 ILE A N   1 
ATOM 1099 C CA  . ILE A 1 144 ? 11.775  -18.360 -9.182  1.00 76.60  ? 165 ILE A CA  1 
ATOM 1100 C C   . ILE A 1 144 ? 13.068  -18.233 -8.380  1.00 76.60  ? 165 ILE A C   1 
ATOM 1101 O O   . ILE A 1 144 ? 13.032  -17.928 -7.193  1.00 76.60  ? 165 ILE A O   1 
ATOM 1102 C CB  . ILE A 1 144 ? 11.014  -17.011 -9.222  1.00 35.47  ? 165 ILE A CB  1 
ATOM 1103 N N   . PRO A 1 145 ? 14.227  -18.499 -9.015  1.00 105.18 ? 166 PRO A N   1 
ATOM 1104 C CA  . PRO A 1 145 ? 15.545  -18.420 -8.370  1.00 105.18 ? 166 PRO A CA  1 
ATOM 1105 C C   . PRO A 1 145 ? 15.975  -17.034 -7.868  1.00 105.18 ? 166 PRO A C   1 
ATOM 1106 O O   . PRO A 1 145 ? 15.601  -16.008 -8.437  1.00 105.18 ? 166 PRO A O   1 
ATOM 1107 C CB  . PRO A 1 145 ? 16.476  -18.965 -9.456  1.00 100.51 ? 166 PRO A CB  1 
ATOM 1108 C CG  . PRO A 1 145 ? 15.797  -18.489 -10.712 1.00 100.51 ? 166 PRO A CG  1 
ATOM 1109 C CD  . PRO A 1 145 ? 14.389  -18.951 -10.409 1.00 100.51 ? 166 PRO A CD  1 
ATOM 1110 N N   . GLU A 1 146 ? 16.776  -17.028 -6.803  1.00 105.18 ? 167 GLU A N   1 
ATOM 1111 C CA  . GLU A 1 146 ? 17.280  -15.803 -6.182  1.00 105.18 ? 167 GLU A CA  1 
ATOM 1112 C C   . GLU A 1 146 ? 18.228  -15.007 -7.070  1.00 105.18 ? 167 GLU A C   1 
ATOM 1113 O O   . GLU A 1 146 ? 19.114  -14.317 -6.564  1.00 105.18 ? 167 GLU A O   1 
ATOM 1114 C CB  . GLU A 1 146 ? 18.027  -16.128 -4.887  1.00 95.18  ? 167 GLU A CB  1 
ATOM 1115 C CG  . GLU A 1 146 ? 17.222  -16.871 -3.846  1.00 95.18  ? 167 GLU A CG  1 
ATOM 1116 C CD  . GLU A 1 146 ? 18.047  -17.206 -2.617  1.00 95.18  ? 167 GLU A CD  1 
ATOM 1117 O OE1 . GLU A 1 146 ? 18.601  -16.266 -2.005  1.00 95.18  ? 167 GLU A OE1 1 
ATOM 1118 O OE2 . GLU A 1 146 ? 18.143  -18.407 -2.265  1.00 95.18  ? 167 GLU A OE2 1 
ATOM 1119 N N   . ASP A 1 147 ? 18.061  -15.100 -8.384  1.00 105.18 ? 168 ASP A N   1 
ATOM 1120 C CA  . ASP A 1 147 ? 18.932  -14.362 -9.285  1.00 105.18 ? 168 ASP A CA  1 
ATOM 1121 C C   . ASP A 1 147 ? 18.157  -13.204 -9.883  1.00 105.18 ? 168 ASP A C   1 
ATOM 1122 O O   . ASP A 1 147 ? 18.737  -12.201 -10.302 1.00 105.18 ? 168 ASP A O   1 
ATOM 1123 C CB  . ASP A 1 147 ? 19.452  -15.276 -10.397 1.00 105.18 ? 168 ASP A CB  1 
ATOM 1124 C CG  . ASP A 1 147 ? 20.161  -16.505 -9.856  1.00 105.18 ? 168 ASP A CG  1 
ATOM 1125 O OD1 . ASP A 1 147 ? 21.106  -16.353 -9.050  1.00 105.18 ? 168 ASP A OD1 1 
ATOM 1126 O OD2 . ASP A 1 147 ? 19.776  -17.627 -10.248 1.00 105.18 ? 168 ASP A OD2 1 
ATOM 1127 N N   . LEU A 1 148 ? 16.838  -13.346 -9.906  1.00 105.18 ? 169 LEU A N   1 
ATOM 1128 C CA  . LEU A 1 148 ? 15.980  -12.313 -10.461 1.00 105.18 ? 169 LEU A CA  1 
ATOM 1129 C C   . LEU A 1 148 ? 15.104  -11.667 -9.384  1.00 105.18 ? 169 LEU A C   1 
ATOM 1130 O O   . LEU A 1 148 ? 14.236  -10.845 -9.688  1.00 105.18 ? 169 LEU A O   1 
ATOM 1131 C CB  . LEU A 1 148 ? 15.119  -12.903 -11.593 1.00 61.84  ? 169 LEU A CB  1 
ATOM 1132 N N   . TRP A 1 149 ? 15.339  -12.037 -8.128  1.00 104.48 ? 170 TRP A N   1 
ATOM 1133 C CA  . TRP A 1 149 ? 14.585  -11.469 -7.011  1.00 104.48 ? 170 TRP A CA  1 
ATOM 1134 C C   . TRP A 1 149 ? 14.827  -9.968  -6.837  1.00 104.48 ? 170 TRP A C   1 
ATOM 1135 O O   . TRP A 1 149 ? 13.874  -9.194  -6.731  1.00 104.48 ? 170 TRP A O   1 
ATOM 1136 C CB  . TRP A 1 149 ? 14.936  -12.190 -5.712  1.00 59.75  ? 170 TRP A CB  1 
ATOM 1137 C CG  . TRP A 1 149 ? 14.179  -13.457 -5.488  1.00 59.75  ? 170 TRP A CG  1 
ATOM 1138 C CD1 . TRP A 1 149 ? 13.398  -14.122 -6.391  1.00 59.75  ? 170 TRP A CD1 1 
ATOM 1139 C CD2 . TRP A 1 149 ? 14.134  -14.234 -4.280  1.00 59.75  ? 170 TRP A CD2 1 
ATOM 1140 N NE1 . TRP A 1 149 ? 12.874  -15.256 -5.821  1.00 59.75  ? 170 TRP A NE1 1 
ATOM 1141 C CE2 . TRP A 1 149 ? 13.313  -15.344 -4.524  1.00 59.75  ? 170 TRP A CE2 1 
ATOM 1142 C CE3 . TRP A 1 149 ? 14.720  -14.085 -3.011  1.00 59.75  ? 170 TRP A CE3 1 
ATOM 1143 C CZ2 . TRP A 1 149 ? 13.053  -16.313 -3.549  1.00 59.75  ? 170 TRP A CZ2 1 
ATOM 1144 C CZ3 . TRP A 1 149 ? 14.461  -15.050 -2.041  1.00 59.75  ? 170 TRP A CZ3 1 
ATOM 1145 C CH2 . TRP A 1 149 ? 13.636  -16.147 -2.318  1.00 59.75  ? 170 TRP A CH2 1 
ATOM 1146 N N   . PRO A 1 150 ? 16.105  -9.536  -6.804  1.00 105.18 ? 171 PRO A N   1 
ATOM 1147 C CA  . PRO A 1 150 ? 16.433  -8.116  -6.640  1.00 105.18 ? 171 PRO A CA  1 
ATOM 1148 C C   . PRO A 1 150 ? 15.750  -7.169  -7.632  1.00 105.18 ? 171 PRO A C   1 
ATOM 1149 O O   . PRO A 1 150 ? 15.390  -6.051  -7.269  1.00 105.18 ? 171 PRO A O   1 
ATOM 1150 C CB  . PRO A 1 150 ? 17.961  -8.109  -6.765  1.00 105.18 ? 171 PRO A CB  1 
ATOM 1151 C CG  . PRO A 1 150 ? 18.233  -9.332  -7.642  1.00 105.18 ? 171 PRO A CG  1 
ATOM 1152 C CD  . PRO A 1 150 ? 17.349  -10.315 -6.918  1.00 105.18 ? 171 PRO A CD  1 
ATOM 1153 N N   . GLN A 1 151 ? 15.571  -7.607  -8.876  1.00 104.80 ? 172 GLN A N   1 
ATOM 1154 C CA  . GLN A 1 151 ? 14.923  -6.768  -9.891  1.00 104.80 ? 172 GLN A CA  1 
ATOM 1155 C C   . GLN A 1 151 ? 13.417  -6.996  -9.926  1.00 104.80 ? 172 GLN A C   1 
ATOM 1156 O O   . GLN A 1 151 ? 12.664  -6.148  -10.403 1.00 104.80 ? 172 GLN A O   1 
ATOM 1157 C CB  . GLN A 1 151 ? 15.519  -7.049  -11.270 1.00 63.91  ? 172 GLN A CB  1 
ATOM 1158 N N   . LEU A 1 152 ? 12.988  -8.146  -9.415  1.00 57.23  ? 173 LEU A N   1 
ATOM 1159 C CA  . LEU A 1 152 ? 11.576  -8.505  -9.397  1.00 57.23  ? 173 LEU A CA  1 
ATOM 1160 C C   . LEU A 1 152 ? 10.869  -7.876  -8.214  1.00 57.23  ? 173 LEU A C   1 
ATOM 1161 O O   . LEU A 1 152 ? 9.659   -7.669  -8.248  1.00 57.23  ? 173 LEU A O   1 
ATOM 1162 C CB  . LEU A 1 152 ? 11.418  -10.027 -9.325  1.00 68.50  ? 173 LEU A CB  1 
ATOM 1163 C CG  . LEU A 1 152 ? 10.003  -10.599 -9.448  1.00 68.50  ? 173 LEU A CG  1 
ATOM 1164 C CD1 . LEU A 1 152 ? 9.420   -10.290 -10.832 1.00 68.50  ? 173 LEU A CD1 1 
ATOM 1165 C CD2 . LEU A 1 152 ? 10.057  -12.096 -9.215  1.00 68.50  ? 173 LEU A CD2 1 
ATOM 1166 N N   . TYR A 1 153 ? 11.631  -7.585  -7.165  1.00 71.28  ? 174 TYR A N   1 
ATOM 1167 C CA  . TYR A 1 153 ? 11.079  -6.980  -5.958  1.00 71.28  ? 174 TYR A CA  1 
ATOM 1168 C C   . TYR A 1 153 ? 10.910  -5.478  -6.174  1.00 71.28  ? 174 TYR A C   1 
ATOM 1169 O O   . TYR A 1 153 ? 10.088  -4.837  -5.522  1.00 71.28  ? 174 TYR A O   1 
ATOM 1170 C CB  . TYR A 1 153 ? 12.000  -7.248  -4.749  1.00 57.41  ? 174 TYR A CB  1 
ATOM 1171 C CG  . TYR A 1 153 ? 11.473  -6.724  -3.429  1.00 57.41  ? 174 TYR A CG  1 
ATOM 1172 C CD1 . TYR A 1 153 ? 10.376  -7.320  -2.802  1.00 57.41  ? 174 TYR A CD1 1 
ATOM 1173 C CD2 . TYR A 1 153 ? 12.018  -5.572  -2.852  1.00 57.41  ? 174 TYR A CD2 1 
ATOM 1174 C CE1 . TYR A 1 153 ? 9.827   -6.772  -1.634  1.00 57.41  ? 174 TYR A CE1 1 
ATOM 1175 C CE2 . TYR A 1 153 ? 11.478  -5.016  -1.687  1.00 57.41  ? 174 TYR A CE2 1 
ATOM 1176 C CZ  . TYR A 1 153 ? 10.384  -5.612  -1.085  1.00 57.41  ? 174 TYR A CZ  1 
ATOM 1177 O OH  . TYR A 1 153 ? 9.825   -5.029  0.031   1.00 57.41  ? 174 TYR A OH  1 
ATOM 1178 N N   . GLU A 1 154 ? 11.682  -4.924  -7.104  1.00 66.04  ? 175 GLU A N   1 
ATOM 1179 C CA  . GLU A 1 154 ? 11.610  -3.495  -7.404  1.00 66.04  ? 175 GLU A CA  1 
ATOM 1180 C C   . GLU A 1 154 ? 10.410  -3.155  -8.267  1.00 66.04  ? 175 GLU A C   1 
ATOM 1181 O O   . GLU A 1 154 ? 9.657   -2.232  -7.963  1.00 66.04  ? 175 GLU A O   1 
ATOM 1182 C CB  . GLU A 1 154 ? 12.868  -3.027  -8.130  1.00 85.54  ? 175 GLU A CB  1 
ATOM 1183 C CG  . GLU A 1 154 ? 12.887  -1.537  -8.427  1.00 85.54  ? 175 GLU A CG  1 
ATOM 1184 C CD  . GLU A 1 154 ? 12.859  -0.691  -7.161  1.00 85.54  ? 175 GLU A CD  1 
ATOM 1185 O OE1 . GLU A 1 154 ? 13.710  -0.924  -6.281  1.00 85.54  ? 175 GLU A OE1 1 
ATOM 1186 O OE2 . GLU A 1 154 ? 12.003  0.214   -7.040  1.00 85.54  ? 175 GLU A OE2 1 
ATOM 1187 N N   . ALA A 1 155 ? 10.242  -3.902  -9.348  1.00 62.99  ? 176 ALA A N   1 
ATOM 1188 C CA  . ALA A 1 155 ? 9.146   -3.660  -10.269 1.00 62.99  ? 176 ALA A CA  1 
ATOM 1189 C C   . ALA A 1 155 ? 7.798   -4.067  -9.702  1.00 62.99  ? 176 ALA A C   1 
ATOM 1190 O O   . ALA A 1 155 ? 6.787   -3.404  -9.948  1.00 62.99  ? 176 ALA A O   1 
ATOM 1191 C CB  . ALA A 1 155 ? 9.402   -4.395  -11.573 1.00 84.25  ? 176 ALA A CB  1 
ATOM 1192 N N   . ALA A 1 156 ? 7.786   -5.160  -8.945  1.00 63.51  ? 177 ALA A N   1 
ATOM 1193 C CA  . ALA A 1 156 ? 6.554   -5.654  -8.359  1.00 63.51  ? 177 ALA A CA  1 
ATOM 1194 C C   . ALA A 1 156 ? 6.062   -4.692  -7.291  1.00 63.51  ? 177 ALA A C   1 
ATOM 1195 O O   . ALA A 1 156 ? 4.860   -4.465  -7.164  1.00 63.51  ? 177 ALA A O   1 
ATOM 1196 C CB  . ALA A 1 156 ? 6.776   -7.036  -7.775  1.00 70.76  ? 177 ALA A CB  1 
ATOM 1197 N N   . SER A 1 157 ? 6.989   -4.124  -6.526  1.00 50.20  ? 178 SER A N   1 
ATOM 1198 C CA  . SER A 1 157 ? 6.620   -3.172  -5.482  1.00 50.20  ? 178 SER A CA  1 
ATOM 1199 C C   . SER A 1 157 ? 6.118   -1.867  -6.083  1.00 50.20  ? 178 SER A C   1 
ATOM 1200 O O   . SER A 1 157 ? 5.154   -1.289  -5.590  1.00 50.20  ? 178 SER A O   1 
ATOM 1201 C CB  . SER A 1 157 ? 7.808   -2.879  -4.565  1.00 88.58  ? 178 SER A CB  1 
ATOM 1202 O OG  . SER A 1 157 ? 8.201   -4.041  -3.860  1.00 88.58  ? 178 SER A OG  1 
ATOM 1203 N N   . THR A 1 158 ? 6.782   -1.417  -7.148  1.00 42.52  ? 179 THR A N   1 
ATOM 1204 C CA  . THR A 1 158 ? 6.446   -0.177  -7.859  1.00 42.52  ? 179 THR A CA  1 
ATOM 1205 C C   . THR A 1 158 ? 5.063   -0.260  -8.500  1.00 42.52  ? 179 THR A C   1 
ATOM 1206 O O   . THR A 1 158 ? 4.337   0.737   -8.584  1.00 42.52  ? 179 THR A O   1 
ATOM 1207 C CB  . THR A 1 158 ? 7.486   0.099   -8.967  1.00 29.25  ? 179 THR A CB  1 
ATOM 1208 O OG1 . THR A 1 158 ? 8.793   0.107   -8.385  1.00 29.25  ? 179 THR A OG1 1 
ATOM 1209 C CG2 . THR A 1 158 ? 7.236   1.434   -9.637  1.00 29.25  ? 179 THR A CG2 1 
ATOM 1210 N N   . THR A 1 159 ? 4.723   -1.463  -8.959  1.00 62.91  ? 180 THR A N   1 
ATOM 1211 C CA  . THR A 1 159 ? 3.440   -1.767  -9.591  1.00 62.91  ? 180 THR A CA  1 
ATOM 1212 C C   . THR A 1 159 ? 2.362   -1.698  -8.517  1.00 62.91  ? 180 THR A C   1 
ATOM 1213 O O   . THR A 1 159 ? 1.409   -0.926  -8.617  1.00 62.91  ? 180 THR A O   1 
ATOM 1214 C CB  . THR A 1 159 ? 3.463   -3.200  -10.190 1.00 69.79  ? 180 THR A CB  1 
ATOM 1215 O OG1 . THR A 1 159 ? 4.504   -3.294  -11.170 1.00 69.79  ? 180 THR A OG1 1 
ATOM 1216 C CG2 . THR A 1 159 ? 2.131   -3.542  -10.833 1.00 69.79  ? 180 THR A CG2 1 
ATOM 1217 N N   . ILE A 1 160 ? 2.539   -2.527  -7.493  1.00 56.90  ? 181 ILE A N   1 
ATOM 1218 C CA  . ILE A 1 160 ? 1.637   -2.608  -6.350  1.00 56.90  ? 181 ILE A CA  1 
ATOM 1219 C C   . ILE A 1 160 ? 1.416   -1.244  -5.668  1.00 56.90  ? 181 ILE A C   1 
ATOM 1220 O O   . ILE A 1 160 ? 0.276   -0.807  -5.462  1.00 56.90  ? 181 ILE A O   1 
ATOM 1221 C CB  . ILE A 1 160 ? 2.209   -3.603  -5.309  1.00 46.24  ? 181 ILE A CB  1 
ATOM 1222 C CG1 . ILE A 1 160 ? 2.327   -4.989  -5.944  1.00 46.24  ? 181 ILE A CG1 1 
ATOM 1223 C CG2 . ILE A 1 160 ? 1.342   -3.628  -4.050  1.00 46.24  ? 181 ILE A CG2 1 
ATOM 1224 C CD1 . ILE A 1 160 ? 2.933   -6.034  -5.027  1.00 46.24  ? 181 ILE A CD1 1 
ATOM 1225 N N   . CYS A 1 161 ? 2.518   -0.589  -5.312  1.00 51.98  ? 182 CYS A N   1 
ATOM 1226 C CA  . CYS A 1 161 ? 2.452   0.702   -4.652  1.00 51.98  ? 182 CYS A CA  1 
ATOM 1227 C C   . CYS A 1 161 ? 1.751   1.721   -5.543  1.00 51.98  ? 182 CYS A C   1 
ATOM 1228 O O   . CYS A 1 161 ? 1.118   2.644   -5.050  1.00 51.98  ? 182 CYS A O   1 
ATOM 1229 C CB  . CYS A 1 161 ? 3.861   1.182   -4.274  1.00 36.49  ? 182 CYS A CB  1 
ATOM 1230 S SG  . CYS A 1 161 ? 4.771   0.202   -3.008  1.00 36.49  ? 182 CYS A SG  1 
ATOM 1231 N N   . LYS A 1 162 ? 1.850   1.559   -6.857  1.00 39.57  ? 183 LYS A N   1 
ATOM 1232 C CA  . LYS A 1 162 ? 1.180   2.492   -7.769  1.00 39.57  ? 183 LYS A CA  1 
ATOM 1233 C C   . LYS A 1 162 ? -0.278  2.072   -7.937  1.00 39.57  ? 183 LYS A C   1 
ATOM 1234 O O   . LYS A 1 162 ? -1.167  2.905   -8.085  1.00 39.57  ? 183 LYS A O   1 
ATOM 1235 C CB  . LYS A 1 162 ? 1.883   2.519   -9.135  1.00 47.89  ? 183 LYS A CB  1 
ATOM 1236 N N   . ALA A 1 163 ? -0.503  0.764   -7.896  1.00 50.10  ? 184 ALA A N   1 
ATOM 1237 C CA  . ALA A 1 163 ? -1.830  0.195   -8.042  1.00 50.10  ? 184 ALA A CA  1 
ATOM 1238 C C   . ALA A 1 163 ? -2.704  0.481   -6.829  1.00 50.10  ? 184 ALA A C   1 
ATOM 1239 O O   . ALA A 1 163 ? -3.907  0.714   -6.978  1.00 50.10  ? 184 ALA A O   1 
ATOM 1240 C CB  . ALA A 1 163 ? -1.719  -1.297  -8.258  1.00 54.72  ? 184 ALA A CB  1 
ATOM 1241 N N   . LEU A 1 164 ? -2.103  0.447   -5.635  1.00 44.92  ? 185 LEU A N   1 
ATOM 1242 C CA  . LEU A 1 164 ? -2.828  0.700   -4.391  1.00 44.92  ? 185 LEU A CA  1 
ATOM 1243 C C   . LEU A 1 164 ? -3.422  2.101   -4.325  1.00 44.92  ? 185 LEU A C   1 
ATOM 1244 O O   . LEU A 1 164 ? -4.189  2.413   -3.418  1.00 44.92  ? 185 LEU A O   1 
ATOM 1245 C CB  . LEU A 1 164 ? -1.914  0.481   -3.190  1.00 32.35  ? 185 LEU A CB  1 
ATOM 1246 C CG  . LEU A 1 164 ? -1.682  -0.944  -2.685  1.00 32.35  ? 185 LEU A CG  1 
ATOM 1247 C CD1 . LEU A 1 164 ? -0.580  -0.935  -1.609  1.00 32.35  ? 185 LEU A CD1 1 
ATOM 1248 C CD2 . LEU A 1 164 ? -2.991  -1.505  -2.134  1.00 32.35  ? 185 LEU A CD2 1 
ATOM 1249 N N   . ILE A 1 165 ? -3.068  2.942   -5.289  1.00 44.32  ? 186 ILE A N   1 
ATOM 1250 C CA  . ILE A 1 165 ? -3.595  4.298   -5.325  1.00 44.32  ? 186 ILE A CA  1 
ATOM 1251 C C   . ILE A 1 165 ? -5.072  4.237   -5.707  1.00 44.32  ? 186 ILE A C   1 
ATOM 1252 O O   . ILE A 1 165 ? -5.860  5.085   -5.315  1.00 44.32  ? 186 ILE A O   1 
ATOM 1253 C CB  . ILE A 1 165 ? -2.823  5.204   -6.357  1.00 35.29  ? 186 ILE A CB  1 
ATOM 1254 C CG1 . ILE A 1 165 ? -1.322  5.232   -6.031  1.00 35.29  ? 186 ILE A CG1 1 
ATOM 1255 C CG2 . ILE A 1 165 ? -3.335  6.630   -6.292  1.00 35.29  ? 186 ILE A CG2 1 
ATOM 1256 C CD1 . ILE A 1 165 ? -0.508  6.111   -6.950  1.00 35.29  ? 186 ILE A CD1 1 
ATOM 1257 N N   . GLN A 1 166 ? -5.451  3.199   -6.442  1.00 43.62  ? 187 GLN A N   1 
ATOM 1258 C CA  . GLN A 1 166 ? -6.829  3.024   -6.899  1.00 43.62  ? 187 GLN A CA  1 
ATOM 1259 C C   . GLN A 1 166 ? -7.785  2.374   -5.903  1.00 43.62  ? 187 GLN A C   1 
ATOM 1260 O O   . GLN A 1 166 ? -7.438  1.404   -5.236  1.00 43.62  ? 187 GLN A O   1 
ATOM 1261 C CB  . GLN A 1 166 ? -6.828  2.207   -8.184  1.00 61.87  ? 187 GLN A CB  1 
ATOM 1262 C CG  . GLN A 1 166 ? -5.913  2.777   -9.236  1.00 61.87  ? 187 GLN A CG  1 
ATOM 1263 C CD  . GLN A 1 166 ? -6.271  4.197   -9.604  1.00 61.87  ? 187 GLN A CD  1 
ATOM 1264 O OE1 . GLN A 1 166 ? -5.497  4.882   -10.263 1.00 61.87  ? 187 GLN A OE1 1 
ATOM 1265 N NE2 . GLN A 1 166 ? -7.454  4.645   -9.197  1.00 61.87  ? 187 GLN A NE2 1 
ATOM 1266 N N   . PRO A 1 167 ? -9.007  2.921   -5.768  1.00 85.85  ? 188 PRO A N   1 
ATOM 1267 C CA  . PRO A 1 167 ? -9.997  2.362   -4.843  1.00 85.85  ? 188 PRO A CA  1 
ATOM 1268 C C   . PRO A 1 167 ? -10.465 0.941   -5.202  1.00 85.85  ? 188 PRO A C   1 
ATOM 1269 O O   . PRO A 1 167 ? -11.324 0.383   -4.522  1.00 85.85  ? 188 PRO A O   1 
ATOM 1270 C CB  . PRO A 1 167 ? -11.127 3.388   -4.913  1.00 35.13  ? 188 PRO A CB  1 
ATOM 1271 C CG  . PRO A 1 167 ? -11.024 3.873   -6.325  1.00 35.13  ? 188 PRO A CG  1 
ATOM 1272 C CD  . PRO A 1 167 ? -9.549  4.146   -6.381  1.00 35.13  ? 188 PRO A CD  1 
ATOM 1273 N N   . ASN A 1 168 ? -9.901  0.366   -6.265  1.00 76.08  ? 189 ASN A N   1 
ATOM 1274 C CA  . ASN A 1 168 ? -10.258 -0.988  -6.700  1.00 76.08  ? 189 ASN A CA  1 
ATOM 1275 C C   . ASN A 1 168 ? -9.556  -1.968  -5.784  1.00 76.08  ? 189 ASN A C   1 
ATOM 1276 O O   . ASN A 1 168 ? -10.185 -2.697  -5.020  1.00 76.08  ? 189 ASN A O   1 
ATOM 1277 C CB  . ASN A 1 168 ? -9.767  -1.269  -8.121  1.00 97.37  ? 189 ASN A CB  1 
ATOM 1278 C CG  . ASN A 1 168 ? -10.008 -0.122  -9.059  1.00 97.37  ? 189 ASN A CG  1 
ATOM 1279 O OD1 . ASN A 1 168 ? -11.118 0.397   -9.148  1.00 97.37  ? 189 ASN A OD1 1 
ATOM 1280 N ND2 . ASN A 1 168 ? -8.965  0.280   -9.781  1.00 97.37  ? 189 ASN A ND2 1 
ATOM 1281 N N   . ILE A 1 169 ? -8.230  -1.976  -5.900  1.00 49.16  ? 190 ILE A N   1 
ATOM 1282 C CA  . ILE A 1 169 ? -7.357  -2.835  -5.120  1.00 49.16  ? 190 ILE A CA  1 
ATOM 1283 C C   . ILE A 1 169 ? -7.652  -2.714  -3.632  1.00 49.16  ? 190 ILE A C   1 
ATOM 1284 O O   . ILE A 1 169 ? -7.393  -3.637  -2.878  1.00 49.16  ? 190 ILE A O   1 
ATOM 1285 C CB  . ILE A 1 169 ? -5.864  -2.478  -5.367  1.00 38.83  ? 190 ILE A CB  1 
ATOM 1286 C CG1 . ILE A 1 169 ? -5.488  -2.724  -6.824  1.00 38.83  ? 190 ILE A CG1 1 
ATOM 1287 C CG2 . ILE A 1 169 ? -4.972  -3.322  -4.512  1.00 38.83  ? 190 ILE A CG2 1 
ATOM 1288 C CD1 . ILE A 1 169 ? -6.228  -1.866  -7.775  1.00 38.83  ? 190 ILE A CD1 1 
ATOM 1289 N N   . ALA A 1 170 ? -8.206  -1.577  -3.215  1.00 56.26  ? 191 ALA A N   1 
ATOM 1290 C CA  . ALA A 1 170 ? -8.523  -1.328  -1.805  1.00 56.26  ? 191 ALA A CA  1 
ATOM 1291 C C   . ALA A 1 170 ? -9.670  -2.175  -1.284  1.00 56.26  ? 191 ALA A C   1 
ATOM 1292 O O   . ALA A 1 170 ? -10.367 -1.771  -0.364  1.00 56.26  ? 191 ALA A O   1 
ATOM 1293 C CB  . ALA A 1 170 ? -8.841  0.161   -1.586  1.00 10.18  ? 191 ALA A CB  1 
ATOM 1294 N N   . LEU A 1 171 ? -9.868  -3.342  -1.879  1.00 70.95  ? 192 LEU A N   1 
ATOM 1295 C CA  . LEU A 1 171 ? -10.926 -4.260  -1.465  1.00 70.95  ? 192 LEU A CA  1 
ATOM 1296 C C   . LEU A 1 171 ? -10.439 -5.670  -1.733  1.00 70.95  ? 192 LEU A C   1 
ATOM 1297 O O   . LEU A 1 171 ? -11.228 -6.591  -1.919  1.00 70.95  ? 192 LEU A O   1 
ATOM 1298 C CB  . LEU A 1 171 ? -12.203 -4.035  -2.273  1.00 65.97  ? 192 LEU A CB  1 
ATOM 1299 C CG  . LEU A 1 171 ? -12.982 -2.735  -2.124  1.00 65.97  ? 192 LEU A CG  1 
ATOM 1300 C CD1 . LEU A 1 171 ? -14.200 -2.795  -3.029  1.00 65.97  ? 192 LEU A CD1 1 
ATOM 1301 C CD2 . LEU A 1 171 ? -13.385 -2.542  -0.670  1.00 65.97  ? 192 LEU A CD2 1 
ATOM 1302 N N   . LEU A 1 172 ? -9.126  -5.832  -1.746  1.00 37.60  ? 193 LEU A N   1 
ATOM 1303 C CA  . LEU A 1 172 ? -8.522  -7.117  -2.030  1.00 37.60  ? 193 LEU A CA  1 
ATOM 1304 C C   . LEU A 1 172 ? -7.623  -7.642  -0.918  1.00 37.60  ? 193 LEU A C   1 
ATOM 1305 O O   . LEU A 1 172 ? -7.173  -6.906  -0.045  1.00 37.60  ? 193 LEU A O   1 
ATOM 1306 C CB  . LEU A 1 172 ? -7.710  -7.001  -3.321  1.00 47.03  ? 193 LEU A CB  1 
ATOM 1307 C CG  . LEU A 1 172 ? -8.482  -6.464  -4.521  1.00 47.03  ? 193 LEU A CG  1 
ATOM 1308 C CD1 . LEU A 1 172 ? -7.567  -6.203  -5.716  1.00 47.03  ? 193 LEU A CD1 1 
ATOM 1309 C CD2 . LEU A 1 172 ? -9.544  -7.473  -4.849  1.00 47.03  ? 193 LEU A CD2 1 
ATOM 1310 N N   . SER A 1 173 ? -7.377  -8.940  -0.970  1.00 50.32  ? 194 SER A N   1 
ATOM 1311 C CA  . SER A 1 173 ? -6.501  -9.596  -0.022  1.00 50.32  ? 194 SER A CA  1 
ATOM 1312 C C   . SER A 1 173 ? -5.128  -9.063  -0.364  1.00 50.32  ? 194 SER A C   1 
ATOM 1313 O O   . SER A 1 173 ? -4.781  -8.964  -1.538  1.00 50.32  ? 194 SER A O   1 
ATOM 1314 C CB  . SER A 1 173 ? -6.533  -11.111 -0.243  1.00 84.57  ? 194 SER A CB  1 
ATOM 1315 O OG  . SER A 1 173 ? -5.511  -11.766 0.484   1.00 84.57  ? 194 SER A OG  1 
ATOM 1316 N N   . PRO A 1 174 ? -4.336  -8.678  0.642   1.00 45.28  ? 195 PRO A N   1 
ATOM 1317 C CA  . PRO A 1 174 ? -3.021  -8.177  0.273   1.00 45.28  ? 195 PRO A CA  1 
ATOM 1318 C C   . PRO A 1 174 ? -2.311  -9.261  -0.519  1.00 45.28  ? 195 PRO A C   1 
ATOM 1319 O O   . PRO A 1 174 ? -1.449  -8.980  -1.352  1.00 45.28  ? 195 PRO A O   1 
ATOM 1320 C CB  . PRO A 1 174 ? -2.380  -7.898  1.629   1.00 64.87  ? 195 PRO A CB  1 
ATOM 1321 C CG  . PRO A 1 174 ? -3.067  -8.886  2.526   1.00 64.87  ? 195 PRO A CG  1 
ATOM 1322 C CD  . PRO A 1 174 ? -4.489  -8.640  2.103   1.00 64.87  ? 195 PRO A CD  1 
ATOM 1323 N N   . GLY A 1 175 ? -2.708  -10.504 -0.268  1.00 51.78  ? 196 GLY A N   1 
ATOM 1324 C CA  . GLY A 1 175 ? -2.110  -11.637 -0.952  1.00 51.78  ? 196 GLY A CA  1 
ATOM 1325 C C   . GLY A 1 175 ? -2.370  -11.606 -2.439  1.00 51.78  ? 196 GLY A C   1 
ATOM 1326 O O   . GLY A 1 175 ? -1.451  -11.725 -3.247  1.00 51.78  ? 196 GLY A O   1 
ATOM 1327 N N   . LEU A 1 176 ? -3.635  -11.454 -2.805  1.00 70.05  ? 197 LEU A N   1 
ATOM 1328 C CA  . LEU A 1 176 ? -3.999  -11.392 -4.204  1.00 70.05  ? 197 LEU A CA  1 
ATOM 1329 C C   . LEU A 1 176 ? -3.316  -10.204 -4.845  1.00 70.05  ? 197 LEU A C   1 
ATOM 1330 O O   . LEU A 1 176 ? -2.588  -10.363 -5.820  1.00 70.05  ? 197 LEU A O   1 
ATOM 1331 C CB  . LEU A 1 176 ? -5.508  -11.254 -4.354  1.00 53.44  ? 197 LEU A CB  1 
ATOM 1332 C CG  . LEU A 1 176 ? -6.332  -12.445 -3.852  1.00 53.44  ? 197 LEU A CG  1 
ATOM 1333 C CD1 . LEU A 1 176 ? -7.825  -12.084 -3.835  1.00 53.44  ? 197 LEU A CD1 1 
ATOM 1334 C CD2 . LEU A 1 176 ? -6.043  -13.663 -4.728  1.00 53.44  ? 197 LEU A CD2 1 
ATOM 1335 N N   . ILE A 1 177 ? -3.527  -9.012  -4.289  1.00 56.99  ? 198 ILE A N   1 
ATOM 1336 C CA  . ILE A 1 177 ? -2.923  -7.814  -4.873  1.00 56.99  ? 198 ILE A CA  1 
ATOM 1337 C C   . ILE A 1 177 ? -1.418  -7.942  -5.071  1.00 56.99  ? 198 ILE A C   1 
ATOM 1338 O O   . ILE A 1 177 ? -0.834  -7.202  -5.863  1.00 56.99  ? 198 ILE A O   1 
ATOM 1339 C CB  . ILE A 1 177 ? -3.230  -6.539  -4.049  1.00 77.68  ? 198 ILE A CB  1 
ATOM 1340 C CG1 . ILE A 1 177 ? -2.588  -6.607  -2.676  1.00 77.68  ? 198 ILE A CG1 1 
ATOM 1341 C CG2 . ILE A 1 177 ? -4.707  -6.408  -3.847  1.00 77.68  ? 198 ILE A CG2 1 
ATOM 1342 C CD1 . ILE A 1 177 ? -2.854  -5.372  -1.828  1.00 77.68  ? 198 ILE A CD1 1 
ATOM 1343 N N   . CYS A 1 178 ? -0.790  -8.878  -4.361  1.00 56.53  ? 199 CYS A N   1 
ATOM 1344 C CA  . CYS A 1 178 ? 0.645   -9.079  -4.523  1.00 56.53  ? 199 CYS A CA  1 
ATOM 1345 C C   . CYS A 1 178 ? 0.920   -10.057 -5.634  1.00 56.53  ? 199 CYS A C   1 
ATOM 1346 O O   . CYS A 1 178 ? 1.995   -10.033 -6.231  1.00 56.53  ? 199 CYS A O   1 
ATOM 1347 C CB  . CYS A 1 178 ? 1.309   -9.624  -3.267  1.00 54.80  ? 199 CYS A CB  1 
ATOM 1348 S SG  . CYS A 1 178 ? 3.041   -10.046 -3.624  1.00 54.80  ? 199 CYS A SG  1 
ATOM 1349 N N   . ALA A 1 179 ? -0.041  -10.938 -5.884  1.00 73.04  ? 200 ALA A N   1 
ATOM 1350 C CA  . ALA A 1 179 ? 0.090   -11.927 -6.940  1.00 73.04  ? 200 ALA A CA  1 
ATOM 1351 C C   . ALA A 1 179 ? -0.051  -11.222 -8.287  1.00 73.04  ? 200 ALA A C   1 
ATOM 1352 O O   . ALA A 1 179 ? 0.868   -11.251 -9.110  1.00 73.04  ? 200 ALA A O   1 
ATOM 1353 C CB  . ALA A 1 179 ? -0.977  -12.990 -6.790  1.00 76.74  ? 200 ALA A CB  1 
ATOM 1354 N N   . GLY A 1 180 ? -1.200  -10.579 -8.492  1.00 76.58  ? 201 GLY A N   1 
ATOM 1355 C CA  . GLY A 1 180 ? -1.450  -9.864  -9.730  1.00 76.58  ? 201 GLY A CA  1 
ATOM 1356 C C   . GLY A 1 180 ? -0.377  -8.842  -10.079 1.00 76.58  ? 201 GLY A C   1 
ATOM 1357 O O   . GLY A 1 180 ? -0.095  -8.592  -11.250 1.00 76.58  ? 201 GLY A O   1 
ATOM 1358 N N   . GLY A 1 181 ? 0.222   -8.241  -9.059  1.00 50.11  ? 202 GLY A N   1 
ATOM 1359 C CA  . GLY A 1 181 ? 1.256   -7.254  -9.294  1.00 50.11  ? 202 GLY A CA  1 
ATOM 1360 C C   . GLY A 1 181 ? 2.567   -7.940  -9.570  1.00 50.11  ? 202 GLY A C   1 
ATOM 1361 O O   . GLY A 1 181 ? 3.429   -7.408  -10.262 1.00 50.11  ? 202 GLY A O   1 
ATOM 1362 N N   . LEU A 1 182 ? 2.717   -9.132  -9.011  1.00 71.57  ? 203 LEU A N   1 
ATOM 1363 C CA  . LEU A 1 182 ? 3.926   -9.906  -9.221  1.00 71.57  ? 203 LEU A CA  1 
ATOM 1364 C C   . LEU A 1 182 ? 3.853   -10.511 -10.618 1.00 71.57  ? 203 LEU A C   1 
ATOM 1365 O O   . LEU A 1 182 ? 4.880   -10.782 -11.253 1.00 71.57  ? 203 LEU A O   1 
ATOM 1366 C CB  . LEU A 1 182 ? 4.042   -11.027 -8.195  1.00 59.12  ? 203 LEU A CB  1 
ATOM 1367 C CG  . LEU A 1 182 ? 5.438   -11.648 -8.167  1.00 59.12  ? 203 LEU A CG  1 
ATOM 1368 C CD1 . LEU A 1 182 ? 6.505   -10.607 -7.792  1.00 59.12  ? 203 LEU A CD1 1 
ATOM 1369 C CD2 . LEU A 1 182 ? 5.527   -12.810 -7.161  1.00 59.12  ? 203 LEU A CD2 1 
ATOM 1370 N N   . LEU A 1 183 ? 2.633   -10.750 -11.082 1.00 83.37  ? 204 LEU A N   1 
ATOM 1371 C CA  . LEU A 1 183 ? 2.409   -11.318 -12.410 1.00 83.37  ? 204 LEU A CA  1 
ATOM 1372 C C   . LEU A 1 183 ? 2.549   -10.265 -13.497 1.00 83.37  ? 204 LEU A C   1 
ATOM 1373 O O   . LEU A 1 183 ? 3.291   -10.440 -14.470 1.00 83.37  ? 204 LEU A O   1 
ATOM 1374 C CB  . LEU A 1 183 ? 1.007   -11.950 -12.521 1.00 40.94  ? 204 LEU A CB  1 
ATOM 1375 C CG  . LEU A 1 183 ? 0.759   -13.183 -11.634 1.00 40.94  ? 204 LEU A CG  1 
ATOM 1376 C CD1 . LEU A 1 183 ? -0.663  -13.711 -11.843 1.00 40.94  ? 204 LEU A CD1 1 
ATOM 1377 C CD2 . LEU A 1 183 ? 1.745   -14.338 -11.911 1.00 40.94  ? 204 LEU A CD2 1 
ATOM 1378 N N   . THR A 1 184 ? 1.807   -9.178  -13.344 1.00 90.90  ? 205 THR A N   1 
ATOM 1379 C CA  . THR A 1 184 ? 1.828   -8.096  -14.332 1.00 90.90  ? 205 THR A CA  1 
ATOM 1380 C C   . THR A 1 184 ? 3.265   -7.591  -14.554 1.00 90.90  ? 205 THR A C   1 
ATOM 1381 O O   . THR A 1 184 ? 3.573   -6.941  -15.557 1.00 90.90  ? 205 THR A O   1 
ATOM 1382 C CB  . THR A 1 184 ? 0.936   -6.926  -13.900 1.00 96.41  ? 205 THR A CB  1 
ATOM 1383 O OG1 . THR A 1 184 ? 1.356   -6.443  -12.629 1.00 96.41  ? 205 THR A OG1 1 
ATOM 1384 C CG2 . THR A 1 184 ? -0.506  -7.349  -13.782 1.00 96.41  ? 205 THR A CG2 1 
ATOM 1385 N N   . THR A 1 185 ? 4.136   -7.885  -13.599 1.00 105.18 ? 206 THR A N   1 
ATOM 1386 C CA  . THR A 1 185 ? 5.537   -7.486  -13.708 1.00 105.18 ? 206 THR A CA  1 
ATOM 1387 C C   . THR A 1 185 ? 6.324   -8.519  -14.520 1.00 105.18 ? 206 THR A C   1 
ATOM 1388 O O   . THR A 1 185 ? 7.092   -8.163  -15.415 1.00 105.18 ? 206 THR A O   1 
ATOM 1389 C CB  . THR A 1 185 ? 6.194   -7.331  -12.323 1.00 57.47  ? 206 THR A CB  1 
ATOM 1390 O OG1 . THR A 1 185 ? 5.527   -6.299  -11.592 1.00 57.47  ? 206 THR A OG1 1 
ATOM 1391 C CG2 . THR A 1 185 ? 7.663   -6.949  -12.439 1.00 57.47  ? 206 THR A CG2 1 
ATOM 1392 N N   . ILE A 1 186 ? 6.162   -9.797  -14.184 1.00 105.18 ? 207 ILE A N   1 
ATOM 1393 C CA  . ILE A 1 186 ? 6.853   -10.861 -14.906 1.00 105.18 ? 207 ILE A CA  1 
ATOM 1394 C C   . ILE A 1 186 ? 6.303   -10.877 -16.333 1.00 105.18 ? 207 ILE A C   1 
ATOM 1395 O O   . ILE A 1 186 ? 6.946   -11.385 -17.250 1.00 105.18 ? 207 ILE A O   1 
ATOM 1396 C CB  . ILE A 1 186 ? 6.627   -12.237 -14.220 1.00 24.04  ? 207 ILE A CB  1 
ATOM 1397 N N   . GLU A 1 187 ? 5.108   -10.318 -16.526 1.00 83.83  ? 208 GLU A N   1 
ATOM 1398 C CA  . GLU A 1 187 ? 4.510   -10.273 -17.863 1.00 83.83  ? 208 GLU A CA  1 
ATOM 1399 C C   . GLU A 1 187 ? 5.337   -9.346  -18.738 1.00 83.83  ? 208 GLU A C   1 
ATOM 1400 O O   . GLU A 1 187 ? 5.988   -9.775  -19.683 1.00 83.83  ? 208 GLU A O   1 
ATOM 1401 C CB  . GLU A 1 187 ? 3.070   -9.740  -17.836 1.00 101.32 ? 208 GLU A CB  1 
ATOM 1402 C CG  . GLU A 1 187 ? 2.397   -9.766  -19.222 1.00 101.32 ? 208 GLU A CG  1 
ATOM 1403 C CD  . GLU A 1 187 ? 1.130   -8.955  -19.303 1.00 101.32 ? 208 GLU A CD  1 
ATOM 1404 O OE1 . GLU A 1 187 ? 1.206   -7.710  -19.179 1.00 101.32 ? 208 GLU A OE1 1 
ATOM 1405 O OE2 . GLU A 1 187 ? 0.036   -9.538  -19.496 1.00 101.32 ? 208 GLU A OE2 1 
ATOM 1406 N N   . THR A 1 188 ? 5.290   -8.061  -18.413 1.00 105.18 ? 209 THR A N   1 
ATOM 1407 C CA  . THR A 1 188 ? 6.027   -7.046  -19.149 1.00 105.18 ? 209 THR A CA  1 
ATOM 1408 C C   . THR A 1 188 ? 7.506   -7.382  -19.370 1.00 105.18 ? 209 THR A C   1 
ATOM 1409 O O   . THR A 1 188 ? 8.092   -6.965  -20.368 1.00 105.18 ? 209 THR A O   1 
ATOM 1410 C CB  . THR A 1 188 ? 5.879   -5.698  -18.453 1.00 55.63  ? 209 THR A CB  1 
ATOM 1411 O OG1 . THR A 1 188 ? 6.254   -5.824  -17.078 1.00 55.63  ? 209 THR A OG1 1 
ATOM 1412 C CG2 . THR A 1 188 ? 4.417   -5.231  -18.534 1.00 55.63  ? 209 THR A CG2 1 
ATOM 1413 N N   . ASP A 1 189 ? 8.105   -8.136  -18.453 1.00 104.99 ? 210 ASP A N   1 
ATOM 1414 C CA  . ASP A 1 189 ? 9.507   -8.527  -18.589 1.00 104.99 ? 210 ASP A CA  1 
ATOM 1415 C C   . ASP A 1 189 ? 9.627   -10.051 -18.614 1.00 104.99 ? 210 ASP A C   1 
ATOM 1416 O O   . ASP A 1 189 ? 10.227  -10.657 -17.722 1.00 104.99 ? 210 ASP A O   1 
ATOM 1417 C CB  . ASP A 1 189 ? 10.313  -7.956  -17.446 1.00 56.37  ? 210 ASP A CB  1 
ATOM 1418 N N   . ASN A 1 190 ? 9.052   -10.662 -19.650 1.00 105.18 ? 211 ASN A N   1 
ATOM 1419 C CA  . ASN A 1 190 ? 9.058   -12.126 -19.810 1.00 105.18 ? 211 ASN A CA  1 
ATOM 1420 C C   . ASN A 1 190 ? 10.390  -12.807 -20.163 1.00 105.18 ? 211 ASN A C   1 
ATOM 1421 O O   . ASN A 1 190 ? 11.000  -12.525 -21.192 1.00 105.18 ? 211 ASN A O   1 
ATOM 1422 C CB  . ASN A 1 190 ? 8.026   -12.547 -20.860 1.00 104.14 ? 211 ASN A CB  1 
ATOM 1423 C CG  . ASN A 1 190 ? 6.598   -12.490 -20.348 1.00 104.14 ? 211 ASN A CG  1 
ATOM 1424 O OD1 . ASN A 1 190 ? 5.730   -11.867 -20.963 1.00 104.14 ? 211 ASN A OD1 1 
ATOM 1425 N ND2 . ASN A 1 190 ? 6.338   -13.164 -19.229 1.00 104.14 ? 211 ASN A ND2 1 
ATOM 1426 N N   . THR A 1 191 ? 10.790  -13.738 -19.301 1.00 105.18 ? 212 THR A N   1 
ATOM 1427 C CA  . THR A 1 191 ? 11.992  -14.544 -19.466 1.00 105.18 ? 212 THR A CA  1 
ATOM 1428 C C   . THR A 1 191 ? 11.434  -15.957 -19.682 1.00 105.18 ? 212 THR A C   1 
ATOM 1429 O O   . THR A 1 191 ? 12.019  -16.796 -20.381 1.00 105.18 ? 212 THR A O   1 
ATOM 1430 C CB  . THR A 1 191 ? 12.857  -14.484 -18.202 1.00 69.83  ? 212 THR A CB  1 
ATOM 1431 N N   . ASN A 1 192 ? 10.270  -16.176 -19.071 1.00 104.18 ? 213 ASN A N   1 
ATOM 1432 C CA  . ASN A 1 192 ? 9.490   -17.425 -19.092 1.00 104.18 ? 213 ASN A CA  1 
ATOM 1433 C C   . ASN A 1 192 ? 8.048   -16.974 -19.318 1.00 104.18 ? 213 ASN A C   1 
ATOM 1434 O O   . ASN A 1 192 ? 7.735   -15.808 -19.119 1.00 104.18 ? 213 ASN A O   1 
ATOM 1435 C CB  . ASN A 1 192 ? 9.612   -18.121 -17.726 1.00 95.86  ? 213 ASN A CB  1 
ATOM 1436 C CG  . ASN A 1 192 ? 8.582   -19.226 -17.521 1.00 95.86  ? 213 ASN A CG  1 
ATOM 1437 O OD1 . ASN A 1 192 ? 7.411   -19.054 -17.839 1.00 95.86  ? 213 ASN A OD1 1 
ATOM 1438 N ND2 . ASN A 1 192 ? 9.006   -20.349 -16.952 1.00 95.86  ? 213 ASN A ND2 1 
ATOM 1439 N N   . CYS A 1 193 ? 7.171   -17.870 -19.761 1.00 105.18 ? 214 CYS A N   1 
ATOM 1440 C CA  . CYS A 1 193 ? 5.763   -17.505 -19.979 1.00 105.18 ? 214 CYS A CA  1 
ATOM 1441 C C   . CYS A 1 193 ? 5.104   -17.325 -18.604 1.00 105.18 ? 214 CYS A C   1 
ATOM 1442 O O   . CYS A 1 193 ? 5.796   -17.228 -17.597 1.00 105.18 ? 214 CYS A O   1 
ATOM 1443 C CB  . CYS A 1 193 ? 5.049   -18.604 -20.769 1.00 51.31  ? 214 CYS A CB  1 
ATOM 1444 N N   . ARG A 1 194 ? 3.777   -17.310 -18.554 1.00 92.75  ? 215 ARG A N   1 
ATOM 1445 C CA  . ARG A 1 194 ? 3.096   -17.148 -17.283 1.00 92.75  ? 215 ARG A CA  1 
ATOM 1446 C C   . ARG A 1 194 ? 2.409   -18.407 -16.703 1.00 92.75  ? 215 ARG A C   1 
ATOM 1447 O O   . ARG A 1 194 ? 1.290   -18.315 -16.158 1.00 92.75  ? 215 ARG A O   1 
ATOM 1448 C CB  . ARG A 1 194 ? 2.076   -16.031 -17.386 1.00 43.75  ? 215 ARG A CB  1 
ATOM 1449 C CG  . ARG A 1 194 ? 2.677   -14.676 -17.720 1.00 43.75  ? 215 ARG A CG  1 
ATOM 1450 C CD  . ARG A 1 194 ? 1.576   -13.748 -18.229 1.00 43.75  ? 215 ARG A CD  1 
ATOM 1451 N NE  . ARG A 1 194 ? 0.389   -13.870 -17.399 1.00 43.75  ? 215 ARG A NE  1 
ATOM 1452 C CZ  . ARG A 1 194 ? -0.770  -13.290 -17.663 1.00 43.75  ? 215 ARG A CZ  1 
ATOM 1453 N NH1 . ARG A 1 194 ? -0.898  -12.539 -18.756 1.00 43.75  ? 215 ARG A NH1 1 
ATOM 1454 N NH2 . ARG A 1 194 ? -1.799  -13.499 -16.840 1.00 43.75  ? 215 ARG A NH2 1 
ATOM 1455 N N   . PRO A 1 195 ? 3.071   -19.595 -16.782 1.00 101.76 ? 216 PRO A N   1 
ATOM 1456 C CA  . PRO A 1 195 ? 2.453   -20.807 -16.232 1.00 101.76 ? 216 PRO A CA  1 
ATOM 1457 C C   . PRO A 1 195 ? 2.251   -20.675 -14.727 1.00 101.76 ? 216 PRO A C   1 
ATOM 1458 O O   . PRO A 1 195 ? 1.673   -21.561 -14.101 1.00 101.76 ? 216 PRO A O   1 
ATOM 1459 C CB  . PRO A 1 195 ? 3.498   -21.888 -16.521 1.00 63.96  ? 216 PRO A CB  1 
ATOM 1460 C CG  . PRO A 1 195 ? 4.207   -21.381 -17.735 1.00 63.96  ? 216 PRO A CG  1 
ATOM 1461 C CD  . PRO A 1 195 ? 4.417   -19.933 -17.296 1.00 63.96  ? 216 PRO A CD  1 
ATOM 1462 N N   . TRP A 1 196 ? 2.759   -19.590 -14.142 1.00 78.04  ? 217 TRP A N   1 
ATOM 1463 C CA  . TRP A 1 196 ? 2.646   -19.426 -12.699 1.00 78.04  ? 217 TRP A CA  1 
ATOM 1464 C C   . TRP A 1 196 ? 1.226   -19.102 -12.260 1.00 78.04  ? 217 TRP A C   1 
ATOM 1465 O O   . TRP A 1 196 ? 0.938   -19.099 -11.062 1.00 78.04  ? 217 TRP A O   1 
ATOM 1466 C CB  . TRP A 1 196 ? 3.584   -18.334 -12.147 1.00 79.55  ? 217 TRP A CB  1 
ATOM 1467 C CG  . TRP A 1 196 ? 4.747   -17.922 -12.994 1.00 79.55  ? 217 TRP A CG  1 
ATOM 1468 C CD1 . TRP A 1 196 ? 4.728   -17.018 -14.016 1.00 79.55  ? 217 TRP A CD1 1 
ATOM 1469 C CD2 . TRP A 1 196 ? 6.120   -18.339 -12.864 1.00 79.55  ? 217 TRP A CD2 1 
ATOM 1470 N NE1 . TRP A 1 196 ? 5.993   -16.840 -14.520 1.00 79.55  ? 217 TRP A NE1 1 
ATOM 1471 C CE2 . TRP A 1 196 ? 6.866   -17.642 -13.832 1.00 79.55  ? 217 TRP A CE2 1 
ATOM 1472 C CE3 . TRP A 1 196 ? 6.775   -19.240 -12.011 1.00 79.55  ? 217 TRP A CE3 1 
ATOM 1473 C CZ2 . TRP A 1 196 ? 8.254   -17.805 -13.986 1.00 79.55  ? 217 TRP A CZ2 1 
ATOM 1474 C CZ3 . TRP A 1 196 ? 8.163   -19.405 -12.162 1.00 79.55  ? 217 TRP A CZ3 1 
ATOM 1475 C CH2 . TRP A 1 196 ? 8.882   -18.689 -13.143 1.00 79.55  ? 217 TRP A CH2 1 
ATOM 1476 N N   . THR A 1 197 ? 0.343   -18.824 -13.221 1.00 77.26  ? 218 THR A N   1 
ATOM 1477 C CA  . THR A 1 197 ? -1.055  -18.501 -12.909 1.00 77.26  ? 218 THR A CA  1 
ATOM 1478 C C   . THR A 1 197 ? -1.703  -19.675 -12.205 1.00 77.26  ? 218 THR A C   1 
ATOM 1479 O O   . THR A 1 197 ? -2.683  -19.517 -11.477 1.00 77.26  ? 218 THR A O   1 
ATOM 1480 C CB  . THR A 1 197 ? -1.829  -18.176 -14.167 1.00 43.99  ? 218 THR A CB  1 
ATOM 1481 N N   . CYS A 1 198 ? -1.153  -20.859 -12.441 1.00 102.31 ? 219 CYS A N   1 
ATOM 1482 C CA  . CYS A 1 198 ? -1.651  -22.068 -11.813 1.00 102.31 ? 219 CYS A CA  1 
ATOM 1483 C C   . CYS A 1 198 ? -0.821  -22.305 -10.553 1.00 102.31 ? 219 CYS A C   1 
ATOM 1484 O O   . CYS A 1 198 ? -1.356  -22.629 -9.491  1.00 102.31 ? 219 CYS A O   1 
ATOM 1485 C CB  . CYS A 1 198 ? -1.524  -23.253 -12.774 1.00 44.48  ? 219 CYS A CB  1 
ATOM 1486 N N   . TYR A 1 199 ? 0.490   -22.114 -10.676 1.00 94.97  ? 220 TYR A N   1 
ATOM 1487 C CA  . TYR A 1 199 ? 1.424   -22.307 -9.566  1.00 94.97  ? 220 TYR A CA  1 
ATOM 1488 C C   . TYR A 1 199 ? 1.011   -21.485 -8.338  1.00 94.97  ? 220 TYR A C   1 
ATOM 1489 O O   . TYR A 1 199 ? 1.035   -21.992 -7.220  1.00 94.97  ? 220 TYR A O   1 
ATOM 1490 C CB  . TYR A 1 199 ? 2.835   -21.902 -10.005 1.00 105.18 ? 220 TYR A CB  1 
ATOM 1491 C CG  . TYR A 1 199 ? 3.956   -22.758 -9.454  1.00 105.18 ? 220 TYR A CG  1 
ATOM 1492 C CD1 . TYR A 1 199 ? 4.375   -23.913 -10.117 1.00 105.18 ? 220 TYR A CD1 1 
ATOM 1493 C CD2 . TYR A 1 199 ? 4.602   -22.413 -8.272  1.00 105.18 ? 220 TYR A CD2 1 
ATOM 1494 C CE1 . TYR A 1 199 ? 5.422   -24.698 -9.618  1.00 105.18 ? 220 TYR A CE1 1 
ATOM 1495 C CE2 . TYR A 1 199 ? 5.643   -23.188 -7.767  1.00 105.18 ? 220 TYR A CE2 1 
ATOM 1496 C CZ  . TYR A 1 199 ? 6.050   -24.325 -8.446  1.00 105.18 ? 220 TYR A CZ  1 
ATOM 1497 O OH  . TYR A 1 199 ? 7.098   -25.078 -7.962  1.00 105.18 ? 220 TYR A OH  1 
ATOM 1498 N N   . LEU A 1 200 ? 0.660   -20.214 -8.541  1.00 98.59  ? 221 LEU A N   1 
ATOM 1499 C CA  . LEU A 1 200 ? 0.230   -19.352 -7.430  1.00 98.59  ? 221 LEU A CA  1 
ATOM 1500 C C   . LEU A 1 200 ? -1.139  -19.792 -6.937  1.00 98.59  ? 221 LEU A C   1 
ATOM 1501 O O   . LEU A 1 200 ? -1.438  -19.707 -5.749  1.00 98.59  ? 221 LEU A O   1 
ATOM 1502 C CB  . LEU A 1 200 ? 0.144   -17.878 -7.854  1.00 53.63  ? 221 LEU A CB  1 
ATOM 1503 C CG  . LEU A 1 200 ? 1.390   -16.991 -7.978  1.00 53.63  ? 221 LEU A CG  1 
ATOM 1504 C CD1 . LEU A 1 200 ? 0.992   -15.647 -8.585  1.00 53.63  ? 221 LEU A CD1 1 
ATOM 1505 C CD2 . LEU A 1 200 ? 2.035   -16.790 -6.606  1.00 53.63  ? 221 LEU A CD2 1 
ATOM 1506 N N   . GLU A 1 201 ? -1.963  -20.261 -7.865  1.00 72.39  ? 222 GLU A N   1 
ATOM 1507 C CA  . GLU A 1 201 ? -3.312  -20.719 -7.556  1.00 72.39  ? 222 GLU A CA  1 
ATOM 1508 C C   . GLU A 1 201 ? -3.415  -21.661 -6.339  1.00 72.39  ? 222 GLU A C   1 
ATOM 1509 O O   . GLU A 1 201 ? -4.514  -21.915 -5.838  1.00 72.39  ? 222 GLU A O   1 
ATOM 1510 C CB  . GLU A 1 201 ? -3.917  -21.389 -8.800  1.00 30.19  ? 222 GLU A CB  1 
ATOM 1511 N N   . ASP A 1 202 ? -2.280  -22.171 -5.864  1.00 104.40 ? 223 ASP A N   1 
ATOM 1512 C CA  . ASP A 1 202 ? -2.267  -23.079 -4.716  1.00 104.40 ? 223 ASP A CA  1 
ATOM 1513 C C   . ASP A 1 202 ? -1.864  -22.377 -3.427  1.00 104.40 ? 223 ASP A C   1 
ATOM 1514 O O   . ASP A 1 202 ? -2.246  -22.784 -2.331  1.00 104.40 ? 223 ASP A O   1 
ATOM 1515 C CB  . ASP A 1 202 ? -1.287  -24.231 -4.944  1.00 105.18 ? 223 ASP A CB  1 
ATOM 1516 C CG  . ASP A 1 202 ? -1.634  -25.065 -6.151  1.00 105.18 ? 223 ASP A CG  1 
ATOM 1517 O OD1 . ASP A 1 202 ? -1.577  -24.528 -7.279  1.00 105.18 ? 223 ASP A OD1 1 
ATOM 1518 O OD2 . ASP A 1 202 ? -1.961  -26.257 -5.968  1.00 105.18 ? 223 ASP A OD2 1 
ATOM 1519 N N   . LEU A 1 203 ? -1.064  -21.333 -3.563  1.00 83.82  ? 224 LEU A N   1 
ATOM 1520 C CA  . LEU A 1 203 ? -0.593  -20.591 -2.410  1.00 83.82  ? 224 LEU A CA  1 
ATOM 1521 C C   . LEU A 1 203 ? -1.753  -19.774 -1.852  1.00 83.82  ? 224 LEU A C   1 
ATOM 1522 O O   . LEU A 1 203 ? -2.177  -19.966 -0.715  1.00 83.82  ? 224 LEU A O   1 
ATOM 1523 C CB  . LEU A 1 203 ? 0.567   -19.699 -2.854  1.00 77.69  ? 224 LEU A CB  1 
ATOM 1524 C CG  . LEU A 1 203 ? 1.603   -20.542 -3.608  1.00 77.69  ? 224 LEU A CG  1 
ATOM 1525 C CD1 . LEU A 1 203 ? 2.678   -19.669 -4.225  1.00 77.69  ? 224 LEU A CD1 1 
ATOM 1526 C CD2 . LEU A 1 203 ? 2.196   -21.557 -2.645  1.00 77.69  ? 224 LEU A CD2 1 
ATOM 1527 N N   . SER A 1 204 ? -2.276  -18.879 -2.677  1.00 102.77 ? 225 SER A N   1 
ATOM 1528 C CA  . SER A 1 204 ? -3.382  -18.026 -2.285  1.00 102.77 ? 225 SER A CA  1 
ATOM 1529 C C   . SER A 1 204 ? -4.714  -18.754 -2.517  1.00 102.77 ? 225 SER A C   1 
ATOM 1530 O O   . SER A 1 204 ? -5.793  -18.209 -2.261  1.00 102.77 ? 225 SER A O   1 
ATOM 1531 C CB  . SER A 1 204 ? -3.315  -16.715 -3.088  1.00 34.83  ? 225 SER A CB  1 
ATOM 1532 N N   . SER A 1 205 ? -4.615  -19.993 -2.989  1.00 105.07 ? 226 SER A N   1 
ATOM 1533 C CA  . SER A 1 205 ? -5.772  -20.839 -3.281  1.00 105.07 ? 226 SER A CA  1 
ATOM 1534 C C   . SER A 1 205 ? -6.885  -20.119 -4.058  1.00 105.07 ? 226 SER A C   1 
ATOM 1535 O O   . SER A 1 205 ? -7.667  -19.361 -3.478  1.00 105.07 ? 226 SER A O   1 
ATOM 1536 C CB  . SER A 1 205 ? -6.334  -21.435 -1.980  1.00 53.20  ? 226 SER A CB  1 
ATOM 1537 O OG  . SER A 1 205 ? -5.376  -22.253 -1.325  1.00 53.20  ? 226 SER A OG  1 
ATOM 1538 N N   . ILE A 1 206 ? -6.941  -20.377 -5.367  1.00 95.20  ? 227 ILE A N   1 
ATOM 1539 C CA  . ILE A 1 206 ? -7.930  -19.801 -6.295  1.00 95.20  ? 227 ILE A CA  1 
ATOM 1540 C C   . ILE A 1 206 ? -7.340  -19.900 -7.700  1.00 95.20  ? 227 ILE A C   1 
ATOM 1541 O O   . ILE A 1 206 ? -6.130  -20.027 -7.844  1.00 95.20  ? 227 ILE A O   1 
ATOM 1542 C CB  . ILE A 1 206 ? -8.215  -18.341 -5.949  1.00 105.18 ? 227 ILE A CB  1 
ATOM 1543 N N   . LEU A 1 207 ? -8.172  -19.846 -8.736  1.00 77.67  ? 228 LEU A N   1 
ATOM 1544 C CA  . LEU A 1 207 ? -7.644  -19.937 -10.099 1.00 77.67  ? 228 LEU A CA  1 
ATOM 1545 C C   . LEU A 1 207 ? -8.243  -18.906 -11.045 1.00 77.67  ? 228 LEU A C   1 
ATOM 1546 O O   . LEU A 1 207 ? -7.516  -18.255 -11.795 1.00 77.67  ? 228 LEU A O   1 
ATOM 1547 C CB  . LEU A 1 207 ? -7.857  -21.343 -10.672 1.00 89.25  ? 228 LEU A CB  1 
ATOM 1548 C CG  . LEU A 1 207 ? -7.365  -21.561 -12.108 1.00 89.25  ? 228 LEU A CG  1 
ATOM 1549 C CD1 . LEU A 1 207 ? -5.895  -21.176 -12.228 1.00 89.25  ? 228 LEU A CD1 1 
ATOM 1550 C CD2 . LEU A 1 207 ? -7.576  -23.017 -12.502 1.00 89.25  ? 228 LEU A CD2 1 
ATOM 1551 N N   . ASN A 1 208 ? -9.566  -18.775 -11.029 1.00 96.48  ? 229 ASN A N   1 
ATOM 1552 C CA  . ASN A 1 208 ? -10.243 -17.800 -11.877 1.00 96.48  ? 229 ASN A CA  1 
ATOM 1553 C C   . ASN A 1 208 ? -10.317 -16.501 -11.079 1.00 96.48  ? 229 ASN A C   1 
ATOM 1554 O O   . ASN A 1 208 ? -10.512 -15.416 -11.634 1.00 96.48  ? 229 ASN A O   1 
ATOM 1555 C CB  . ASN A 1 208 ? -11.643 -18.289 -12.237 1.00 56.47  ? 229 ASN A CB  1 
ATOM 1556 N N   . PHE A 1 209 ? -10.144 -16.634 -9.764  1.00 104.70 ? 230 PHE A N   1 
ATOM 1557 C CA  . PHE A 1 209 ? -10.171 -15.500 -8.842  1.00 104.70 ? 230 PHE A CA  1 
ATOM 1558 C C   . PHE A 1 209 ? -8.791  -14.849 -8.737  1.00 104.70 ? 230 PHE A C   1 
ATOM 1559 O O   . PHE A 1 209 ? -8.683  -13.695 -8.341  1.00 104.70 ? 230 PHE A O   1 
ATOM 1560 C CB  . PHE A 1 209 ? -10.652 -15.958 -7.452  1.00 57.57  ? 230 PHE A CB  1 
ATOM 1561 N N   . SER A 1 210 ? -7.743  -15.596 -9.085  1.00 59.80  ? 231 SER A N   1 
ATOM 1562 C CA  . SER A 1 210 ? -6.372  -15.081 -9.044  1.00 59.80  ? 231 SER A CA  1 
ATOM 1563 C C   . SER A 1 210 ? -6.014  -14.389 -10.358 1.00 59.80  ? 231 SER A C   1 
ATOM 1564 O O   . SER A 1 210 ? -4.910  -13.874 -10.518 1.00 59.80  ? 231 SER A O   1 
ATOM 1565 C CB  . SER A 1 210 ? -5.367  -16.217 -8.758  1.00 18.65  ? 231 SER A CB  1 
ATOM 1566 N N   . THR A 1 211 ? -6.954  -14.383 -11.298 1.00 104.83 ? 232 THR A N   1 
ATOM 1567 C CA  . THR A 1 211 ? -6.741  -13.741 -12.590 1.00 104.83 ? 232 THR A CA  1 
ATOM 1568 C C   . THR A 1 211 ? -7.325  -12.347 -12.519 1.00 104.83 ? 232 THR A C   1 
ATOM 1569 O O   . THR A 1 211 ? -6.699  -11.378 -12.935 1.00 104.83 ? 232 THR A O   1 
ATOM 1570 C CB  . THR A 1 211 ? -7.423  -14.528 -13.696 1.00 77.40  ? 232 THR A CB  1 
ATOM 1571 N N   . ASN A 1 212 ? -8.535  -12.256 -11.983 1.00 98.27  ? 233 ASN A N   1 
ATOM 1572 C CA  . ASN A 1 212 ? -9.204  -10.975 -11.850 1.00 98.27  ? 233 ASN A CA  1 
ATOM 1573 C C   . ASN A 1 212 ? -8.312  -9.973  -11.117 1.00 98.27  ? 233 ASN A C   1 
ATOM 1574 O O   . ASN A 1 212 ? -8.296  -8.788  -11.449 1.00 98.27  ? 233 ASN A O   1 
ATOM 1575 C CB  . ASN A 1 212 ? -10.521 -11.155 -11.108 1.00 21.67  ? 233 ASN A CB  1 
ATOM 1576 N N   . THR A 1 213 ? -7.569  -10.448 -10.119 1.00 72.53  ? 234 THR A N   1 
ATOM 1577 C CA  . THR A 1 213 ? -6.679  -9.575  -9.358  1.00 72.53  ? 234 THR A CA  1 
ATOM 1578 C C   . THR A 1 213 ? -5.649  -8.980  -10.311 1.00 72.53  ? 234 THR A C   1 
ATOM 1579 O O   . THR A 1 213 ? -5.349  -7.797  -10.235 1.00 72.53  ? 234 THR A O   1 
ATOM 1580 C CB  . THR A 1 213 ? -5.988  -10.359 -8.251  1.00 71.49  ? 234 THR A CB  1 
ATOM 1581 N N   . VAL A 1 214 ? -5.121  -9.807  -11.214 1.00 49.95  ? 235 VAL A N   1 
ATOM 1582 C CA  . VAL A 1 214 ? -4.134  -9.361  -12.199 1.00 49.95  ? 235 VAL A CA  1 
ATOM 1583 C C   . VAL A 1 214 ? -4.726  -8.287  -13.084 1.00 49.95  ? 235 VAL A C   1 
ATOM 1584 O O   . VAL A 1 214 ? -4.092  -7.269  -13.352 1.00 49.95  ? 235 VAL A O   1 
ATOM 1585 C CB  . VAL A 1 214 ? -3.658  -10.520 -13.117 1.00 50.12  ? 235 VAL A CB  1 
ATOM 1586 C CG1 . VAL A 1 214 ? -2.716  -9.988  -14.198 1.00 50.12  ? 235 VAL A CG1 1 
ATOM 1587 C CG2 . VAL A 1 214 ? -2.960  -11.584 -12.293 1.00 50.12  ? 235 VAL A CG2 1 
ATOM 1588 N N   . ARG A 1 215 ? -5.949  -8.526  -13.547 1.00 85.91  ? 236 ARG A N   1 
ATOM 1589 C CA  . ARG A 1 215 ? -6.629  -7.573  -14.417 1.00 85.91  ? 236 ARG A CA  1 
ATOM 1590 C C   . ARG A 1 215 ? -6.906  -6.264  -13.676 1.00 85.91  ? 236 ARG A C   1 
ATOM 1591 O O   . ARG A 1 215 ? -6.935  -5.196  -14.279 1.00 85.91  ? 236 ARG A O   1 
ATOM 1592 C CB  . ARG A 1 215 ? -7.939  -8.183  -14.950 1.00 87.60  ? 236 ARG A CB  1 
ATOM 1593 N N   . THR A 1 216 ? -7.096  -6.353  -12.365 1.00 84.32  ? 237 THR A N   1 
ATOM 1594 C CA  . THR A 1 216 ? -7.369  -5.176  -11.556 1.00 84.32  ? 237 THR A CA  1 
ATOM 1595 C C   . THR A 1 216 ? -6.073  -4.438  -11.164 1.00 84.32  ? 237 THR A C   1 
ATOM 1596 O O   . THR A 1 216 ? -6.007  -3.207  -11.242 1.00 84.32  ? 237 THR A O   1 
ATOM 1597 C CB  . THR A 1 216 ? -8.173  -5.585  -10.320 1.00 46.00  ? 237 THR A CB  1 
ATOM 1598 N N   . VAL A 1 217 ? -5.045  -5.187  -10.760 1.00 79.92  ? 238 VAL A N   1 
ATOM 1599 C CA  . VAL A 1 217 ? -3.757  -4.598  -10.383 1.00 79.92  ? 238 VAL A CA  1 
ATOM 1600 C C   . VAL A 1 217 ? -3.209  -3.841  -11.588 1.00 79.92  ? 238 VAL A C   1 
ATOM 1601 O O   . VAL A 1 217 ? -3.049  -2.624  -11.534 1.00 79.92  ? 238 VAL A O   1 
ATOM 1602 C CB  . VAL A 1 217 ? -2.712  -5.685  -9.971  1.00 46.25  ? 238 VAL A CB  1 
ATOM 1603 C CG1 . VAL A 1 217 ? -1.419  -5.038  -9.519  1.00 46.25  ? 238 VAL A CG1 1 
ATOM 1604 C CG2 . VAL A 1 217 ? -3.256  -6.532  -8.857  1.00 46.25  ? 238 VAL A CG2 1 
ATOM 1605 N N   . LYS A 1 218 ? -2.938  -4.570  -12.674 1.00 61.29  ? 239 LYS A N   1 
ATOM 1606 C CA  . LYS A 1 218 ? -2.402  -3.984  -13.910 1.00 61.29  ? 239 LYS A CA  1 
ATOM 1607 C C   . LYS A 1 218 ? -3.262  -2.856  -14.483 1.00 61.29  ? 239 LYS A C   1 
ATOM 1608 O O   . LYS A 1 218 ? -2.732  -1.909  -15.059 1.00 61.29  ? 239 LYS A O   1 
ATOM 1609 C CB  . LYS A 1 218 ? -2.209  -5.071  -14.964 1.00 43.97  ? 239 LYS A CB  1 
ATOM 1610 N N   . ASP A 1 219 ? -4.579  -2.957  -14.332 1.00 69.87  ? 240 ASP A N   1 
ATOM 1611 C CA  . ASP A 1 219 ? -5.477  -1.922  -14.832 1.00 69.87  ? 240 ASP A CA  1 
ATOM 1612 C C   . ASP A 1 219 ? -5.336  -0.676  -13.960 1.00 69.87  ? 240 ASP A C   1 
ATOM 1613 O O   . ASP A 1 219 ? -5.328  0.454   -14.461 1.00 69.87  ? 240 ASP A O   1 
ATOM 1614 C CB  . ASP A 1 219 ? -6.912  -2.413  -14.809 1.00 57.10  ? 240 ASP A CB  1 
ATOM 1615 N N   . GLN A 1 220 ? -5.224  -0.897  -12.651 1.00 68.53  ? 241 GLN A N   1 
ATOM 1616 C CA  . GLN A 1 220 ? -5.066  0.183   -11.688 1.00 68.53  ? 241 GLN A CA  1 
ATOM 1617 C C   . GLN A 1 220 ? -3.716  0.872   -11.856 1.00 68.53  ? 241 GLN A C   1 
ATOM 1618 O O   . GLN A 1 220 ? -3.636  2.093   -11.823 1.00 68.53  ? 241 GLN A O   1 
ATOM 1619 C CB  . GLN A 1 220 ? -5.187  -0.360  -10.303 1.00 42.66  ? 241 GLN A CB  1 
ATOM 1620 N N   . VAL A 1 221 ? -2.657  0.088   -12.034 1.00 50.41  ? 242 VAL A N   1 
ATOM 1621 C CA  . VAL A 1 221 ? -1.313  0.637   -12.206 1.00 50.41  ? 242 VAL A CA  1 
ATOM 1622 C C   . VAL A 1 221 ? -1.238  1.567   -13.409 1.00 50.41  ? 242 VAL A C   1 
ATOM 1623 O O   . VAL A 1 221 ? -0.623  2.636   -13.355 1.00 50.41  ? 242 VAL A O   1 
ATOM 1624 C CB  . VAL A 1 221 ? -0.293  -0.486  -12.358 1.00 37.95  ? 242 VAL A CB  1 
ATOM 1625 N N   . SER A 1 222 ? -1.868  1.157   -14.498 1.00 72.32  ? 243 SER A N   1 
ATOM 1626 C CA  . SER A 1 222 ? -1.866  1.962   -15.703 1.00 72.32  ? 243 SER A CA  1 
ATOM 1627 C C   . SER A 1 222 ? -2.732  3.190   -15.498 1.00 72.32  ? 243 SER A C   1 
ATOM 1628 O O   . SER A 1 222 ? -3.118  3.832   -16.468 1.00 72.32  ? 243 SER A O   1 
ATOM 1629 C CB  . SER A 1 222 ? -2.425  1.166   -16.871 1.00 73.02  ? 243 SER A CB  1 
ATOM 1630 O OG  . SER A 1 222 ? -3.784  0.862   -16.634 1.00 73.02  ? 243 SER A OG  1 
ATOM 1631 N N   . GLU A 1 223 ? -3.046  3.510   -14.246 1.00 92.80  ? 244 GLU A N   1 
ATOM 1632 C CA  . GLU A 1 223 ? -3.880  4.674   -13.953 1.00 92.80  ? 244 GLU A CA  1 
ATOM 1633 C C   . GLU A 1 223 ? -3.202  5.708   -13.058 1.00 92.80  ? 244 GLU A C   1 
ATOM 1634 O O   . GLU A 1 223 ? -3.857  6.341   -12.232 1.00 92.80  ? 244 GLU A O   1 
ATOM 1635 C CB  . GLU A 1 223 ? -5.197  4.239   -13.310 1.00 101.77 ? 244 GLU A CB  1 
ATOM 1636 C CG  . GLU A 1 223 ? -6.088  3.373   -14.183 1.00 101.77 ? 244 GLU A CG  1 
ATOM 1637 C CD  . GLU A 1 223 ? -6.432  4.022   -15.513 1.00 101.77 ? 244 GLU A CD  1 
ATOM 1638 O OE1 . GLU A 1 223 ? -6.207  5.242   -15.671 1.00 101.77 ? 244 GLU A OE1 1 
ATOM 1639 O OE2 . GLU A 1 223 ? -6.947  3.312   -16.403 1.00 101.77 ? 244 GLU A OE2 1 
ATOM 1640 N N   . ALA A 1 224 ? -1.896  5.888   -13.230 1.00 84.85  ? 245 ALA A N   1 
ATOM 1641 C CA  . ALA A 1 224 ? -1.154  6.852   -12.430 1.00 84.85  ? 245 ALA A CA  1 
ATOM 1642 C C   . ALA A 1 224 ? -0.945  8.167   -13.179 1.00 84.85  ? 245 ALA A C   1 
ATOM 1643 O O   . ALA A 1 224 ? 0.126   8.401   -13.744 1.00 84.85  ? 245 ALA A O   1 
ATOM 1644 C CB  . ALA A 1 224 ? 0.213   6.257   -11.999 1.00 27.04  ? 245 ALA A CB  1 
ATOM 1645 N N   . PHE A 1 225 ? -1.969  9.020   -13.194 1.00 105.18 ? 246 PHE A N   1 
ATOM 1646 C CA  . PHE A 1 225 ? -1.861  10.325  -13.846 1.00 105.18 ? 246 PHE A CA  1 
ATOM 1647 C C   . PHE A 1 225 ? -1.433  11.314  -12.774 1.00 105.18 ? 246 PHE A C   1 
ATOM 1648 O O   . PHE A 1 225 ? -2.271  11.856  -12.052 1.00 105.18 ? 246 PHE A O   1 
ATOM 1649 C CB  . PHE A 1 225 ? -3.203  10.760  -14.450 1.00 53.95  ? 246 PHE A CB  1 
ATOM 1650 N N   . SER A 1 226 ? -0.125  11.528  -12.662 1.00 72.31  ? 247 SER A N   1 
ATOM 1651 C CA  . SER A 1 226 ? 0.421   12.454  -11.680 1.00 72.31  ? 247 SER A CA  1 
ATOM 1652 C C   . SER A 1 226 ? -0.237  13.808  -11.924 1.00 72.31  ? 247 SER A C   1 
ATOM 1653 O O   . SER A 1 226 ? -0.197  14.699  -11.068 1.00 72.31  ? 247 SER A O   1 
ATOM 1654 C CB  . SER A 1 226 ? 1.949   12.556  -11.844 1.00 48.50  ? 247 SER A CB  1 
ATOM 1655 O OG  . SER A 1 226 ? 2.577   13.302  -10.800 1.00 48.50  ? 247 SER A OG  1 
ATOM 1656 N N   . LEU A 1 227 ? -0.860  13.943  -13.096 1.00 66.26  ? 248 LEU A N   1 
ATOM 1657 C CA  . LEU A 1 227 ? -1.535  15.177  -13.488 1.00 66.26  ? 248 LEU A CA  1 
ATOM 1658 C C   . LEU A 1 227 ? -2.913  15.355  -12.843 1.00 66.26  ? 248 LEU A C   1 
ATOM 1659 O O   . LEU A 1 227 ? -3.716  16.187  -13.278 1.00 66.26  ? 248 LEU A O   1 
ATOM 1660 C CB  . LEU A 1 227 ? -1.654  15.234  -15.003 1.00 50.83  ? 248 LEU A CB  1 
ATOM 1661 N N   . TYR A 1 228 ? -3.178  14.576  -11.800 1.00 86.88  ? 249 TYR A N   1 
ATOM 1662 C CA  . TYR A 1 228 ? -4.446  14.655  -11.091 1.00 86.88  ? 249 TYR A CA  1 
ATOM 1663 C C   . TYR A 1 228 ? -4.236  15.353  -9.741  1.00 86.88  ? 249 TYR A C   1 
ATOM 1664 O O   . TYR A 1 228 ? -5.204  15.734  -9.076  1.00 86.88  ? 249 TYR A O   1 
ATOM 1665 C CB  . TYR A 1 228 ? -5.032  13.229  -10.891 1.00 29.33  ? 249 TYR A CB  1 
ATOM 1666 N N   . ASP A 1 229 ? -2.964  15.532  -9.362  1.00 82.52  ? 250 ASP A N   1 
ATOM 1667 C CA  . ASP A 1 229 ? -2.579  16.169  -8.090  1.00 82.52  ? 250 ASP A CA  1 
ATOM 1668 C C   . ASP A 1 229 ? -2.077  17.601  -8.276  1.00 82.52  ? 250 ASP A C   1 
ATOM 1669 O O   . ASP A 1 229 ? -2.059  18.072  -9.433  1.00 82.52  ? 250 ASP A O   1 
ATOM 1670 C CB  . ASP A 1 229 ? -1.488  15.317  -7.360  1.00 35.13  ? 250 ASP A CB  1 
ATOM 1671 O OXT . ASP A 1 229 ? -1.708  18.238  -7.259  1.00 82.52  ? 250 ASP A OXT 1 
# 
